data_4Y5X
#
_entry.id   4Y5X
#
_cell.length_a   239.540
_cell.length_b   239.540
_cell.length_c   132.569
_cell.angle_alpha   90.00
_cell.angle_beta   90.00
_cell.angle_gamma   90.00
#
_symmetry.space_group_name_H-M   'P 41 21 2'
#
loop_
_entity.id
_entity.type
_entity.pdbx_description
1 polymer 'diabody 310 VL domain'
2 polymer 'diabody 310 VH domain'
3 polymer 'Erythropoietin receptor'
4 non-polymer DI(HYDROXYETHYL)ETHER
5 non-polymer 'CITRATE ANION'
6 water water
#
loop_
_entity_poly.entity_id
_entity_poly.type
_entity_poly.pdbx_seq_one_letter_code
_entity_poly.pdbx_strand_id
1 'polypeptide(L)'
;HSAFAGSEVQLLESGGGLVQPGGSLRLSCAASGFTFSSYAMSWVRQAPGKGLEWVSAISGSGGSTYYADSVKGRFTISRD
NSKNTLYLQMNSLRAEDTAVYYCVKDRVAVAGKGSYYFDSWGRGTTVTVSSGGGGS
;
A,D,G,J
2 'polypeptide(L)'
;QSVLTQPPSVSEAPGQRVTIACSGSSSNIGNNAVSWYQQLPGKAPTLLIYYDNLLPSGVSDRFSGSKSGTSASLAISGLQ
SEDEADYYCAAWDDSLNDWVFGGGTKVTVLAAAGGG
;
B,E,H,K
3 'polypeptide(L)'
;FAGSADPKFESKAALLAARGPEELLCFTERLEDLVCFWEEAASAGVGPGQYSFSYQLEDEPWKLCRLHQAPTARGAVRFW
CSLPTADTSSFVPLELRVTAASGAPRYHRVIHINEVVLLDAPVGLVARLADESGHVVLRWLPPPETPMTSHIRYEVDVSA
GQGAGSVQRVEILEGRTECVLSNLRGRTRYTFAVRARMAEPSFGGFWSAWSEPVSLLTPSDLDKEKAAA
;
C,F,I,L
#
# COMPACT_ATOMS: atom_id res chain seq x y z
N GLU A 8 14.32 6.14 17.11
CA GLU A 8 13.59 5.27 18.02
C GLU A 8 12.08 5.44 17.82
N VAL A 9 11.68 6.61 17.32
CA VAL A 9 10.28 6.90 17.07
C VAL A 9 9.73 6.02 15.95
N GLN A 10 8.60 5.39 16.20
CA GLN A 10 7.98 4.52 15.22
C GLN A 10 6.51 4.88 15.01
N LEU A 11 6.11 5.03 13.75
CA LEU A 11 4.73 5.39 13.42
C LEU A 11 4.15 4.43 12.37
N LEU A 12 3.12 3.69 12.78
CA LEU A 12 2.50 2.68 11.90
C LEU A 12 1.10 3.06 11.46
N GLU A 13 0.95 3.33 10.17
CA GLU A 13 -0.35 3.68 9.61
C GLU A 13 -1.17 2.44 9.27
N SER A 14 -2.48 2.57 9.33
CA SER A 14 -3.40 1.47 9.01
C SER A 14 -4.75 1.98 8.52
N GLY A 15 -5.59 1.06 8.06
CA GLY A 15 -6.94 1.40 7.64
C GLY A 15 -7.11 1.94 6.24
N GLY A 16 -6.06 1.89 5.44
CA GLY A 16 -6.13 2.40 4.08
C GLY A 16 -6.31 1.34 3.03
N GLY A 17 -7.00 1.69 1.95
CA GLY A 17 -7.20 0.76 0.85
C GLY A 17 -7.90 1.33 -0.36
N LEU A 18 -8.84 0.57 -0.92
CA LEU A 18 -9.54 0.98 -2.13
C LEU A 18 -11.02 1.19 -1.91
N VAL A 19 -11.52 2.36 -2.28
CA VAL A 19 -12.94 2.65 -2.20
C VAL A 19 -13.39 3.43 -3.42
N GLN A 20 -14.69 3.68 -3.51
CA GLN A 20 -15.25 4.42 -4.61
C GLN A 20 -15.75 5.77 -4.09
N PRO A 21 -15.86 6.78 -4.98
CA PRO A 21 -16.36 8.09 -4.59
C PRO A 21 -17.65 8.02 -3.80
N GLY A 22 -17.63 8.59 -2.60
CA GLY A 22 -18.76 8.53 -1.68
C GLY A 22 -18.48 7.54 -0.58
N GLY A 23 -17.39 6.79 -0.71
CA GLY A 23 -17.03 5.77 0.26
C GLY A 23 -16.53 6.33 1.57
N SER A 24 -16.00 5.46 2.41
CA SER A 24 -15.47 5.87 3.71
C SER A 24 -14.34 4.97 4.17
N LEU A 25 -13.42 5.55 4.95
CA LEU A 25 -12.30 4.81 5.52
C LEU A 25 -11.95 5.40 6.88
N ARG A 26 -11.21 4.65 7.68
CA ARG A 26 -10.77 5.14 8.98
C ARG A 26 -9.32 4.77 9.20
N LEU A 27 -8.44 5.75 9.04
CA LEU A 27 -7.01 5.53 9.20
C LEU A 27 -6.63 5.51 10.68
N SER A 28 -5.56 4.78 10.99
CA SER A 28 -5.08 4.70 12.37
C SER A 28 -3.56 4.74 12.42
N CYS A 29 -3.03 5.43 13.42
CA CYS A 29 -1.59 5.53 13.60
C CYS A 29 -1.18 5.02 14.97
N ALA A 30 -0.49 3.87 14.99
CA ALA A 30 0.00 3.30 16.23
C ALA A 30 1.36 3.88 16.58
N ALA A 31 1.38 4.79 17.55
CA ALA A 31 2.60 5.50 17.90
C ALA A 31 3.33 4.83 19.07
N SER A 32 4.66 4.80 18.97
CA SER A 32 5.49 4.22 20.00
C SER A 32 6.91 4.78 19.93
N GLY A 33 7.60 4.75 21.06
CA GLY A 33 8.98 5.23 21.12
C GLY A 33 9.07 6.61 21.73
N PHE A 34 7.93 7.18 22.07
CA PHE A 34 7.89 8.52 22.69
C PHE A 34 6.58 8.74 23.44
N THR A 35 6.56 9.77 24.28
CA THR A 35 5.35 10.11 25.02
C THR A 35 4.31 10.72 24.10
N PHE A 36 3.30 9.95 23.75
CA PHE A 36 2.32 10.35 22.75
C PHE A 36 1.49 11.58 23.14
N SER A 37 1.14 11.69 24.41
CA SER A 37 0.21 12.73 24.84
C SER A 37 0.87 14.10 25.02
N SER A 38 2.18 14.16 24.81
CA SER A 38 2.91 15.41 24.99
C SER A 38 3.14 16.15 23.68
N TYR A 39 2.93 15.46 22.56
CA TYR A 39 3.18 16.04 21.25
C TYR A 39 1.92 16.09 20.40
N ALA A 40 1.92 16.96 19.41
CA ALA A 40 0.80 17.04 18.46
C ALA A 40 1.09 16.15 17.26
N MET A 41 0.06 15.81 16.50
CA MET A 41 0.20 14.91 15.36
C MET A 41 -0.43 15.51 14.10
N SER A 42 0.03 15.05 12.94
CA SER A 42 -0.46 15.56 11.66
C SER A 42 -0.66 14.46 10.63
N TRP A 43 -1.51 14.73 9.63
CA TRP A 43 -1.66 13.86 8.48
C TRP A 43 -1.18 14.57 7.22
N VAL A 44 -0.22 13.97 6.52
CA VAL A 44 0.30 14.56 5.29
C VAL A 44 0.19 13.59 4.11
N ARG A 45 -0.50 14.00 3.05
CA ARG A 45 -0.71 13.13 1.88
C ARG A 45 0.09 13.57 0.66
N GLN A 46 0.45 12.61 -0.20
CA GLN A 46 1.19 12.92 -1.42
C GLN A 46 0.58 12.30 -2.68
N ALA A 47 -0.14 13.11 -3.44
CA ALA A 47 -0.65 12.66 -4.73
C ALA A 47 0.41 12.91 -5.80
N PRO A 48 0.42 12.09 -6.86
CA PRO A 48 1.43 12.27 -7.91
C PRO A 48 1.26 13.59 -8.66
N GLY A 49 2.18 14.52 -8.44
CA GLY A 49 2.14 15.80 -9.12
C GLY A 49 1.56 16.91 -8.28
N LYS A 50 1.14 16.57 -7.07
CA LYS A 50 0.58 17.54 -6.14
C LYS A 50 1.51 17.71 -4.94
N GLY A 51 2.52 16.85 -4.87
CA GLY A 51 3.49 16.90 -3.80
C GLY A 51 2.84 16.64 -2.45
N LEU A 52 3.48 17.07 -1.38
CA LEU A 52 2.94 16.87 -0.04
C LEU A 52 1.91 17.93 0.29
N GLU A 53 0.90 17.55 1.07
CA GLU A 53 -0.13 18.48 1.52
C GLU A 53 -0.46 18.24 2.99
N TRP A 54 -0.53 19.32 3.76
CA TRP A 54 -0.88 19.24 5.17
C TRP A 54 -2.39 19.08 5.30
N VAL A 55 -2.84 17.83 5.47
CA VAL A 55 -4.28 17.53 5.52
C VAL A 55 -4.95 17.99 6.79
N SER A 56 -4.51 17.43 7.91
CA SER A 56 -5.10 17.76 9.20
C SER A 56 -4.10 17.57 10.32
N ALA A 57 -4.37 18.21 11.45
CA ALA A 57 -3.50 18.11 12.62
C ALA A 57 -4.27 18.35 13.90
N ILE A 58 -3.84 17.70 14.98
CA ILE A 58 -4.51 17.79 16.25
C ILE A 58 -3.48 17.99 17.36
N SER A 59 -3.82 18.80 18.36
CA SER A 59 -2.88 19.11 19.43
C SER A 59 -2.72 17.92 20.38
N GLY A 60 -1.87 18.09 21.39
CA GLY A 60 -1.56 17.02 22.32
C GLY A 60 -2.76 16.55 23.11
N SER A 61 -3.53 17.49 23.64
CA SER A 61 -4.69 17.15 24.45
C SER A 61 -5.89 16.87 23.56
N GLY A 62 -5.79 17.25 22.29
CA GLY A 62 -6.86 17.04 21.35
C GLY A 62 -7.86 18.17 21.34
N GLY A 63 -7.55 19.23 22.08
CA GLY A 63 -8.43 20.38 22.18
C GLY A 63 -8.48 21.20 20.91
N SER A 64 -7.35 21.30 20.21
CA SER A 64 -7.26 22.10 19.01
C SER A 64 -7.09 21.25 17.76
N THR A 65 -7.85 21.58 16.71
CA THR A 65 -7.80 20.81 15.46
C THR A 65 -7.71 21.72 14.25
N TYR A 66 -6.99 21.26 13.23
CA TYR A 66 -6.90 21.97 11.96
C TYR A 66 -7.28 21.08 10.78
N TYR A 67 -7.98 21.66 9.81
CA TYR A 67 -8.30 20.93 8.59
C TYR A 67 -7.96 21.77 7.36
N ALA A 68 -7.52 21.11 6.31
CA ALA A 68 -7.31 21.78 5.04
C ALA A 68 -8.66 22.22 4.49
N ASP A 69 -8.67 23.22 3.63
CA ASP A 69 -9.92 23.76 3.11
C ASP A 69 -10.65 22.76 2.23
N SER A 70 -9.92 21.76 1.73
CA SER A 70 -10.47 20.80 0.80
C SER A 70 -11.04 19.57 1.50
N VAL A 71 -10.89 19.52 2.82
CA VAL A 71 -11.39 18.39 3.59
C VAL A 71 -12.32 18.80 4.72
N LYS A 72 -12.67 20.08 4.76
CA LYS A 72 -13.55 20.60 5.81
C LYS A 72 -14.92 19.93 5.76
N GLY A 73 -15.32 19.37 6.90
CA GLY A 73 -16.64 18.75 7.01
C GLY A 73 -16.69 17.30 6.59
N ARG A 74 -15.69 16.86 5.83
CA ARG A 74 -15.66 15.48 5.35
C ARG A 74 -14.70 14.62 6.17
N PHE A 75 -13.61 15.22 6.64
CA PHE A 75 -12.64 14.50 7.44
C PHE A 75 -12.77 14.88 8.91
N THR A 76 -12.33 13.99 9.80
CA THR A 76 -12.37 14.25 11.22
C THR A 76 -11.18 13.62 11.93
N ILE A 77 -10.32 14.45 12.50
CA ILE A 77 -9.13 13.97 13.18
C ILE A 77 -9.38 13.84 14.68
N SER A 78 -8.77 12.84 15.30
CA SER A 78 -8.95 12.59 16.73
C SER A 78 -7.81 11.75 17.27
N ARG A 79 -7.75 11.62 18.59
CA ARG A 79 -6.69 10.83 19.19
C ARG A 79 -7.12 10.22 20.53
N ASP A 80 -6.54 9.06 20.85
CA ASP A 80 -6.78 8.42 22.14
C ASP A 80 -5.47 8.28 22.88
N ASN A 81 -5.24 9.17 23.84
CA ASN A 81 -3.98 9.20 24.57
C ASN A 81 -3.77 7.95 25.42
N SER A 82 -4.86 7.30 25.79
CA SER A 82 -4.79 6.11 26.62
C SER A 82 -4.30 4.92 25.80
N LYS A 83 -4.51 4.98 24.49
CA LYS A 83 -4.16 3.88 23.61
C LYS A 83 -3.01 4.24 22.67
N ASN A 84 -2.51 5.47 22.77
CA ASN A 84 -1.42 5.97 21.92
C ASN A 84 -1.72 5.76 20.44
N THR A 85 -2.88 6.25 20.00
CA THR A 85 -3.31 6.03 18.63
C THR A 85 -3.92 7.28 18.01
N LEU A 86 -3.54 7.59 16.78
CA LEU A 86 -4.09 8.72 16.05
C LEU A 86 -5.06 8.25 14.97
N TYR A 87 -6.23 8.87 14.92
CA TYR A 87 -7.24 8.47 13.94
C TYR A 87 -7.52 9.55 12.90
N LEU A 88 -8.02 9.13 11.74
CA LEU A 88 -8.46 10.04 10.70
C LEU A 88 -9.69 9.49 10.01
N GLN A 89 -10.86 10.03 10.36
CA GLN A 89 -12.11 9.57 9.79
C GLN A 89 -12.41 10.23 8.45
N MET A 90 -12.36 9.44 7.38
CA MET A 90 -12.59 9.97 6.04
C MET A 90 -13.96 9.59 5.50
N ASN A 91 -14.85 10.57 5.41
CA ASN A 91 -16.19 10.36 4.85
C ASN A 91 -16.40 11.21 3.59
N SER A 92 -17.37 10.80 2.78
CA SER A 92 -17.69 11.49 1.53
C SER A 92 -16.45 11.65 0.66
N LEU A 93 -15.70 10.57 0.49
CA LEU A 93 -14.44 10.60 -0.24
C LEU A 93 -14.61 11.03 -1.70
N ARG A 94 -13.60 11.72 -2.21
CA ARG A 94 -13.60 12.16 -3.59
C ARG A 94 -12.42 11.53 -4.31
N ALA A 95 -12.37 11.72 -5.63
CA ALA A 95 -11.29 11.13 -6.42
C ALA A 95 -9.96 11.79 -6.08
N GLU A 96 -10.02 13.07 -5.71
CA GLU A 96 -8.81 13.86 -5.46
C GLU A 96 -8.20 13.56 -4.10
N ASP A 97 -8.87 12.75 -3.29
CA ASP A 97 -8.34 12.36 -2.00
C ASP A 97 -7.37 11.18 -2.15
N THR A 98 -7.19 10.74 -3.39
CA THR A 98 -6.32 9.62 -3.69
C THR A 98 -4.85 9.99 -3.49
N ALA A 99 -4.26 9.51 -2.39
CA ALA A 99 -2.86 9.79 -2.09
C ALA A 99 -2.34 8.87 -0.99
N VAL A 100 -1.04 8.94 -0.73
CA VAL A 100 -0.44 8.19 0.36
C VAL A 100 -0.47 9.03 1.63
N TYR A 101 -1.24 8.60 2.62
CA TYR A 101 -1.42 9.38 3.84
C TYR A 101 -0.38 9.04 4.91
N TYR A 102 0.44 10.02 5.26
CA TYR A 102 1.51 9.82 6.24
C TYR A 102 1.14 10.32 7.63
N CYS A 103 1.48 9.52 8.64
CA CYS A 103 1.32 9.93 10.03
C CYS A 103 2.58 10.67 10.47
N VAL A 104 2.42 11.95 10.80
CA VAL A 104 3.57 12.78 11.13
C VAL A 104 3.52 13.34 12.56
N LYS A 105 4.56 13.04 13.33
CA LYS A 105 4.70 13.54 14.70
C LYS A 105 5.27 14.94 14.72
N ASP A 106 4.64 15.84 15.46
CA ASP A 106 5.10 17.22 15.53
C ASP A 106 6.20 17.38 16.60
N ARG A 107 6.92 18.51 16.54
CA ARG A 107 8.00 18.77 17.48
C ARG A 107 7.49 19.21 18.85
N VAL A 108 6.38 19.93 18.86
CA VAL A 108 5.84 20.47 20.10
C VAL A 108 4.41 20.00 20.36
N ALA A 109 3.81 20.52 21.43
CA ALA A 109 2.50 20.08 21.88
C ALA A 109 1.36 20.66 21.05
N VAL A 110 1.67 21.59 20.15
CA VAL A 110 0.67 22.17 19.27
C VAL A 110 1.24 22.40 17.88
N ALA A 111 0.63 21.79 16.87
CA ALA A 111 1.10 21.93 15.50
C ALA A 111 0.81 23.31 14.93
N GLY A 112 1.81 23.89 14.29
CA GLY A 112 1.66 25.22 13.71
C GLY A 112 2.98 25.81 13.27
N LYS A 113 3.01 27.14 13.18
CA LYS A 113 4.20 27.85 12.72
C LYS A 113 5.39 27.65 13.65
N GLY A 114 5.12 27.64 14.96
CA GLY A 114 6.17 27.55 15.96
C GLY A 114 6.82 26.19 16.05
N SER A 115 6.42 25.28 15.18
CA SER A 115 6.97 23.93 15.17
C SER A 115 8.29 23.88 14.40
N TYR A 116 8.46 24.81 13.46
CA TYR A 116 9.66 24.97 12.64
C TYR A 116 9.92 23.84 11.66
N TYR A 117 9.65 22.60 12.05
CA TYR A 117 9.84 21.45 11.17
C TYR A 117 9.09 20.21 11.62
N PHE A 118 8.89 19.26 10.70
CA PHE A 118 8.34 17.96 11.06
C PHE A 118 9.50 17.03 11.41
N ASP A 119 9.48 16.42 12.60
CA ASP A 119 10.61 15.60 13.01
C ASP A 119 10.54 14.19 12.43
N SER A 120 9.50 13.44 12.76
CA SER A 120 9.42 12.05 12.33
C SER A 120 8.18 11.72 11.50
N TRP A 121 8.39 10.94 10.46
CA TRP A 121 7.34 10.48 9.57
C TRP A 121 7.12 8.98 9.71
N GLY A 122 6.03 8.48 9.15
CA GLY A 122 5.73 7.06 9.19
C GLY A 122 5.86 6.45 7.81
N ARG A 123 5.68 5.13 7.74
CA ARG A 123 5.79 4.41 6.47
C ARG A 123 4.69 4.87 5.50
N GLY A 124 3.52 5.17 6.04
CA GLY A 124 2.43 5.69 5.25
C GLY A 124 1.52 4.62 4.68
N THR A 125 0.21 4.87 4.76
CA THR A 125 -0.78 3.97 4.19
C THR A 125 -1.43 4.62 2.96
N THR A 126 -1.81 3.79 1.99
CA THR A 126 -2.31 4.29 0.72
C THR A 126 -3.84 4.31 0.65
N VAL A 127 -4.40 5.43 0.20
CA VAL A 127 -5.84 5.55 0.01
C VAL A 127 -6.18 5.73 -1.47
N THR A 128 -6.86 4.74 -2.04
CA THR A 128 -7.20 4.77 -3.46
C THR A 128 -8.69 5.00 -3.68
N VAL A 129 -9.01 6.01 -4.48
CA VAL A 129 -10.39 6.33 -4.81
C VAL A 129 -10.60 6.31 -6.31
N SER A 130 -11.36 5.33 -6.79
CA SER A 130 -11.63 5.20 -8.22
C SER A 130 -12.97 4.53 -8.47
N SER A 131 -13.38 4.46 -9.73
CA SER A 131 -14.64 3.85 -10.10
C SER A 131 -14.47 2.37 -10.43
N GLN B 1 -0.59 21.51 -8.53
CA GLN B 1 0.43 22.56 -8.41
C GLN B 1 0.83 22.77 -6.95
N SER B 2 2.09 23.14 -6.74
CA SER B 2 2.60 23.43 -5.40
C SER B 2 2.91 24.91 -5.23
N VAL B 3 2.86 25.39 -3.99
CA VAL B 3 3.15 26.80 -3.70
C VAL B 3 4.65 27.08 -3.87
N LEU B 4 5.47 26.18 -3.36
CA LEU B 4 6.90 26.28 -3.55
C LEU B 4 7.28 25.57 -4.84
N THR B 5 8.25 26.13 -5.56
CA THR B 5 8.61 25.59 -6.87
C THR B 5 9.97 24.91 -6.87
N GLN B 6 9.96 23.62 -7.20
CA GLN B 6 11.20 22.87 -7.35
C GLN B 6 11.31 22.35 -8.78
N PRO B 7 12.56 22.15 -9.25
CA PRO B 7 12.71 21.44 -10.52
C PRO B 7 12.29 19.99 -10.37
N PRO B 8 11.43 19.49 -11.28
CA PRO B 8 10.89 18.13 -11.18
C PRO B 8 11.97 17.05 -11.18
N SER B 9 12.92 17.13 -12.10
CA SER B 9 13.96 16.11 -12.20
C SER B 9 15.33 16.73 -12.46
N VAL B 10 16.36 16.14 -11.84
CA VAL B 10 17.73 16.58 -12.05
C VAL B 10 18.66 15.38 -12.20
N SER B 11 19.43 15.36 -13.28
CA SER B 11 20.36 14.27 -13.54
C SER B 11 21.81 14.76 -13.50
N GLU B 12 22.68 13.98 -12.86
CA GLU B 12 24.08 14.36 -12.72
C GLU B 12 24.98 13.14 -12.50
N ALA B 13 26.22 13.23 -12.97
CA ALA B 13 27.20 12.16 -12.82
C ALA B 13 27.65 11.99 -11.37
N PRO B 14 28.06 10.78 -10.98
CA PRO B 14 28.52 10.50 -9.61
C PRO B 14 29.71 11.36 -9.19
N GLY B 15 29.74 11.77 -7.93
CA GLY B 15 30.87 12.52 -7.40
C GLY B 15 30.77 14.03 -7.62
N GLN B 16 29.82 14.44 -8.46
CA GLN B 16 29.65 15.85 -8.79
C GLN B 16 28.83 16.57 -7.72
N ARG B 17 28.37 17.77 -8.06
CA ARG B 17 27.56 18.57 -7.15
C ARG B 17 26.21 18.90 -7.78
N VAL B 18 25.16 18.78 -6.97
CA VAL B 18 23.80 19.04 -7.44
C VAL B 18 23.17 20.16 -6.63
N THR B 19 22.55 21.12 -7.33
CA THR B 19 21.86 22.22 -6.68
C THR B 19 20.37 22.19 -6.96
N ILE B 20 19.58 22.07 -5.89
CA ILE B 20 18.14 22.02 -5.99
C ILE B 20 17.50 23.31 -5.46
N ALA B 21 16.87 24.06 -6.36
CA ALA B 21 16.26 25.33 -5.99
C ALA B 21 14.85 25.12 -5.42
N CYS B 22 14.42 26.05 -4.59
CA CYS B 22 13.09 26.01 -4.00
C CYS B 22 12.61 27.44 -3.82
N SER B 23 12.02 28.00 -4.88
CA SER B 23 11.61 29.41 -4.89
C SER B 23 10.21 29.60 -4.33
N GLY B 24 10.05 30.65 -3.53
CA GLY B 24 8.76 30.96 -2.95
C GLY B 24 8.45 32.44 -3.01
N SER B 25 7.93 32.98 -1.92
CA SER B 25 7.59 34.38 -1.85
C SER B 25 8.00 34.98 -0.52
N SER B 26 7.55 36.20 -0.27
CA SER B 26 7.87 36.91 0.95
C SER B 26 7.02 36.41 2.12
N SER B 27 6.05 35.56 1.83
CA SER B 27 5.14 35.08 2.87
C SER B 27 5.53 33.69 3.37
N ASN B 28 6.16 32.90 2.51
CA ASN B 28 6.59 31.57 2.91
C ASN B 28 8.08 31.51 3.22
N ILE B 29 8.88 31.35 2.18
CA ILE B 29 10.32 31.16 2.35
C ILE B 29 10.99 32.43 2.84
N GLY B 30 10.41 33.57 2.50
CA GLY B 30 11.00 34.87 2.80
C GLY B 30 11.41 35.13 4.24
N ASN B 31 10.50 34.91 5.19
CA ASN B 31 10.78 35.21 6.58
C ASN B 31 10.44 34.07 7.53
N ASN B 32 10.49 32.85 7.01
CA ASN B 32 10.19 31.68 7.84
C ASN B 32 11.20 30.55 7.64
N ALA B 33 11.27 29.67 8.63
CA ALA B 33 12.26 28.60 8.63
C ALA B 33 11.97 27.57 7.55
N VAL B 34 12.96 27.33 6.70
CA VAL B 34 12.86 26.36 5.62
C VAL B 34 13.33 24.99 6.09
N SER B 35 12.62 23.94 5.69
CA SER B 35 13.03 22.59 6.01
C SER B 35 13.06 21.70 4.76
N TRP B 36 14.04 20.80 4.70
CA TRP B 36 14.18 19.89 3.57
C TRP B 36 13.95 18.44 4.00
N TYR B 37 13.35 17.65 3.11
CA TYR B 37 13.05 16.25 3.43
C TYR B 37 13.45 15.31 2.31
N GLN B 38 14.12 14.22 2.68
CA GLN B 38 14.53 13.19 1.73
C GLN B 38 13.62 11.98 1.81
N GLN B 39 13.18 11.51 0.66
CA GLN B 39 12.34 10.33 0.61
C GLN B 39 12.96 9.27 -0.29
N LEU B 40 13.65 8.32 0.33
CA LEU B 40 14.20 7.18 -0.40
C LEU B 40 13.05 6.35 -0.96
N PRO B 41 13.25 5.79 -2.17
CA PRO B 41 12.19 5.04 -2.85
C PRO B 41 11.63 3.90 -2.00
N GLY B 42 10.34 3.98 -1.70
CA GLY B 42 9.67 2.92 -0.93
C GLY B 42 9.95 2.99 0.56
N LYS B 43 10.41 4.14 1.02
CA LYS B 43 10.70 4.31 2.44
C LYS B 43 10.04 5.57 3.00
N ALA B 44 10.15 5.76 4.31
CA ALA B 44 9.54 6.90 4.98
C ALA B 44 10.38 8.15 4.80
N PRO B 45 9.74 9.30 4.58
CA PRO B 45 10.43 10.59 4.46
C PRO B 45 11.25 10.91 5.70
N THR B 46 12.50 11.33 5.50
CA THR B 46 13.38 11.67 6.60
C THR B 46 13.71 13.17 6.63
N LEU B 47 13.90 13.71 7.83
CA LEU B 47 14.31 15.09 7.98
C LEU B 47 15.76 15.27 7.51
N LEU B 48 15.94 16.10 6.49
CA LEU B 48 17.25 16.27 5.86
C LEU B 48 17.93 17.56 6.30
N ILE B 49 17.20 18.66 6.24
CA ILE B 49 17.72 19.97 6.62
C ILE B 49 16.63 20.76 7.34
N TYR B 50 16.97 21.34 8.49
CA TYR B 50 16.05 22.25 9.16
C TYR B 50 16.76 23.55 9.54
N TYR B 51 15.98 24.56 9.91
CA TYR B 51 16.51 25.87 10.26
C TYR B 51 17.39 26.43 9.14
N ASP B 52 16.84 26.46 7.93
CA ASP B 52 17.52 26.99 6.75
C ASP B 52 18.84 26.28 6.41
N ASN B 53 19.77 26.24 7.35
CA ASN B 53 21.12 25.76 7.07
C ASN B 53 21.64 24.65 7.97
N LEU B 54 20.97 24.42 9.11
CA LEU B 54 21.44 23.44 10.08
C LEU B 54 21.24 22.00 9.65
N LEU B 55 22.02 21.10 10.24
CA LEU B 55 21.95 19.67 9.91
C LEU B 55 21.56 18.83 11.12
N PRO B 56 20.53 17.99 10.98
CA PRO B 56 20.07 17.09 12.04
C PRO B 56 21.14 16.06 12.39
N SER B 57 21.12 15.54 13.61
CA SER B 57 22.11 14.58 14.05
C SER B 57 21.94 13.25 13.33
N GLY B 58 22.92 12.89 12.52
CA GLY B 58 22.90 11.64 11.79
C GLY B 58 22.92 11.82 10.28
N VAL B 59 22.79 13.06 9.83
CA VAL B 59 22.78 13.34 8.40
C VAL B 59 24.19 13.55 7.87
N SER B 60 24.46 13.02 6.68
CA SER B 60 25.77 13.11 6.04
C SER B 60 26.25 14.55 5.88
N ASP B 61 27.56 14.73 5.89
CA ASP B 61 28.18 16.04 5.77
C ASP B 61 28.02 16.59 4.36
N ARG B 62 27.71 15.72 3.41
CA ARG B 62 27.60 16.10 2.00
C ARG B 62 26.36 16.94 1.70
N PHE B 63 25.41 16.95 2.63
CA PHE B 63 24.20 17.73 2.46
C PHE B 63 24.30 19.09 3.15
N SER B 64 23.83 20.14 2.48
CA SER B 64 23.85 21.48 3.05
C SER B 64 22.74 22.35 2.46
N GLY B 65 22.20 23.25 3.27
CA GLY B 65 21.12 24.10 2.86
C GLY B 65 21.45 25.58 2.99
N SER B 66 20.91 26.38 2.08
CA SER B 66 21.12 27.82 2.08
C SER B 66 19.82 28.55 1.78
N LYS B 67 19.84 29.87 1.94
CA LYS B 67 18.65 30.69 1.74
C LYS B 67 19.00 32.13 1.41
N SER B 68 18.46 32.64 0.31
CA SER B 68 18.69 34.01 -0.12
C SER B 68 17.40 34.66 -0.61
N GLY B 69 16.83 35.54 0.21
CA GLY B 69 15.62 36.23 -0.16
C GLY B 69 14.42 35.31 -0.15
N THR B 70 13.84 35.08 -1.33
CA THR B 70 12.68 34.21 -1.46
C THR B 70 13.03 32.94 -2.22
N SER B 71 14.15 32.32 -1.87
CA SER B 71 14.59 31.09 -2.50
C SER B 71 15.62 30.34 -1.67
N ALA B 72 15.38 29.05 -1.46
CA ALA B 72 16.30 28.21 -0.71
C ALA B 72 16.90 27.15 -1.62
N SER B 73 18.08 26.63 -1.26
CA SER B 73 18.75 25.64 -2.09
C SER B 73 19.37 24.52 -1.28
N LEU B 74 19.29 23.31 -1.83
CA LEU B 74 19.90 22.14 -1.24
C LEU B 74 21.09 21.70 -2.09
N ALA B 75 22.22 21.46 -1.46
CA ALA B 75 23.44 21.09 -2.17
C ALA B 75 23.85 19.66 -1.86
N ILE B 76 24.09 18.87 -2.90
CA ILE B 76 24.53 17.49 -2.72
C ILE B 76 25.89 17.30 -3.37
N SER B 77 26.94 17.49 -2.57
CA SER B 77 28.31 17.31 -3.04
C SER B 77 28.73 15.86 -2.88
N GLY B 78 29.66 15.41 -3.73
CA GLY B 78 30.11 14.03 -3.70
C GLY B 78 28.95 13.09 -3.93
N LEU B 79 28.26 13.29 -5.05
CA LEU B 79 27.03 12.58 -5.36
C LEU B 79 27.25 11.06 -5.40
N GLN B 80 26.41 10.34 -4.68
CA GLN B 80 26.48 8.88 -4.65
C GLN B 80 25.18 8.26 -5.14
N SER B 81 25.22 6.95 -5.41
CA SER B 81 24.03 6.23 -5.87
C SER B 81 23.03 6.10 -4.73
N GLU B 82 23.53 6.15 -3.49
CA GLU B 82 22.71 6.04 -2.30
C GLU B 82 21.82 7.28 -2.12
N ASP B 83 22.24 8.38 -2.74
CA ASP B 83 21.53 9.65 -2.62
C ASP B 83 20.39 9.75 -3.63
N GLU B 84 20.29 8.75 -4.49
CA GLU B 84 19.24 8.74 -5.51
C GLU B 84 17.87 8.60 -4.84
N ALA B 85 17.17 9.73 -4.70
CA ALA B 85 15.87 9.74 -4.05
C ALA B 85 15.06 10.96 -4.46
N ASP B 86 14.05 11.29 -3.65
CA ASP B 86 13.22 12.46 -3.89
C ASP B 86 13.37 13.47 -2.76
N TYR B 87 13.54 14.74 -3.10
CA TYR B 87 13.82 15.77 -2.09
C TYR B 87 12.75 16.87 -2.07
N TYR B 88 12.13 17.05 -0.90
CA TYR B 88 11.08 18.06 -0.74
C TYR B 88 11.52 19.19 0.18
N CYS B 89 11.14 20.42 -0.17
CA CYS B 89 11.39 21.58 0.68
C CYS B 89 10.07 22.04 1.28
N ALA B 90 10.11 22.49 2.53
CA ALA B 90 8.90 22.88 3.23
C ALA B 90 9.12 24.10 4.13
N ALA B 91 8.10 24.93 4.24
CA ALA B 91 8.14 26.10 5.10
C ALA B 91 6.75 26.58 5.40
N TRP B 92 6.59 27.30 6.50
CA TRP B 92 5.29 27.84 6.86
C TRP B 92 4.98 29.03 5.99
N ASP B 93 3.71 29.22 5.66
CA ASP B 93 3.29 30.36 4.88
C ASP B 93 2.44 31.28 5.74
N ASP B 94 2.62 32.59 5.56
CA ASP B 94 1.91 33.57 6.37
C ASP B 94 0.72 34.18 5.63
N SER B 95 0.82 34.24 4.30
CA SER B 95 -0.28 34.73 3.47
C SER B 95 -1.44 33.77 3.64
N LEU B 96 -1.13 32.49 3.44
CA LEU B 96 -2.03 31.40 3.78
C LEU B 96 -1.87 31.18 5.28
N ASN B 97 -2.10 29.97 5.76
CA ASN B 97 -1.95 29.68 7.18
C ASN B 97 -1.80 28.20 7.40
N ASP B 98 -0.86 27.61 6.66
CA ASP B 98 -0.56 26.20 6.76
C ASP B 98 0.83 25.94 6.21
N TRP B 99 1.27 24.69 6.34
CA TRP B 99 2.55 24.30 5.78
C TRP B 99 2.42 24.16 4.28
N VAL B 100 3.44 24.61 3.55
CA VAL B 100 3.47 24.41 2.11
C VAL B 100 4.72 23.63 1.73
N PHE B 101 4.62 22.87 0.65
CA PHE B 101 5.72 22.03 0.20
C PHE B 101 6.05 22.33 -1.26
N GLY B 102 7.15 21.77 -1.74
CA GLY B 102 7.52 21.89 -3.14
C GLY B 102 7.01 20.68 -3.90
N GLY B 103 7.05 20.76 -5.23
CA GLY B 103 6.60 19.67 -6.07
C GLY B 103 7.43 18.42 -5.88
N GLY B 104 8.68 18.62 -5.45
CA GLY B 104 9.60 17.53 -5.25
C GLY B 104 10.63 17.50 -6.36
N THR B 105 11.81 16.98 -6.05
CA THR B 105 12.89 16.90 -7.03
C THR B 105 13.50 15.50 -7.01
N LYS B 106 13.45 14.82 -8.16
CA LYS B 106 13.99 13.48 -8.27
C LYS B 106 15.44 13.49 -8.78
N VAL B 107 16.38 13.24 -7.87
CA VAL B 107 17.80 13.22 -8.23
C VAL B 107 18.20 11.86 -8.79
N THR B 108 18.66 11.85 -10.04
CA THR B 108 19.07 10.61 -10.69
C THR B 108 20.59 10.58 -10.86
N VAL B 109 21.19 9.46 -10.47
CA VAL B 109 22.64 9.28 -10.57
C VAL B 109 23.00 8.32 -11.70
N LEU B 110 23.84 8.77 -12.63
CA LEU B 110 24.26 7.92 -13.74
C LEU B 110 25.33 6.93 -13.31
N ALA B 111 25.88 6.21 -14.28
CA ALA B 111 26.93 5.23 -14.02
C ALA B 111 28.21 5.57 -14.76
N PHE C 9 24.14 28.13 32.40
CA PHE C 9 23.56 29.34 31.83
C PHE C 9 23.65 30.51 32.81
N GLU C 10 24.49 30.35 33.84
CA GLU C 10 24.64 31.34 34.89
C GLU C 10 25.05 32.70 34.35
N SER C 11 25.88 32.70 33.31
CA SER C 11 26.34 33.93 32.69
C SER C 11 25.18 34.75 32.13
N LYS C 12 24.31 34.08 31.37
CA LYS C 12 23.16 34.74 30.76
C LYS C 12 22.13 35.16 31.79
N ALA C 13 21.99 34.36 32.85
CA ALA C 13 21.03 34.67 33.90
C ALA C 13 21.44 35.94 34.63
N ALA C 14 22.70 36.03 35.01
CA ALA C 14 23.21 37.19 35.72
C ALA C 14 23.22 38.42 34.82
N LEU C 15 23.52 38.21 33.54
CA LEU C 15 23.51 39.29 32.56
C LEU C 15 22.11 39.86 32.41
N LEU C 16 21.11 38.98 32.43
CA LEU C 16 19.72 39.39 32.29
C LEU C 16 19.19 39.92 33.61
N ALA C 17 19.79 39.49 34.72
CA ALA C 17 19.35 39.89 36.05
C ALA C 17 19.73 41.33 36.34
N ALA C 18 20.52 41.92 35.45
CA ALA C 18 20.90 43.32 35.57
C ALA C 18 19.78 44.22 35.09
N ARG C 19 19.12 43.82 34.01
CA ARG C 19 18.02 44.60 33.45
C ARG C 19 16.75 44.48 34.28
N GLY C 20 16.76 43.59 35.28
CA GLY C 20 15.60 43.37 36.11
C GLY C 20 15.91 42.99 37.54
N PRO C 21 15.56 43.88 38.49
CA PRO C 21 15.75 43.65 39.93
C PRO C 21 14.91 42.50 40.48
N GLU C 22 13.58 42.65 40.42
CA GLU C 22 12.67 41.65 40.96
C GLU C 22 11.49 41.40 40.02
N GLU C 23 11.78 40.91 38.83
CA GLU C 23 10.74 40.58 37.86
C GLU C 23 10.99 39.20 37.28
N LEU C 24 9.95 38.61 36.71
CA LEU C 24 10.08 37.27 36.13
C LEU C 24 10.76 37.35 34.77
N LEU C 25 11.99 36.86 34.70
CA LEU C 25 12.80 36.95 33.49
C LEU C 25 12.82 35.65 32.71
N CYS C 26 12.42 35.71 31.44
CA CYS C 26 12.43 34.53 30.59
C CYS C 26 13.27 34.75 29.34
N PHE C 27 13.94 33.69 28.89
CA PHE C 27 14.74 33.76 27.66
C PHE C 27 14.96 32.38 27.05
N THR C 28 15.11 32.35 25.73
CA THR C 28 15.44 31.12 25.00
C THR C 28 16.80 31.26 24.34
N GLU C 29 17.50 30.14 24.18
CA GLU C 29 18.83 30.17 23.59
C GLU C 29 18.84 29.70 22.15
N ARG C 30 18.23 28.55 21.88
CA ARG C 30 18.21 28.00 20.53
C ARG C 30 16.80 27.65 20.07
N LEU C 31 15.81 28.34 20.63
CA LEU C 31 14.40 28.23 20.26
C LEU C 31 13.74 26.89 20.55
N GLU C 32 14.49 25.95 21.11
CA GLU C 32 13.94 24.65 21.48
C GLU C 32 14.08 24.46 22.99
N ASP C 33 14.04 25.58 23.70
CA ASP C 33 14.20 25.60 25.15
C ASP C 33 13.69 26.91 25.71
N LEU C 34 13.37 26.93 26.99
CA LEU C 34 12.94 28.16 27.65
C LEU C 34 13.22 28.10 29.14
N VAL C 35 13.84 29.16 29.66
CA VAL C 35 14.15 29.24 31.08
C VAL C 35 13.57 30.51 31.69
N CYS C 36 12.70 30.35 32.68
CA CYS C 36 12.16 31.49 33.41
C CYS C 36 12.63 31.47 34.86
N PHE C 37 13.12 32.61 35.34
CA PHE C 37 13.66 32.68 36.69
C PHE C 37 13.39 34.02 37.39
N TRP C 38 13.58 34.03 38.70
CA TRP C 38 13.51 35.26 39.48
C TRP C 38 14.30 35.07 40.78
N GLU C 39 14.64 36.17 41.44
CA GLU C 39 15.46 36.11 42.64
C GLU C 39 14.79 36.78 43.83
N GLU C 40 14.91 36.15 45.01
CA GLU C 40 14.36 36.70 46.24
C GLU C 40 15.33 36.56 47.41
N ALA C 41 15.01 37.19 48.53
CA ALA C 41 15.87 37.15 49.71
C ALA C 41 15.11 36.60 50.91
N PRO C 48 12.55 31.09 54.08
CA PRO C 48 12.25 31.71 52.79
C PRO C 48 10.78 31.53 52.41
N GLY C 49 10.55 30.96 51.23
CA GLY C 49 9.19 30.73 50.76
C GLY C 49 9.13 29.63 49.73
N GLN C 50 7.93 29.10 49.50
CA GLN C 50 7.70 28.06 48.51
C GLN C 50 6.73 28.52 47.45
N TYR C 51 7.02 28.21 46.18
CA TYR C 51 6.20 28.66 45.08
C TYR C 51 5.91 27.54 44.09
N SER C 52 4.85 27.70 43.30
CA SER C 52 4.49 26.73 42.28
C SER C 52 4.37 27.41 40.92
N PHE C 53 4.94 26.76 39.90
CA PHE C 53 5.00 27.31 38.55
C PHE C 53 4.00 26.66 37.61
N SER C 54 3.01 27.43 37.18
CA SER C 54 1.99 26.94 36.26
C SER C 54 2.02 27.70 34.93
N TYR C 55 1.78 27.00 33.83
CA TYR C 55 1.78 27.64 32.51
C TYR C 55 0.69 27.08 31.60
N GLN C 56 0.37 27.82 30.55
CA GLN C 56 -0.61 27.39 29.56
C GLN C 56 -0.16 27.73 28.14
N LEU C 57 0.20 26.72 27.38
CA LEU C 57 0.62 26.95 25.99
C LEU C 57 -0.62 27.06 25.10
N GLU C 58 -0.87 28.28 24.62
CA GLU C 58 -2.02 28.58 23.76
C GLU C 58 -3.35 28.23 24.43
N ASP C 59 -4.02 27.21 23.90
CA ASP C 59 -5.32 26.79 24.43
C ASP C 59 -5.26 25.43 25.09
N GLU C 60 -4.07 24.84 25.11
CA GLU C 60 -3.86 23.56 25.78
C GLU C 60 -4.14 23.69 27.28
N PRO C 61 -4.43 22.57 27.96
CA PRO C 61 -4.71 22.63 29.39
C PRO C 61 -3.49 23.06 30.18
N TRP C 62 -3.72 23.68 31.33
CA TRP C 62 -2.64 24.15 32.19
C TRP C 62 -1.75 22.99 32.65
N LYS C 63 -0.45 23.24 32.74
CA LYS C 63 0.49 22.26 33.23
C LYS C 63 1.33 22.87 34.34
N LEU C 64 2.13 22.04 35.02
CA LEU C 64 3.02 22.54 36.07
C LEU C 64 4.47 22.28 35.69
N CYS C 65 5.35 23.17 36.11
CA CYS C 65 6.77 23.05 35.81
C CYS C 65 7.56 22.74 37.07
N ARG C 66 8.49 21.79 36.97
CA ARG C 66 9.32 21.44 38.11
C ARG C 66 10.20 22.64 38.47
N LEU C 67 9.98 23.19 39.65
CA LEU C 67 10.65 24.40 40.06
C LEU C 67 11.96 24.12 40.77
N HIS C 68 13.06 24.53 40.18
CA HIS C 68 14.37 24.36 40.80
C HIS C 68 14.71 25.57 41.67
N GLN C 69 15.71 25.42 42.52
CA GLN C 69 16.13 26.51 43.40
C GLN C 69 17.58 26.33 43.82
N ALA C 70 18.31 27.43 43.84
CA ALA C 70 19.71 27.42 44.24
C ALA C 70 20.12 28.81 44.71
N PRO C 71 21.04 28.88 45.67
CA PRO C 71 21.45 30.20 46.16
C PRO C 71 22.40 30.91 45.19
N THR C 72 22.29 32.22 45.13
CA THR C 72 23.14 33.06 44.30
C THR C 72 23.86 34.07 45.18
N ALA C 73 24.98 34.61 44.68
CA ALA C 73 25.77 35.55 45.46
C ALA C 73 24.94 36.74 45.91
N ARG C 74 25.46 37.45 46.91
CA ARG C 74 24.79 38.57 47.57
C ARG C 74 23.64 38.09 48.46
N GLY C 75 23.73 36.83 48.91
CA GLY C 75 22.82 36.32 49.92
C GLY C 75 21.37 36.14 49.48
N ALA C 76 21.17 35.67 48.26
CA ALA C 76 19.82 35.57 47.71
C ALA C 76 19.57 34.22 47.04
N VAL C 77 18.32 33.78 47.09
CA VAL C 77 17.90 32.54 46.46
C VAL C 77 17.25 32.80 45.11
N ARG C 78 17.53 31.94 44.14
CA ARG C 78 16.98 32.08 42.80
C ARG C 78 16.14 30.87 42.39
N PHE C 79 14.88 31.11 42.07
CA PHE C 79 14.00 30.06 41.60
C PHE C 79 13.89 30.09 40.09
N TRP C 80 14.08 28.94 39.46
CA TRP C 80 13.97 28.84 38.01
C TRP C 80 13.24 27.59 37.52
N CYS C 81 12.46 27.77 36.45
CA CYS C 81 11.74 26.68 35.80
C CYS C 81 12.29 26.43 34.40
N SER C 82 12.80 25.23 34.17
CA SER C 82 13.22 24.84 32.83
C SER C 82 12.05 24.18 32.12
N LEU C 83 11.37 24.95 31.26
CA LEU C 83 10.17 24.48 30.56
C LEU C 83 10.47 23.25 29.71
N PRO C 84 9.57 22.25 29.76
CA PRO C 84 9.70 21.02 28.99
C PRO C 84 9.82 21.29 27.49
N THR C 85 10.72 20.57 26.83
CA THR C 85 11.00 20.79 25.42
C THR C 85 9.75 20.66 24.56
N ALA C 86 8.85 19.77 24.99
CA ALA C 86 7.64 19.48 24.22
C ALA C 86 6.70 20.67 24.14
N ASP C 87 6.88 21.65 25.01
CA ASP C 87 5.98 22.81 25.03
C ASP C 87 6.67 24.09 24.55
N THR C 88 7.82 23.94 23.91
CA THR C 88 8.57 25.09 23.41
C THR C 88 8.07 25.52 22.03
N SER C 89 6.81 25.90 21.97
CA SER C 89 6.22 26.33 20.70
C SER C 89 6.33 27.84 20.57
N SER C 90 6.81 28.28 19.41
CA SER C 90 6.96 29.71 19.17
C SER C 90 5.73 30.28 18.49
N PHE C 91 5.68 31.61 18.41
CA PHE C 91 4.59 32.31 17.72
C PHE C 91 3.21 32.05 18.32
N VAL C 92 3.19 31.53 19.54
CA VAL C 92 1.93 31.31 20.25
C VAL C 92 2.03 31.83 21.68
N PRO C 93 0.93 32.37 22.21
CA PRO C 93 0.94 32.94 23.56
C PRO C 93 1.17 31.90 24.63
N LEU C 94 2.20 32.09 25.44
CA LEU C 94 2.50 31.21 26.55
C LEU C 94 2.26 31.94 27.87
N GLU C 95 1.11 31.67 28.48
CA GLU C 95 0.77 32.34 29.73
C GLU C 95 1.52 31.71 30.88
N LEU C 96 2.23 32.54 31.64
CA LEU C 96 2.99 32.07 32.79
C LEU C 96 2.40 32.65 34.06
N ARG C 97 2.51 31.90 35.16
CA ARG C 97 1.97 32.35 36.42
C ARG C 97 2.67 31.70 37.60
N VAL C 98 3.30 32.51 38.43
CA VAL C 98 3.95 32.04 39.65
C VAL C 98 3.10 32.38 40.87
N THR C 99 2.70 31.34 41.60
CA THR C 99 1.82 31.53 42.76
C THR C 99 2.46 30.99 44.03
N ALA C 100 2.23 31.69 45.13
CA ALA C 100 2.77 31.29 46.42
C ALA C 100 1.98 30.14 47.01
N ALA C 101 2.52 29.52 48.05
CA ALA C 101 1.88 28.37 48.70
C ALA C 101 0.57 28.79 49.35
N SER C 102 0.48 30.06 49.73
CA SER C 102 -0.72 30.59 50.36
C SER C 102 -1.82 30.86 49.35
N GLY C 103 -1.52 30.62 48.08
CA GLY C 103 -2.49 30.85 47.02
C GLY C 103 -2.36 32.26 46.43
N ALA C 104 -1.65 33.11 47.15
CA ALA C 104 -1.43 34.48 46.71
C ALA C 104 -0.52 34.51 45.49
N PRO C 105 -0.89 35.31 44.48
CA PRO C 105 -0.11 35.44 43.23
C PRO C 105 1.23 36.13 43.45
N ARG C 106 2.18 35.88 42.57
CA ARG C 106 3.51 36.45 42.69
C ARG C 106 3.92 37.10 41.37
N TYR C 107 3.84 36.33 40.29
CA TYR C 107 4.15 36.84 38.95
C TYR C 107 3.07 36.42 37.94
N HIS C 108 3.01 37.14 36.83
CA HIS C 108 2.04 36.84 35.78
C HIS C 108 2.44 37.48 34.45
N ARG C 109 2.82 36.64 33.50
CA ARG C 109 3.27 37.13 32.19
C ARG C 109 2.66 36.34 31.04
N VAL C 110 2.45 37.02 29.92
CA VAL C 110 2.00 36.36 28.70
C VAL C 110 3.03 36.61 27.61
N ILE C 111 3.97 35.69 27.46
CA ILE C 111 5.09 35.89 26.56
C ILE C 111 5.02 35.03 25.29
N HIS C 112 5.84 35.39 24.31
CA HIS C 112 6.05 34.56 23.13
C HIS C 112 7.51 34.15 23.10
N ILE C 113 7.75 32.85 22.96
CA ILE C 113 9.11 32.31 23.02
C ILE C 113 10.04 32.96 22.01
N ASN C 114 9.50 33.25 20.82
CA ASN C 114 10.29 33.87 19.77
C ASN C 114 10.60 35.35 20.03
N GLU C 115 10.05 35.89 21.11
CA GLU C 115 10.23 37.30 21.45
C GLU C 115 11.13 37.50 22.66
N VAL C 116 11.78 36.43 23.11
CA VAL C 116 12.72 36.51 24.22
C VAL C 116 13.98 35.70 23.95
N VAL C 117 14.65 36.00 22.85
CA VAL C 117 15.85 35.27 22.46
C VAL C 117 17.12 35.93 22.98
N LEU C 118 17.99 35.12 23.59
CA LEU C 118 19.27 35.59 24.08
C LEU C 118 20.39 34.70 23.56
N LEU C 119 20.89 35.02 22.37
CA LEU C 119 21.89 34.19 21.71
C LEU C 119 23.23 34.21 22.44
N ASP C 120 24.13 33.31 22.05
CA ASP C 120 25.48 33.30 22.57
C ASP C 120 26.30 34.35 21.83
N ALA C 121 27.50 34.61 22.32
CA ALA C 121 28.38 35.60 21.68
C ALA C 121 28.95 35.06 20.38
N PRO C 122 28.97 35.89 19.34
CA PRO C 122 29.57 35.54 18.04
C PRO C 122 31.03 35.12 18.18
N VAL C 123 31.55 34.40 17.20
CA VAL C 123 32.92 33.89 17.27
C VAL C 123 33.68 34.12 15.97
N GLY C 124 34.97 33.78 15.99
CA GLY C 124 35.80 33.84 14.79
C GLY C 124 36.05 35.24 14.26
N LEU C 125 36.29 36.18 15.17
CA LEU C 125 36.56 37.56 14.78
C LEU C 125 37.96 37.72 14.17
N VAL C 126 38.02 38.29 12.98
CA VAL C 126 39.30 38.57 12.32
C VAL C 126 39.30 39.94 11.63
N ALA C 127 40.46 40.60 11.68
CA ALA C 127 40.60 41.93 11.08
C ALA C 127 41.72 41.97 10.04
N ARG C 128 41.53 42.73 8.97
CA ARG C 128 42.53 42.84 7.91
C ARG C 128 42.72 44.31 7.52
N LEU C 129 43.97 44.65 7.18
CA LEU C 129 44.33 46.02 6.85
C LEU C 129 44.01 46.45 5.42
N ALA C 130 43.61 45.51 4.58
CA ALA C 130 43.42 45.80 3.16
C ALA C 130 42.18 46.64 2.92
N ASP C 131 42.34 47.75 2.19
CA ASP C 131 43.63 48.17 1.64
C ASP C 131 43.82 49.68 1.73
N GLU C 132 42.90 50.42 1.10
CA GLU C 132 42.91 51.87 1.14
C GLU C 132 42.80 52.43 2.55
N SER C 133 43.73 53.31 2.91
CA SER C 133 43.77 53.90 4.25
C SER C 133 42.52 54.73 4.53
N HIS C 135 41.18 51.65 5.78
CA HIS C 135 40.04 50.75 5.85
C HIS C 135 40.41 49.41 6.49
N VAL C 136 39.50 48.87 7.28
CA VAL C 136 39.70 47.57 7.92
C VAL C 136 38.52 46.64 7.64
N VAL C 137 38.81 45.43 7.21
CA VAL C 137 37.77 44.45 6.89
C VAL C 137 37.55 43.49 8.06
N LEU C 138 36.35 43.54 8.62
CA LEU C 138 35.99 42.66 9.73
C LEU C 138 35.16 41.48 9.25
N ARG C 139 35.54 40.28 9.67
CA ARG C 139 34.75 39.09 9.39
C ARG C 139 34.60 38.24 10.64
N TRP C 140 33.39 37.74 10.87
CA TRP C 140 33.13 36.89 12.02
C TRP C 140 32.11 35.81 11.67
N LEU C 141 31.98 34.83 12.56
CA LEU C 141 31.03 33.75 12.35
C LEU C 141 29.92 33.81 13.40
N PRO C 142 28.68 33.47 12.99
CA PRO C 142 27.55 33.43 13.92
C PRO C 142 27.79 32.39 15.01
N PRO C 143 27.13 32.56 16.17
CA PRO C 143 27.27 31.64 17.31
C PRO C 143 27.05 30.18 16.93
N PRO C 144 27.88 29.27 17.46
CA PRO C 144 27.88 27.84 17.13
C PRO C 144 26.52 27.17 17.33
N GLU C 145 26.06 26.46 16.30
CA GLU C 145 24.79 25.72 16.34
C GLU C 145 23.61 26.61 16.72
N THR C 146 23.44 27.70 15.98
CA THR C 146 22.31 28.60 16.21
C THR C 146 21.39 28.63 15.00
N PRO C 147 20.08 28.39 15.24
CA PRO C 147 19.08 28.33 14.17
C PRO C 147 18.90 29.61 13.37
N MET C 148 18.76 29.47 12.05
CA MET C 148 18.45 30.59 11.16
C MET C 148 19.42 31.74 11.29
N THR C 149 20.62 31.54 10.77
CA THR C 149 21.67 32.54 10.85
C THR C 149 21.31 33.77 10.03
N SER C 150 20.44 33.61 9.04
CA SER C 150 20.08 34.71 8.15
C SER C 150 19.08 35.66 8.79
N HIS C 151 18.69 35.39 10.03
CA HIS C 151 17.78 36.29 10.74
C HIS C 151 18.46 36.88 11.97
N ILE C 152 19.79 36.82 11.99
CA ILE C 152 20.56 37.39 13.08
C ILE C 152 21.24 38.68 12.64
N ARG C 153 20.93 39.79 13.33
CA ARG C 153 21.61 41.04 13.05
C ARG C 153 22.66 41.31 14.13
N TYR C 154 23.68 42.07 13.78
CA TYR C 154 24.81 42.28 14.68
C TYR C 154 25.07 43.76 14.97
N GLU C 155 26.00 44.01 15.90
CA GLU C 155 26.46 45.35 16.21
C GLU C 155 27.94 45.32 16.54
N VAL C 156 28.74 46.04 15.76
CA VAL C 156 30.19 46.06 15.95
C VAL C 156 30.64 47.29 16.75
N ASP C 157 31.47 47.06 17.76
CA ASP C 157 31.98 48.15 18.59
C ASP C 157 33.45 48.43 18.34
N VAL C 158 33.78 49.70 18.12
CA VAL C 158 35.15 50.10 17.85
C VAL C 158 35.71 51.00 18.95
N SER C 159 36.68 50.48 19.69
CA SER C 159 37.35 51.24 20.74
C SER C 159 38.80 51.46 20.35
N ALA C 160 39.31 52.67 20.58
CA ALA C 160 40.68 52.98 20.15
C ALA C 160 41.67 53.05 21.30
N GLY C 161 41.16 53.15 22.53
CA GLY C 161 42.05 53.21 23.68
C GLY C 161 42.52 54.62 23.96
N GLN C 162 43.56 54.74 24.78
CA GLN C 162 44.14 56.02 25.16
C GLN C 162 43.08 56.94 25.76
N GLY C 163 42.09 56.32 26.42
CA GLY C 163 41.04 57.05 27.10
C GLY C 163 39.86 57.42 26.22
N ALA C 164 39.96 57.07 24.93
CA ALA C 164 38.93 57.42 23.97
C ALA C 164 37.66 56.60 24.19
N GLY C 165 37.83 55.29 24.35
CA GLY C 165 36.70 54.39 24.53
C GLY C 165 36.04 54.04 23.22
N SER C 166 34.71 53.87 23.26
CA SER C 166 33.94 53.57 22.06
C SER C 166 33.87 54.79 21.14
N VAL C 167 34.35 54.64 19.92
CA VAL C 167 34.38 55.75 18.97
C VAL C 167 33.42 55.52 17.82
N GLN C 168 33.06 54.25 17.60
CA GLN C 168 32.13 53.88 16.54
C GLN C 168 31.33 52.65 16.91
N ARG C 169 30.06 52.65 16.52
CA ARG C 169 29.22 51.45 16.61
C ARG C 169 28.40 51.34 15.33
N VAL C 170 28.73 50.36 14.52
CA VAL C 170 28.04 50.17 13.25
C VAL C 170 27.03 49.02 13.34
N GLU C 171 25.81 49.28 12.88
CA GLU C 171 24.76 48.27 12.88
C GLU C 171 24.84 47.43 11.62
N ILE C 172 25.04 46.12 11.81
CA ILE C 172 25.14 45.19 10.69
C ILE C 172 23.79 44.54 10.41
N LEU C 173 23.37 44.58 9.15
CA LEU C 173 22.09 44.00 8.75
C LEU C 173 22.02 42.50 8.99
N GLU C 174 20.81 41.97 9.07
CA GLU C 174 20.60 40.55 9.35
C GLU C 174 21.20 39.66 8.27
N GLY C 175 21.91 38.62 8.69
CA GLY C 175 22.46 37.66 7.76
C GLY C 175 23.90 37.94 7.37
N ARG C 176 24.27 39.21 7.40
CA ARG C 176 25.60 39.64 7.00
C ARG C 176 26.61 39.38 8.11
N THR C 177 27.77 38.83 7.74
CA THR C 177 28.79 38.50 8.75
C THR C 177 30.12 39.20 8.51
N GLU C 178 30.12 40.20 7.62
CA GLU C 178 31.34 40.95 7.34
C GLU C 178 31.08 42.46 7.38
N CYS C 179 32.06 43.21 7.84
CA CYS C 179 31.94 44.66 7.97
C CYS C 179 33.20 45.37 7.51
N VAL C 180 33.04 46.40 6.69
CA VAL C 180 34.16 47.19 6.22
C VAL C 180 34.18 48.57 6.87
N LEU C 181 35.10 48.77 7.81
CA LEU C 181 35.20 50.02 8.54
C LEU C 181 36.03 51.06 7.80
N SER C 182 35.56 52.30 7.81
CA SER C 182 36.26 53.39 7.15
C SER C 182 36.61 54.49 8.15
N ASN C 183 37.46 55.42 7.72
CA ASN C 183 37.87 56.55 8.56
C ASN C 183 38.43 56.15 9.91
N LEU C 184 39.56 55.45 9.90
CA LEU C 184 40.25 55.08 11.13
C LEU C 184 41.59 55.81 11.22
N ARG C 185 41.85 56.39 12.39
CA ARG C 185 43.07 57.17 12.59
C ARG C 185 44.30 56.28 12.65
N GLY C 186 45.39 56.75 12.04
CA GLY C 186 46.64 56.02 12.02
C GLY C 186 47.37 56.09 13.35
N ARG C 187 48.33 55.19 13.53
CA ARG C 187 49.11 55.09 14.77
C ARG C 187 48.23 54.95 15.99
N THR C 188 47.12 54.21 15.85
CA THR C 188 46.21 53.98 16.94
C THR C 188 45.91 52.48 17.03
N ARG C 189 45.87 51.95 18.25
CA ARG C 189 45.60 50.54 18.44
C ARG C 189 44.13 50.32 18.73
N TYR C 190 43.37 49.95 17.71
CA TYR C 190 41.93 49.73 17.83
C TYR C 190 41.61 48.35 18.41
N THR C 191 40.41 48.21 18.96
CA THR C 191 39.92 46.94 19.47
C THR C 191 38.47 46.71 19.08
N PHE C 192 38.20 45.63 18.36
CA PHE C 192 36.86 45.37 17.83
C PHE C 192 36.13 44.29 18.60
N ALA C 193 34.80 44.35 18.58
CA ALA C 193 33.95 43.38 19.24
C ALA C 193 32.56 43.33 18.59
N VAL C 194 31.97 42.14 18.56
CA VAL C 194 30.67 41.94 17.91
C VAL C 194 29.66 41.33 18.89
N ARG C 195 28.42 41.81 18.84
CA ARG C 195 27.32 41.24 19.61
C ARG C 195 26.18 40.86 18.68
N ALA C 196 25.36 39.90 19.09
CA ALA C 196 24.31 39.39 18.21
C ALA C 196 22.92 39.40 18.86
N ARG C 197 21.90 39.44 18.02
CA ARG C 197 20.52 39.31 18.47
C ARG C 197 19.63 38.98 17.27
N MET C 198 18.46 38.41 17.53
CA MET C 198 17.53 38.06 16.46
C MET C 198 16.85 39.31 15.88
N ALA C 199 16.57 39.27 14.58
CA ALA C 199 16.11 40.44 13.85
C ALA C 199 14.59 40.57 13.80
N GLU C 200 14.14 41.79 13.53
CA GLU C 200 12.73 42.06 13.32
C GLU C 200 12.27 41.45 11.99
N PRO C 201 10.97 41.23 11.80
CA PRO C 201 9.88 41.44 12.76
C PRO C 201 9.35 40.16 13.41
N SER C 202 9.82 39.01 12.96
CA SER C 202 9.30 37.74 13.45
C SER C 202 10.03 37.25 14.69
N PHE C 203 10.94 38.07 15.21
CA PHE C 203 11.69 37.70 16.40
C PHE C 203 11.99 38.89 17.31
N GLY C 204 12.68 38.63 18.40
CA GLY C 204 13.00 39.66 19.38
C GLY C 204 13.66 39.05 20.60
N GLY C 205 14.30 39.88 21.42
CA GLY C 205 14.96 39.39 22.61
C GLY C 205 15.90 40.38 23.24
N PHE C 206 17.12 39.94 23.52
CA PHE C 206 18.11 40.78 24.19
C PHE C 206 19.47 40.67 23.53
N TRP C 207 20.32 41.68 23.72
CA TRP C 207 21.65 41.67 23.16
C TRP C 207 22.51 40.60 23.81
N SER C 208 23.24 39.86 22.99
CA SER C 208 24.14 38.83 23.48
C SER C 208 25.38 39.45 24.09
N ALA C 209 26.16 38.64 24.79
CA ALA C 209 27.44 39.10 25.34
C ALA C 209 28.37 39.45 24.19
N TRP C 210 29.33 40.33 24.47
CA TRP C 210 30.30 40.74 23.45
C TRP C 210 31.23 39.59 23.08
N SER C 211 31.58 39.51 21.80
CA SER C 211 32.49 38.48 21.31
C SER C 211 33.88 38.66 21.88
N GLU C 212 34.72 37.65 21.73
CA GLU C 212 36.11 37.76 22.12
C GLU C 212 36.77 38.82 21.26
N PRO C 213 37.27 39.89 21.90
CA PRO C 213 37.80 41.07 21.24
C PRO C 213 39.03 40.81 20.37
N VAL C 214 39.25 41.68 19.39
CA VAL C 214 40.42 41.59 18.51
C VAL C 214 41.06 42.95 18.33
N SER C 215 42.34 43.05 18.66
CA SER C 215 43.07 44.31 18.56
C SER C 215 43.82 44.44 17.25
N LEU C 216 44.11 45.67 16.84
CA LEU C 216 44.83 45.91 15.60
C LEU C 216 45.52 47.28 15.63
N LEU C 217 46.75 47.33 15.11
CA LEU C 217 47.53 48.57 15.11
C LEU C 217 47.60 49.16 13.70
N THR C 218 47.20 50.42 13.57
CA THR C 218 47.19 51.10 12.28
C THR C 218 48.54 51.74 11.95
N PRO C 219 48.90 51.76 10.66
CA PRO C 219 50.15 52.37 10.18
C PRO C 219 49.96 53.82 9.76
N SER C 220 50.98 54.39 9.12
CA SER C 220 50.97 55.78 8.65
C SER C 220 50.64 56.75 9.78
N GLU D 8 8.67 -19.88 6.68
CA GLU D 8 8.77 -20.72 5.48
C GLU D 8 8.83 -19.88 4.22
N VAL D 9 7.86 -20.08 3.33
CA VAL D 9 7.78 -19.33 2.09
C VAL D 9 7.50 -17.86 2.34
N GLN D 10 8.30 -17.00 1.73
CA GLN D 10 8.13 -15.56 1.88
C GLN D 10 8.13 -14.87 0.52
N LEU D 11 7.13 -14.03 0.28
CA LEU D 11 7.04 -13.30 -0.98
C LEU D 11 6.83 -11.81 -0.72
N LEU D 12 7.81 -11.01 -1.13
CA LEU D 12 7.76 -9.56 -0.89
C LEU D 12 7.58 -8.80 -2.19
N GLU D 13 6.41 -8.16 -2.33
CA GLU D 13 6.12 -7.36 -3.51
C GLU D 13 6.71 -5.96 -3.37
N SER D 14 7.02 -5.35 -4.50
CA SER D 14 7.52 -3.98 -4.53
C SER D 14 7.16 -3.36 -5.87
N GLY D 15 7.38 -2.07 -6.00
CA GLY D 15 7.04 -1.37 -7.23
C GLY D 15 5.57 -1.03 -7.17
N GLY D 16 5.09 -0.24 -8.12
CA GLY D 16 3.71 0.17 -8.13
C GLY D 16 3.44 1.26 -7.10
N GLY D 17 2.53 2.16 -7.43
CA GLY D 17 2.21 3.28 -6.58
C GLY D 17 1.08 4.06 -7.20
N LEU D 18 1.28 5.36 -7.33
CA LEU D 18 0.25 6.23 -7.90
C LEU D 18 0.74 6.71 -9.27
N VAL D 19 -0.06 6.45 -10.30
CA VAL D 19 0.29 6.88 -11.66
C VAL D 19 -0.93 7.41 -12.41
N GLN D 20 -0.69 7.87 -13.63
CA GLN D 20 -1.75 8.42 -14.47
C GLN D 20 -2.06 7.49 -15.63
N PRO D 21 -3.29 7.60 -16.19
CA PRO D 21 -3.71 6.82 -17.36
C PRO D 21 -2.74 6.93 -18.53
N GLY D 22 -2.22 5.80 -18.99
CA GLY D 22 -1.24 5.76 -20.06
C GLY D 22 0.16 5.53 -19.53
N GLY D 23 0.29 5.57 -18.21
CA GLY D 23 1.57 5.42 -17.54
C GLY D 23 2.14 4.01 -17.59
N SER D 24 3.18 3.77 -16.79
CA SER D 24 3.82 2.47 -16.75
C SER D 24 4.39 2.17 -15.37
N LEU D 25 4.43 0.89 -15.01
CA LEU D 25 4.99 0.45 -13.74
C LEU D 25 5.67 -0.90 -13.87
N ARG D 26 6.49 -1.25 -12.89
CA ARG D 26 7.18 -2.53 -12.88
C ARG D 26 7.15 -3.17 -11.49
N LEU D 27 6.27 -4.16 -11.32
CA LEU D 27 6.16 -4.85 -10.04
C LEU D 27 7.28 -5.88 -9.92
N SER D 28 7.70 -6.13 -8.70
CA SER D 28 8.74 -7.13 -8.46
C SER D 28 8.41 -7.94 -7.22
N CYS D 29 8.68 -9.23 -7.28
CA CYS D 29 8.40 -10.12 -6.17
C CYS D 29 9.67 -10.81 -5.70
N ALA D 30 10.11 -10.48 -4.49
CA ALA D 30 11.30 -11.09 -3.91
C ALA D 30 10.96 -12.40 -3.23
N ALA D 31 11.30 -13.51 -3.88
CA ALA D 31 10.94 -14.83 -3.38
C ALA D 31 12.06 -15.45 -2.56
N SER D 32 11.68 -16.11 -1.47
CA SER D 32 12.64 -16.79 -0.60
C SER D 32 11.94 -17.87 0.22
N GLY D 33 12.69 -18.89 0.61
CA GLY D 33 12.14 -19.97 1.41
C GLY D 33 11.86 -21.21 0.61
N PHE D 34 12.10 -21.14 -0.70
CA PHE D 34 11.86 -22.27 -1.59
C PHE D 34 12.67 -22.15 -2.87
N THR D 35 12.79 -23.26 -3.60
CA THR D 35 13.50 -23.26 -4.87
C THR D 35 12.66 -22.55 -5.93
N PHE D 36 13.05 -21.32 -6.25
CA PHE D 36 12.26 -20.45 -7.11
C PHE D 36 12.08 -21.00 -8.52
N SER D 37 13.11 -21.67 -9.05
CA SER D 37 13.09 -22.11 -10.43
C SER D 37 12.31 -23.41 -10.64
N SER D 38 11.82 -23.99 -9.55
CA SER D 38 11.09 -25.26 -9.62
C SER D 38 9.58 -25.04 -9.67
N TYR D 39 9.16 -23.84 -9.32
CA TYR D 39 7.73 -23.52 -9.29
C TYR D 39 7.36 -22.40 -10.25
N ALA D 40 6.11 -22.35 -10.65
CA ALA D 40 5.61 -21.28 -11.50
C ALA D 40 5.06 -20.17 -10.64
N MET D 41 4.89 -18.98 -11.22
CA MET D 41 4.40 -17.84 -10.47
C MET D 41 3.22 -17.18 -11.20
N SER D 42 2.36 -16.50 -10.44
CA SER D 42 1.20 -15.85 -11.02
C SER D 42 0.97 -14.47 -10.42
N TRP D 43 0.26 -13.62 -11.16
CA TRP D 43 -0.17 -12.33 -10.65
C TRP D 43 -1.68 -12.31 -10.54
N VAL D 44 -2.18 -12.04 -9.33
CA VAL D 44 -3.61 -11.95 -9.09
C VAL D 44 -3.94 -10.60 -8.50
N ARG D 45 -4.84 -9.87 -9.14
CA ARG D 45 -5.19 -8.53 -8.68
C ARG D 45 -6.56 -8.50 -8.03
N GLN D 46 -6.74 -7.58 -7.09
CA GLN D 46 -7.99 -7.48 -6.35
C GLN D 46 -8.55 -6.07 -6.40
N ALA D 47 -9.49 -5.86 -7.32
CA ALA D 47 -10.18 -4.58 -7.44
C ALA D 47 -11.37 -4.53 -6.50
N PRO D 48 -11.74 -3.33 -6.04
CA PRO D 48 -12.88 -3.20 -5.12
C PRO D 48 -14.20 -3.56 -5.80
N GLY D 49 -14.82 -4.65 -5.35
CA GLY D 49 -16.11 -5.05 -5.91
C GLY D 49 -16.02 -5.92 -7.15
N LYS D 50 -14.80 -6.19 -7.60
CA LYS D 50 -14.58 -7.01 -8.79
C LYS D 50 -13.92 -8.32 -8.41
N GLY D 51 -13.62 -8.47 -7.12
CA GLY D 51 -13.00 -9.68 -6.61
C GLY D 51 -11.60 -9.92 -7.16
N LEU D 52 -11.17 -11.17 -7.08
CA LEU D 52 -9.85 -11.55 -7.58
C LEU D 52 -9.87 -11.86 -9.07
N GLU D 53 -8.78 -11.55 -9.76
CA GLU D 53 -8.64 -11.84 -11.18
C GLU D 53 -7.25 -12.38 -11.50
N TRP D 54 -7.21 -13.45 -12.28
CA TRP D 54 -5.95 -14.05 -12.70
C TRP D 54 -5.36 -13.23 -13.84
N VAL D 55 -4.43 -12.35 -13.51
CA VAL D 55 -3.85 -11.42 -14.50
C VAL D 55 -2.93 -12.10 -15.48
N SER D 56 -1.83 -12.64 -14.94
CA SER D 56 -0.82 -13.30 -15.77
C SER D 56 -0.09 -14.36 -14.96
N ALA D 57 0.56 -15.28 -15.67
CA ALA D 57 1.31 -16.34 -15.02
C ALA D 57 2.45 -16.82 -15.90
N ILE D 58 3.54 -17.26 -15.27
CA ILE D 58 4.73 -17.69 -15.98
C ILE D 58 5.23 -19.02 -15.42
N SER D 59 5.74 -19.88 -16.30
CA SER D 59 6.20 -21.21 -15.90
C SER D 59 7.51 -21.15 -15.13
N GLY D 60 7.98 -22.32 -14.71
CA GLY D 60 9.20 -22.43 -13.94
C GLY D 60 10.42 -21.97 -14.71
N SER D 61 10.53 -22.43 -15.94
CA SER D 61 11.66 -22.06 -16.80
C SER D 61 11.40 -20.74 -17.52
N GLY D 62 10.14 -20.32 -17.51
CA GLY D 62 9.76 -19.08 -18.16
C GLY D 62 9.43 -19.24 -19.63
N GLY D 63 9.39 -20.47 -20.10
CA GLY D 63 9.12 -20.73 -21.51
C GLY D 63 7.67 -20.49 -21.90
N SER D 64 6.75 -20.82 -21.00
CA SER D 64 5.33 -20.65 -21.27
C SER D 64 4.72 -19.56 -20.39
N THR D 65 3.90 -18.71 -21.00
CA THR D 65 3.26 -17.60 -20.30
C THR D 65 1.78 -17.48 -20.60
N TYR D 66 1.00 -17.00 -19.63
CA TYR D 66 -0.42 -16.73 -19.85
C TYR D 66 -0.79 -15.30 -19.49
N TYR D 67 -1.66 -14.70 -20.31
CA TYR D 67 -2.16 -13.36 -20.04
C TYR D 67 -3.68 -13.34 -20.16
N ALA D 68 -4.34 -12.55 -19.31
CA ALA D 68 -5.77 -12.33 -19.42
C ALA D 68 -6.07 -11.57 -20.69
N ASP D 69 -7.30 -11.68 -21.18
CA ASP D 69 -7.67 -11.04 -22.43
C ASP D 69 -7.67 -9.51 -22.33
N SER D 70 -7.72 -9.01 -21.11
CA SER D 70 -7.82 -7.56 -20.90
C SER D 70 -6.46 -6.90 -20.73
N VAL D 71 -5.39 -7.69 -20.71
CA VAL D 71 -4.04 -7.15 -20.52
C VAL D 71 -3.09 -7.59 -21.63
N LYS D 72 -3.62 -8.26 -22.64
CA LYS D 72 -2.80 -8.75 -23.75
C LYS D 72 -2.14 -7.60 -24.52
N GLY D 73 -0.83 -7.67 -24.64
CA GLY D 73 -0.06 -6.67 -25.37
C GLY D 73 0.35 -5.50 -24.50
N ARG D 74 -0.32 -5.33 -23.37
CA ARG D 74 -0.03 -4.23 -22.47
C ARG D 74 0.83 -4.68 -21.31
N PHE D 75 0.62 -5.92 -20.86
CA PHE D 75 1.42 -6.46 -19.76
C PHE D 75 2.45 -7.44 -20.29
N THR D 76 3.55 -7.61 -19.57
CA THR D 76 4.59 -8.56 -19.94
C THR D 76 5.25 -9.14 -18.69
N ILE D 77 5.07 -10.44 -18.49
CA ILE D 77 5.59 -11.10 -17.31
C ILE D 77 6.95 -11.75 -17.60
N SER D 78 7.81 -11.79 -16.58
CA SER D 78 9.15 -12.35 -16.72
C SER D 78 9.73 -12.74 -15.36
N ARG D 79 10.85 -13.45 -15.39
CA ARG D 79 11.49 -13.86 -14.14
C ARG D 79 13.00 -14.05 -14.32
N ASP D 80 13.73 -13.84 -13.23
CA ASP D 80 15.17 -14.07 -13.20
C ASP D 80 15.48 -15.12 -12.14
N ASN D 81 15.73 -16.34 -12.58
CA ASN D 81 15.97 -17.45 -11.66
C ASN D 81 17.24 -17.29 -10.84
N SER D 82 18.18 -16.50 -11.35
CA SER D 82 19.43 -16.28 -10.66
C SER D 82 19.26 -15.33 -9.47
N LYS D 83 18.23 -14.48 -9.55
CA LYS D 83 18.00 -13.48 -8.52
C LYS D 83 16.73 -13.77 -7.72
N ASN D 84 16.04 -14.85 -8.07
CA ASN D 84 14.80 -15.25 -7.41
C ASN D 84 13.76 -14.12 -7.40
N THR D 85 13.47 -13.57 -8.56
CA THR D 85 12.58 -12.41 -8.64
C THR D 85 11.59 -12.51 -9.80
N LEU D 86 10.34 -12.18 -9.51
CA LEU D 86 9.28 -12.17 -10.52
C LEU D 86 8.90 -10.75 -10.92
N TYR D 87 8.83 -10.50 -12.23
CA TYR D 87 8.50 -9.16 -12.73
C TYR D 87 7.18 -9.12 -13.49
N LEU D 88 6.58 -7.94 -13.52
CA LEU D 88 5.38 -7.71 -14.31
C LEU D 88 5.40 -6.30 -14.89
N GLN D 89 5.74 -6.20 -16.17
CA GLN D 89 5.84 -4.91 -16.83
C GLN D 89 4.49 -4.45 -17.34
N MET D 90 3.94 -3.41 -16.72
CA MET D 90 2.63 -2.89 -17.11
C MET D 90 2.77 -1.61 -17.91
N ASN D 91 2.41 -1.67 -19.19
CA ASN D 91 2.47 -0.49 -20.05
C ASN D 91 1.08 -0.13 -20.54
N SER D 92 0.91 1.14 -20.95
CA SER D 92 -0.38 1.64 -21.43
C SER D 92 -1.50 1.40 -20.42
N LEU D 93 -1.25 1.75 -19.17
CA LEU D 93 -2.19 1.50 -18.07
C LEU D 93 -3.53 2.19 -18.27
N ARG D 94 -4.58 1.54 -17.78
CA ARG D 94 -5.93 2.11 -17.85
C ARG D 94 -6.46 2.32 -16.45
N ALA D 95 -7.62 2.97 -16.34
CA ALA D 95 -8.21 3.27 -15.05
C ALA D 95 -8.67 1.99 -14.33
N GLU D 96 -9.12 1.02 -15.11
CA GLU D 96 -9.67 -0.21 -14.55
C GLU D 96 -8.60 -1.19 -14.09
N ASP D 97 -7.33 -0.86 -14.34
CA ASP D 97 -6.22 -1.70 -13.89
C ASP D 97 -5.92 -1.43 -12.42
N THR D 98 -6.67 -0.53 -11.83
CA THR D 98 -6.51 -0.16 -10.43
C THR D 98 -6.92 -1.28 -9.48
N ALA D 99 -5.93 -1.95 -8.88
CA ALA D 99 -6.19 -3.03 -7.95
C ALA D 99 -4.94 -3.36 -7.14
N VAL D 100 -5.09 -4.23 -6.15
CA VAL D 100 -3.96 -4.73 -5.39
C VAL D 100 -3.38 -5.97 -6.05
N TYR D 101 -2.17 -5.86 -6.57
CA TYR D 101 -1.56 -6.97 -7.30
C TYR D 101 -0.81 -7.90 -6.36
N TYR D 102 -1.27 -9.14 -6.28
CA TYR D 102 -0.69 -10.13 -5.38
C TYR D 102 0.29 -11.06 -6.10
N CYS D 103 1.41 -11.32 -5.45
CA CYS D 103 2.37 -12.29 -5.95
C CYS D 103 2.00 -13.68 -5.43
N VAL D 104 1.63 -14.58 -6.35
CA VAL D 104 1.15 -15.90 -5.95
C VAL D 104 2.01 -17.03 -6.50
N LYS D 105 2.56 -17.83 -5.60
CA LYS D 105 3.37 -18.98 -5.99
C LYS D 105 2.48 -20.19 -6.31
N ASP D 106 2.71 -20.80 -7.46
CA ASP D 106 1.91 -21.93 -7.89
C ASP D 106 2.41 -23.21 -7.23
N ARG D 107 1.60 -24.27 -7.28
CA ARG D 107 1.97 -25.52 -6.63
C ARG D 107 3.00 -26.30 -7.46
N VAL D 108 2.88 -26.19 -8.78
CA VAL D 108 3.73 -26.95 -9.68
C VAL D 108 4.52 -26.04 -10.62
N ALA D 109 5.23 -26.64 -11.56
CA ALA D 109 6.11 -25.90 -12.46
C ALA D 109 5.33 -25.23 -13.58
N VAL D 110 4.04 -25.51 -13.68
CA VAL D 110 3.21 -24.88 -14.69
C VAL D 110 1.84 -24.53 -14.13
N ALA D 111 1.52 -23.24 -14.16
CA ALA D 111 0.23 -22.78 -13.65
C ALA D 111 -0.88 -23.14 -14.63
N GLY D 112 -1.97 -23.67 -14.10
CA GLY D 112 -3.09 -24.07 -14.91
C GLY D 112 -4.08 -24.91 -14.14
N LYS D 113 -4.86 -25.70 -14.87
CA LYS D 113 -5.88 -26.53 -14.25
C LYS D 113 -5.26 -27.56 -13.31
N GLY D 114 -4.13 -28.12 -13.73
CA GLY D 114 -3.47 -29.17 -12.96
C GLY D 114 -2.82 -28.69 -11.69
N SER D 115 -2.95 -27.40 -11.40
CA SER D 115 -2.37 -26.83 -10.20
C SER D 115 -3.30 -27.05 -9.00
N TYR D 116 -4.59 -27.18 -9.30
CA TYR D 116 -5.66 -27.42 -8.31
C TYR D 116 -5.90 -26.26 -7.34
N TYR D 117 -4.83 -25.59 -6.91
CA TYR D 117 -4.97 -24.47 -5.99
C TYR D 117 -3.73 -23.56 -5.98
N PHE D 118 -3.90 -22.35 -5.45
CA PHE D 118 -2.79 -21.44 -5.27
C PHE D 118 -2.13 -21.70 -3.93
N ASP D 119 -0.82 -21.88 -3.92
CA ASP D 119 -0.11 -22.30 -2.71
C ASP D 119 0.13 -21.16 -1.72
N SER D 120 0.95 -20.19 -2.11
CA SER D 120 1.31 -19.10 -1.21
C SER D 120 1.05 -17.73 -1.82
N TRP D 121 0.55 -16.81 -1.01
CA TRP D 121 0.31 -15.44 -1.44
C TRP D 121 1.28 -14.48 -0.79
N GLY D 122 1.36 -13.26 -1.31
CA GLY D 122 2.22 -12.24 -0.74
C GLY D 122 1.42 -11.13 -0.09
N ARG D 123 2.13 -10.17 0.51
CA ARG D 123 1.48 -9.04 1.17
C ARG D 123 0.70 -8.20 0.16
N GLY D 124 1.23 -8.13 -1.06
CA GLY D 124 0.57 -7.44 -2.15
C GLY D 124 0.90 -5.96 -2.25
N THR D 125 1.13 -5.50 -3.47
CA THR D 125 1.39 -4.08 -3.71
C THR D 125 0.22 -3.42 -4.44
N THR D 126 -0.02 -2.16 -4.14
CA THR D 126 -1.20 -1.46 -4.66
C THR D 126 -0.85 -0.63 -5.89
N VAL D 127 -1.67 -0.77 -6.93
CA VAL D 127 -1.50 0.01 -8.15
C VAL D 127 -2.68 0.94 -8.37
N THR D 128 -2.41 2.24 -8.30
CA THR D 128 -3.45 3.25 -8.45
C THR D 128 -3.34 4.02 -9.76
N VAL D 129 -4.43 4.07 -10.51
CA VAL D 129 -4.44 4.81 -11.77
C VAL D 129 -5.55 5.87 -11.77
N SER D 130 -5.14 7.14 -11.71
CA SER D 130 -6.09 8.26 -11.74
C SER D 130 -5.44 9.51 -12.31
N SER D 131 -6.25 10.55 -12.54
CA SER D 131 -5.75 11.81 -13.07
C SER D 131 -5.45 12.81 -11.95
N GLN E 1 -18.77 -8.90 -13.15
CA GLN E 1 -18.37 -9.03 -11.75
C GLN E 1 -17.56 -10.32 -11.57
N SER E 2 -18.09 -11.28 -10.80
CA SER E 2 -17.42 -12.56 -10.59
C SER E 2 -18.20 -13.69 -11.25
N VAL E 3 -17.49 -14.73 -11.65
CA VAL E 3 -18.12 -15.91 -12.24
C VAL E 3 -18.82 -16.76 -11.18
N LEU E 4 -18.14 -16.97 -10.06
CA LEU E 4 -18.71 -17.68 -8.93
C LEU E 4 -19.43 -16.72 -8.01
N THR E 5 -20.55 -17.15 -7.43
CA THR E 5 -21.36 -16.25 -6.62
C THR E 5 -21.31 -16.60 -5.13
N GLN E 6 -20.86 -15.63 -4.32
CA GLN E 6 -20.87 -15.78 -2.87
C GLN E 6 -21.78 -14.71 -2.26
N PRO E 7 -22.34 -14.99 -1.09
CA PRO E 7 -23.04 -13.92 -0.38
C PRO E 7 -22.05 -12.87 0.11
N PRO E 8 -22.34 -11.58 -0.16
CA PRO E 8 -21.45 -10.47 0.15
C PRO E 8 -21.10 -10.38 1.64
N SER E 9 -22.11 -10.48 2.50
CA SER E 9 -21.89 -10.34 3.93
C SER E 9 -22.63 -11.37 4.75
N VAL E 10 -21.99 -11.84 5.82
CA VAL E 10 -22.60 -12.78 6.74
C VAL E 10 -22.31 -12.40 8.19
N SER E 11 -23.37 -12.22 8.98
CA SER E 11 -23.20 -11.85 10.39
C SER E 11 -23.74 -12.96 11.28
N GLU E 12 -23.02 -13.28 12.35
CA GLU E 12 -23.45 -14.34 13.24
C GLU E 12 -22.85 -14.17 14.64
N ALA E 13 -23.59 -14.61 15.65
CA ALA E 13 -23.14 -14.53 17.03
C ALA E 13 -21.99 -15.51 17.28
N PRO E 14 -21.13 -15.19 18.27
CA PRO E 14 -20.01 -16.07 18.61
C PRO E 14 -20.47 -17.47 19.03
N GLY E 15 -19.68 -18.48 18.67
CA GLY E 15 -19.97 -19.85 19.07
C GLY E 15 -20.91 -20.58 18.13
N GLN E 16 -21.55 -19.85 17.24
CA GLN E 16 -22.51 -20.46 16.32
C GLN E 16 -21.80 -21.07 15.13
N ARG E 17 -22.57 -21.43 14.11
CA ARG E 17 -22.01 -22.03 12.90
C ARG E 17 -22.37 -21.20 11.67
N VAL E 18 -21.41 -21.00 10.79
CA VAL E 18 -21.61 -20.20 9.59
C VAL E 18 -21.39 -21.01 8.33
N THR E 19 -22.31 -20.87 7.39
CA THR E 19 -22.21 -21.53 6.10
C THR E 19 -22.09 -20.51 4.97
N ILE E 20 -20.99 -20.60 4.23
CA ILE E 20 -20.74 -19.71 3.10
C ILE E 20 -20.88 -20.46 1.79
N ALA E 21 -21.89 -20.08 1.00
CA ALA E 21 -22.16 -20.72 -0.28
C ALA E 21 -21.30 -20.15 -1.40
N CYS E 22 -21.06 -20.96 -2.42
CA CYS E 22 -20.30 -20.55 -3.58
C CYS E 22 -20.82 -21.29 -4.80
N SER E 23 -21.85 -20.74 -5.44
CA SER E 23 -22.51 -21.40 -6.56
C SER E 23 -21.85 -21.06 -7.89
N GLY E 24 -21.71 -22.08 -8.74
CA GLY E 24 -21.11 -21.88 -10.05
C GLY E 24 -21.91 -22.58 -11.14
N SER E 25 -21.21 -23.26 -12.04
CA SER E 25 -21.87 -23.97 -13.13
C SER E 25 -21.25 -25.33 -13.34
N SER E 26 -21.64 -25.99 -14.43
CA SER E 26 -21.16 -27.32 -14.73
C SER E 26 -19.75 -27.32 -15.32
N SER E 27 -19.22 -26.14 -15.64
CA SER E 27 -17.91 -26.05 -16.27
C SER E 27 -16.81 -25.68 -15.28
N ASN E 28 -17.15 -24.99 -14.20
CA ASN E 28 -16.16 -24.64 -13.19
C ASN E 28 -16.26 -25.54 -11.96
N ILE E 29 -17.15 -25.18 -11.04
CA ILE E 29 -17.29 -25.90 -9.78
C ILE E 29 -17.85 -27.30 -9.98
N GLY E 30 -18.62 -27.48 -11.06
CA GLY E 30 -19.27 -28.74 -11.32
C GLY E 30 -18.34 -29.94 -11.32
N ASN E 31 -17.24 -29.85 -12.07
CA ASN E 31 -16.34 -30.99 -12.19
C ASN E 31 -14.86 -30.64 -12.01
N ASN E 32 -14.58 -29.60 -11.24
CA ASN E 32 -13.19 -29.21 -10.98
C ASN E 32 -12.96 -28.91 -9.51
N ALA E 33 -11.71 -29.00 -9.08
CA ALA E 33 -11.35 -28.85 -7.67
C ALA E 33 -11.59 -27.44 -7.15
N VAL E 34 -12.36 -27.36 -6.08
CA VAL E 34 -12.67 -26.09 -5.43
C VAL E 34 -11.67 -25.84 -4.31
N SER E 35 -11.21 -24.59 -4.20
CA SER E 35 -10.31 -24.19 -3.13
C SER E 35 -10.84 -22.96 -2.40
N TRP E 36 -10.60 -22.89 -1.09
CA TRP E 36 -11.03 -21.74 -0.30
C TRP E 36 -9.84 -20.96 0.28
N TYR E 37 -9.96 -19.65 0.34
CA TYR E 37 -8.88 -18.80 0.84
C TYR E 37 -9.37 -17.77 1.86
N GLN E 38 -8.64 -17.66 2.97
CA GLN E 38 -8.98 -16.69 4.01
C GLN E 38 -8.07 -15.47 3.96
N GLN E 39 -8.66 -14.28 4.00
CA GLN E 39 -7.90 -13.04 4.00
C GLN E 39 -8.24 -12.17 5.20
N LEU E 40 -7.44 -12.28 6.26
CA LEU E 40 -7.60 -11.46 7.44
C LEU E 40 -7.31 -10.00 7.08
N PRO E 41 -8.02 -9.06 7.72
CA PRO E 41 -7.93 -7.63 7.39
C PRO E 41 -6.50 -7.09 7.45
N GLY E 42 -6.02 -6.63 6.30
CA GLY E 42 -4.70 -6.04 6.19
C GLY E 42 -3.56 -7.06 6.13
N LYS E 43 -3.90 -8.31 5.83
CA LYS E 43 -2.88 -9.35 5.71
C LYS E 43 -3.03 -10.15 4.41
N ALA E 44 -2.08 -11.06 4.19
CA ALA E 44 -2.04 -11.85 2.97
C ALA E 44 -3.02 -13.03 3.02
N PRO E 45 -3.68 -13.31 1.89
CA PRO E 45 -4.60 -14.45 1.75
C PRO E 45 -3.92 -15.77 2.06
N THR E 46 -4.57 -16.59 2.87
CA THR E 46 -4.02 -17.87 3.27
C THR E 46 -4.82 -19.02 2.66
N LEU E 47 -4.15 -20.13 2.36
CA LEU E 47 -4.83 -21.30 1.86
C LEU E 47 -5.68 -21.89 2.98
N LEU E 48 -6.99 -21.93 2.78
CA LEU E 48 -7.92 -22.36 3.83
C LEU E 48 -8.45 -23.77 3.62
N ILE E 49 -8.90 -24.05 2.40
CA ILE E 49 -9.42 -25.37 2.04
C ILE E 49 -9.03 -25.69 0.61
N TYR E 50 -8.51 -26.89 0.38
CA TYR E 50 -8.26 -27.33 -0.99
C TYR E 50 -8.85 -28.72 -1.25
N TYR E 51 -8.92 -29.09 -2.52
CA TYR E 51 -9.49 -30.37 -2.93
C TYR E 51 -10.91 -30.55 -2.39
N ASP E 52 -11.75 -29.55 -2.64
CA ASP E 52 -13.16 -29.57 -2.24
C ASP E 52 -13.37 -29.69 -0.74
N ASN E 53 -12.82 -30.74 -0.13
CA ASN E 53 -13.10 -31.07 1.26
C ASN E 53 -11.87 -31.21 2.15
N LEU E 54 -10.69 -31.32 1.54
CA LEU E 54 -9.48 -31.55 2.33
C LEU E 54 -9.05 -30.31 3.10
N LEU E 55 -8.29 -30.53 4.16
CA LEU E 55 -7.83 -29.46 5.03
C LEU E 55 -6.31 -29.36 5.03
N PRO E 56 -5.78 -28.16 4.72
CA PRO E 56 -4.35 -27.89 4.71
C PRO E 56 -3.72 -28.02 6.09
N SER E 57 -2.43 -28.34 6.13
CA SER E 57 -1.72 -28.49 7.39
C SER E 57 -1.50 -27.15 8.07
N GLY E 58 -2.12 -26.97 9.23
CA GLY E 58 -1.97 -25.74 9.99
C GLY E 58 -3.26 -24.98 10.17
N VAL E 59 -4.29 -25.39 9.43
CA VAL E 59 -5.59 -24.74 9.50
C VAL E 59 -6.42 -25.40 10.60
N SER E 60 -7.18 -24.59 11.34
CA SER E 60 -7.99 -25.10 12.43
C SER E 60 -8.96 -26.18 11.95
N ASP E 61 -9.27 -27.12 12.84
CA ASP E 61 -10.17 -28.22 12.50
C ASP E 61 -11.61 -27.73 12.36
N ARG E 62 -11.87 -26.52 12.86
CA ARG E 62 -13.22 -25.96 12.85
C ARG E 62 -13.66 -25.61 11.43
N PHE E 63 -12.69 -25.57 10.52
CA PHE E 63 -12.96 -25.30 9.11
C PHE E 63 -13.18 -26.60 8.34
N SER E 64 -14.17 -26.61 7.48
CA SER E 64 -14.47 -27.78 6.67
C SER E 64 -15.15 -27.38 5.37
N GLY E 65 -14.88 -28.12 4.31
CA GLY E 65 -15.43 -27.80 3.00
C GLY E 65 -16.22 -28.95 2.41
N SER E 66 -17.25 -28.63 1.66
CA SER E 66 -18.07 -29.64 1.00
C SER E 66 -18.41 -29.21 -0.42
N LYS E 67 -18.99 -30.12 -1.18
CA LYS E 67 -19.33 -29.84 -2.57
C LYS E 67 -20.45 -30.76 -3.05
N SER E 68 -21.49 -30.17 -3.63
CA SER E 68 -22.61 -30.93 -4.17
C SER E 68 -23.04 -30.36 -5.51
N GLY E 69 -22.68 -31.06 -6.59
CA GLY E 69 -23.05 -30.64 -7.92
C GLY E 69 -22.29 -29.42 -8.38
N THR E 70 -22.99 -28.32 -8.57
CA THR E 70 -22.37 -27.07 -9.03
C THR E 70 -22.41 -26.00 -7.94
N SER E 71 -22.06 -26.40 -6.72
CA SER E 71 -22.06 -25.47 -5.60
C SER E 71 -21.20 -26.03 -4.46
N ALA E 72 -20.31 -25.19 -3.94
CA ALA E 72 -19.44 -25.59 -2.84
C ALA E 72 -19.77 -24.80 -1.58
N SER E 73 -19.44 -25.35 -0.42
CA SER E 73 -19.75 -24.67 0.84
C SER E 73 -18.60 -24.75 1.83
N LEU E 74 -18.40 -23.66 2.56
CA LEU E 74 -17.40 -23.60 3.63
C LEU E 74 -18.10 -23.53 4.97
N ALA E 75 -17.68 -24.36 5.92
CA ALA E 75 -18.31 -24.42 7.23
C ALA E 75 -17.37 -23.92 8.32
N ILE E 76 -17.85 -22.99 9.13
CA ILE E 76 -17.07 -22.44 10.23
C ILE E 76 -17.77 -22.70 11.56
N SER E 77 -17.42 -23.81 12.21
CA SER E 77 -18.01 -24.15 13.49
C SER E 77 -17.24 -23.50 14.64
N GLY E 78 -17.93 -23.23 15.74
CA GLY E 78 -17.32 -22.57 16.88
C GLY E 78 -16.75 -21.22 16.50
N LEU E 79 -17.61 -20.37 15.94
CA LEU E 79 -17.19 -19.09 15.40
C LEU E 79 -16.54 -18.22 16.47
N GLN E 80 -15.37 -17.69 16.14
CA GLN E 80 -14.66 -16.81 17.05
C GLN E 80 -14.43 -15.46 16.38
N SER E 81 -14.01 -14.48 17.17
CA SER E 81 -13.76 -13.15 16.65
C SER E 81 -12.53 -13.16 15.77
N GLU E 82 -11.65 -14.15 15.99
CA GLU E 82 -10.43 -14.28 15.22
C GLU E 82 -10.71 -14.67 13.77
N ASP E 83 -11.88 -15.29 13.54
CA ASP E 83 -12.24 -15.76 12.22
C ASP E 83 -12.86 -14.66 11.36
N GLU E 84 -13.06 -13.49 11.98
CA GLU E 84 -13.67 -12.37 11.29
C GLU E 84 -12.75 -11.87 10.17
N ALA E 85 -13.06 -12.26 8.94
CA ALA E 85 -12.24 -11.92 7.80
C ALA E 85 -13.02 -12.00 6.50
N ASP E 86 -12.31 -12.09 5.38
CA ASP E 86 -12.91 -12.21 4.06
C ASP E 86 -12.57 -13.57 3.45
N TYR E 87 -13.58 -14.26 2.91
CA TYR E 87 -13.38 -15.62 2.40
C TYR E 87 -13.70 -15.77 0.93
N TYR E 88 -12.71 -16.23 0.16
CA TYR E 88 -12.87 -16.40 -1.28
C TYR E 88 -12.86 -17.86 -1.68
N CYS E 89 -13.73 -18.20 -2.64
CA CYS E 89 -13.73 -19.53 -3.25
C CYS E 89 -13.20 -19.43 -4.67
N ALA E 90 -12.47 -20.45 -5.09
CA ALA E 90 -11.85 -20.45 -6.41
C ALA E 90 -11.86 -21.85 -7.03
N ALA E 91 -11.98 -21.90 -8.35
CA ALA E 91 -11.94 -23.17 -9.07
C ALA E 91 -11.62 -22.90 -10.53
N TRP E 92 -11.06 -23.90 -11.20
CA TRP E 92 -10.73 -23.75 -12.62
C TRP E 92 -11.97 -23.87 -13.46
N ASP E 93 -12.02 -23.13 -14.56
CA ASP E 93 -13.14 -23.20 -15.48
C ASP E 93 -12.66 -23.82 -16.78
N ASP E 94 -13.52 -24.62 -17.42
CA ASP E 94 -13.13 -25.30 -18.64
C ASP E 94 -13.65 -24.60 -19.90
N SER E 95 -14.79 -23.93 -19.78
CA SER E 95 -15.29 -23.13 -20.90
C SER E 95 -14.37 -21.94 -21.11
N LEU E 96 -14.22 -21.13 -20.06
CA LEU E 96 -13.21 -20.07 -20.02
C LEU E 96 -11.91 -20.70 -19.53
N ASN E 97 -10.89 -20.72 -20.37
CA ASN E 97 -9.64 -21.36 -20.00
C ASN E 97 -8.79 -20.62 -18.97
N ASP E 98 -9.39 -20.29 -17.82
CA ASP E 98 -8.65 -19.62 -16.74
C ASP E 98 -9.30 -19.84 -15.37
N TRP E 99 -8.64 -19.33 -14.34
CA TRP E 99 -9.16 -19.39 -12.98
C TRP E 99 -10.29 -18.39 -12.75
N VAL E 100 -11.31 -18.81 -12.01
CA VAL E 100 -12.37 -17.89 -11.61
C VAL E 100 -12.50 -17.85 -10.10
N PHE E 101 -12.94 -16.71 -9.58
CA PHE E 101 -13.08 -16.50 -8.14
C PHE E 101 -14.49 -16.06 -7.79
N GLY E 102 -14.79 -16.03 -6.49
CA GLY E 102 -16.06 -15.51 -6.03
C GLY E 102 -15.93 -14.06 -5.63
N GLY E 103 -17.06 -13.40 -5.43
CA GLY E 103 -17.07 -12.00 -5.04
C GLY E 103 -16.44 -11.80 -3.67
N GLY E 104 -16.49 -12.85 -2.85
CA GLY E 104 -15.94 -12.79 -1.51
C GLY E 104 -17.04 -12.67 -0.48
N THR E 105 -16.77 -13.16 0.72
CA THR E 105 -17.74 -13.10 1.81
C THR E 105 -17.12 -12.59 3.09
N LYS E 106 -17.62 -11.47 3.59
CA LYS E 106 -17.09 -10.89 4.81
C LYS E 106 -17.88 -11.37 6.03
N VAL E 107 -17.30 -12.29 6.79
CA VAL E 107 -17.96 -12.82 7.98
C VAL E 107 -17.78 -11.87 9.16
N THR E 108 -18.89 -11.37 9.68
CA THR E 108 -18.87 -10.43 10.78
C THR E 108 -19.39 -11.07 12.06
N VAL E 109 -18.67 -10.88 13.16
CA VAL E 109 -19.08 -11.47 14.43
C VAL E 109 -19.67 -10.44 15.38
N LEU E 110 -20.89 -10.68 15.83
CA LEU E 110 -21.58 -9.76 16.74
C LEU E 110 -21.09 -9.95 18.17
N ALA E 111 -21.73 -9.26 19.11
CA ALA E 111 -21.36 -9.36 20.51
C ALA E 111 -22.51 -9.85 21.37
N PHE F 9 4.43 -48.30 0.25
CA PHE F 9 3.55 -48.37 -0.91
C PHE F 9 3.77 -49.67 -1.68
N GLU F 10 4.44 -50.63 -1.04
CA GLU F 10 4.76 -51.90 -1.66
C GLU F 10 3.52 -52.65 -2.14
N SER F 11 2.44 -52.55 -1.37
CA SER F 11 1.19 -53.22 -1.69
C SER F 11 0.59 -52.73 -3.00
N LYS F 12 0.52 -51.42 -3.16
CA LYS F 12 -0.05 -50.82 -4.37
C LYS F 12 0.83 -51.09 -5.58
N ALA F 13 2.14 -51.14 -5.36
CA ALA F 13 3.08 -51.41 -6.44
C ALA F 13 2.89 -52.84 -6.93
N ALA F 14 2.83 -53.77 -5.99
CA ALA F 14 2.67 -55.19 -6.32
C ALA F 14 1.32 -55.45 -6.94
N LEU F 15 0.31 -54.71 -6.50
CA LEU F 15 -1.04 -54.84 -7.06
C LEU F 15 -1.04 -54.47 -8.53
N LEU F 16 -0.28 -53.45 -8.90
CA LEU F 16 -0.19 -53.02 -10.29
C LEU F 16 0.76 -53.93 -11.06
N ALA F 17 1.67 -54.57 -10.34
CA ALA F 17 2.66 -55.44 -10.98
C ALA F 17 2.03 -56.74 -11.46
N ALA F 18 0.78 -56.97 -11.07
CA ALA F 18 0.04 -58.13 -11.54
C ALA F 18 -0.51 -57.86 -12.93
N ARG F 19 -0.99 -56.64 -13.13
CA ARG F 19 -1.56 -56.23 -14.41
C ARG F 19 -0.48 -55.97 -15.46
N GLY F 20 0.78 -55.98 -15.04
CA GLY F 20 1.87 -55.72 -15.95
C GLY F 20 3.15 -56.46 -15.60
N PRO F 21 3.56 -57.39 -16.48
CA PRO F 21 4.78 -58.19 -16.29
C PRO F 21 6.07 -57.36 -16.33
N GLU F 22 6.34 -56.75 -17.48
CA GLU F 22 7.56 -55.97 -17.67
C GLU F 22 7.29 -54.69 -18.44
N GLU F 23 6.49 -53.80 -17.84
CA GLU F 23 6.14 -52.54 -18.48
C GLU F 23 6.36 -51.39 -17.51
N LEU F 24 6.46 -50.18 -18.05
CA LEU F 24 6.65 -49.01 -17.20
C LEU F 24 5.33 -48.64 -16.55
N LEU F 25 5.22 -48.90 -15.25
CA LEU F 25 3.97 -48.68 -14.52
C LEU F 25 4.03 -47.41 -13.70
N CYS F 26 3.08 -46.51 -13.93
CA CYS F 26 3.02 -45.27 -13.18
C CYS F 26 1.65 -45.14 -12.51
N PHE F 27 1.64 -44.56 -11.31
CA PHE F 27 0.41 -44.31 -10.59
C PHE F 27 0.56 -43.20 -9.57
N THR F 28 -0.52 -42.47 -9.32
CA THR F 28 -0.53 -41.44 -8.29
C THR F 28 -1.54 -41.78 -7.22
N GLU F 29 -1.28 -41.35 -6.00
CA GLU F 29 -2.16 -41.67 -4.87
C GLU F 29 -3.03 -40.50 -4.48
N ARG F 30 -2.43 -39.33 -4.29
CA ARG F 30 -3.19 -38.17 -3.84
C ARG F 30 -2.97 -36.95 -4.74
N LEU F 31 -2.66 -37.22 -6.01
CA LEU F 31 -2.52 -36.21 -7.07
C LEU F 31 -1.34 -35.25 -6.89
N GLU F 32 -0.59 -35.40 -5.81
CA GLU F 32 0.58 -34.55 -5.59
C GLU F 32 1.86 -35.39 -5.54
N ASP F 33 1.84 -36.49 -6.26
CA ASP F 33 2.97 -37.42 -6.26
C ASP F 33 2.88 -38.35 -7.47
N LEU F 34 4.00 -38.95 -7.83
CA LEU F 34 4.03 -39.92 -8.92
C LEU F 34 5.16 -40.90 -8.77
N VAL F 35 4.85 -42.18 -8.91
CA VAL F 35 5.86 -43.23 -8.84
C VAL F 35 5.80 -44.08 -10.10
N CYS F 36 6.91 -44.11 -10.83
CA CYS F 36 6.99 -44.97 -12.01
C CYS F 36 8.02 -46.07 -11.77
N PHE F 37 7.65 -47.32 -12.04
CA PHE F 37 8.56 -48.43 -11.79
C PHE F 37 8.46 -49.53 -12.83
N TRP F 38 9.45 -50.40 -12.85
CA TRP F 38 9.45 -51.58 -13.70
C TRP F 38 10.40 -52.62 -13.10
N GLU F 39 10.25 -53.88 -13.54
CA GLU F 39 11.05 -54.96 -12.98
C GLU F 39 11.83 -55.70 -14.08
N GLU F 40 13.08 -56.05 -13.77
CA GLU F 40 13.92 -56.82 -14.68
C GLU F 40 14.67 -57.92 -13.92
N ALA F 41 15.30 -58.82 -14.67
CA ALA F 41 16.03 -59.93 -14.06
C ALA F 41 17.50 -59.92 -14.49
N ALA F 42 18.24 -60.94 -14.05
CA ALA F 42 19.67 -61.09 -14.35
C ALA F 42 20.46 -59.85 -13.95
N GLY F 49 22.06 -53.97 -14.58
CA GLY F 49 22.08 -52.92 -15.60
C GLY F 49 22.11 -51.53 -15.01
N GLN F 50 22.44 -50.55 -15.84
CA GLN F 50 22.45 -49.17 -15.38
C GLN F 50 21.45 -48.37 -16.21
N TYR F 51 20.62 -47.56 -15.56
CA TYR F 51 19.61 -46.80 -16.28
C TYR F 51 19.48 -45.35 -15.82
N SER F 52 18.94 -44.50 -16.70
CA SER F 52 18.69 -43.10 -16.37
C SER F 52 17.24 -42.72 -16.69
N PHE F 53 16.60 -42.01 -15.77
CA PHE F 53 15.19 -41.64 -15.92
C PHE F 53 15.04 -40.17 -16.28
N SER F 54 14.57 -39.90 -17.50
CA SER F 54 14.37 -38.53 -17.96
C SER F 54 12.90 -38.25 -18.25
N TYR F 55 12.45 -37.04 -17.93
CA TYR F 55 11.06 -36.66 -18.18
C TYR F 55 10.92 -35.23 -18.67
N GLN F 56 9.77 -34.93 -19.26
CA GLN F 56 9.48 -33.59 -19.74
C GLN F 56 8.03 -33.20 -19.43
N LEU F 57 7.86 -32.29 -18.48
CA LEU F 57 6.53 -31.83 -18.11
C LEU F 57 6.05 -30.76 -19.07
N GLU F 58 5.05 -31.11 -19.88
CA GLU F 58 4.47 -30.22 -20.87
C GLU F 58 5.53 -29.69 -21.82
N ASP F 59 5.85 -28.41 -21.71
CA ASP F 59 6.82 -27.77 -22.60
C ASP F 59 8.09 -27.36 -21.85
N GLU F 60 8.14 -27.63 -20.55
CA GLU F 60 9.32 -27.36 -19.74
C GLU F 60 10.54 -28.15 -20.23
N PRO F 61 11.74 -27.68 -19.90
CA PRO F 61 12.93 -28.43 -20.30
C PRO F 61 13.00 -29.79 -19.63
N TRP F 62 13.65 -30.75 -20.29
CA TRP F 62 13.80 -32.09 -19.76
C TRP F 62 14.58 -32.07 -18.45
N LYS F 63 14.19 -32.93 -17.52
CA LYS F 63 14.89 -33.06 -16.25
C LYS F 63 15.21 -34.52 -16.00
N LEU F 64 15.99 -34.80 -14.96
CA LEU F 64 16.32 -36.17 -14.62
C LEU F 64 15.76 -36.54 -13.26
N CYS F 65 15.37 -37.79 -13.10
CA CYS F 65 14.78 -38.27 -11.85
C CYS F 65 15.73 -39.24 -11.17
N ARG F 66 15.93 -39.05 -9.87
CA ARG F 66 16.80 -39.94 -9.10
C ARG F 66 16.21 -41.34 -9.07
N LEU F 67 16.92 -42.29 -9.69
CA LEU F 67 16.40 -43.63 -9.84
C LEU F 67 16.83 -44.49 -8.66
N HIS F 68 15.86 -44.96 -7.88
CA HIS F 68 16.12 -45.85 -6.77
C HIS F 68 16.02 -47.30 -7.26
N GLN F 69 16.55 -48.23 -6.47
CA GLN F 69 16.50 -49.64 -6.86
C GLN F 69 16.60 -50.59 -5.69
N ALA F 70 15.78 -51.63 -5.72
CA ALA F 70 15.79 -52.68 -4.71
C ALA F 70 15.16 -53.95 -5.28
N PRO F 71 15.69 -55.12 -4.88
CA PRO F 71 15.13 -56.39 -5.34
C PRO F 71 13.88 -56.81 -4.58
N THR F 72 12.95 -57.47 -5.25
CA THR F 72 11.77 -58.01 -4.58
C THR F 72 11.69 -59.52 -4.84
N ALA F 73 11.12 -60.25 -3.88
CA ALA F 73 10.98 -61.71 -3.97
C ALA F 73 12.25 -62.45 -4.38
N ARG F 74 13.39 -61.74 -4.33
CA ARG F 74 14.69 -62.25 -4.75
C ARG F 74 14.76 -62.67 -6.24
N GLY F 75 13.61 -62.72 -6.89
CA GLY F 75 13.55 -63.13 -8.28
C GLY F 75 13.99 -62.03 -9.24
N ALA F 76 13.49 -60.82 -9.01
CA ALA F 76 13.77 -59.71 -9.91
C ALA F 76 14.12 -58.44 -9.16
N VAL F 77 14.83 -57.54 -9.84
CA VAL F 77 15.20 -56.25 -9.28
C VAL F 77 14.22 -55.19 -9.79
N ARG F 78 13.88 -54.24 -8.92
CA ARG F 78 12.92 -53.20 -9.27
C ARG F 78 13.48 -51.80 -9.21
N PHE F 79 13.42 -51.09 -10.34
CA PHE F 79 13.82 -49.69 -10.40
C PHE F 79 12.59 -48.80 -10.37
N TRP F 80 12.60 -47.78 -9.52
CA TRP F 80 11.48 -46.85 -9.46
C TRP F 80 11.94 -45.40 -9.35
N CYS F 81 11.20 -44.50 -10.00
CA CYS F 81 11.46 -43.07 -9.90
C CYS F 81 10.33 -42.36 -9.16
N SER F 82 10.67 -41.74 -8.04
CA SER F 82 9.70 -40.91 -7.33
C SER F 82 9.82 -39.48 -7.85
N LEU F 83 8.92 -39.13 -8.76
CA LEU F 83 8.95 -37.82 -9.42
C LEU F 83 8.83 -36.70 -8.40
N PRO F 84 9.64 -35.64 -8.58
CA PRO F 84 9.62 -34.47 -7.69
C PRO F 84 8.25 -33.84 -7.56
N THR F 85 7.88 -33.45 -6.34
CA THR F 85 6.55 -32.92 -6.07
C THR F 85 6.24 -31.70 -6.92
N ALA F 86 7.25 -30.91 -7.21
CA ALA F 86 7.08 -29.67 -7.95
C ALA F 86 6.65 -29.89 -9.39
N ASP F 87 6.82 -31.11 -9.90
CA ASP F 87 6.48 -31.39 -11.29
C ASP F 87 5.25 -32.27 -11.41
N THR F 88 4.51 -32.40 -10.32
CA THR F 88 3.30 -33.24 -10.31
C THR F 88 2.08 -32.49 -10.82
N SER F 89 2.15 -32.03 -12.06
CA SER F 89 1.03 -31.30 -12.66
C SER F 89 0.10 -32.21 -13.43
N SER F 90 -1.19 -32.08 -13.18
CA SER F 90 -2.18 -32.90 -13.85
C SER F 90 -2.71 -32.20 -15.10
N PHE F 91 -3.46 -32.94 -15.91
CA PHE F 91 -4.12 -32.42 -17.11
C PHE F 91 -3.13 -31.88 -18.15
N VAL F 92 -1.87 -32.24 -18.00
CA VAL F 92 -0.84 -31.85 -18.96
C VAL F 92 0.01 -33.07 -19.30
N PRO F 93 0.46 -33.16 -20.56
CA PRO F 93 1.26 -34.30 -20.99
C PRO F 93 2.61 -34.39 -20.31
N LEU F 94 2.87 -35.52 -19.66
CA LEU F 94 4.16 -35.77 -19.01
C LEU F 94 4.89 -36.88 -19.74
N GLU F 95 5.84 -36.51 -20.60
CA GLU F 95 6.58 -37.48 -21.38
C GLU F 95 7.67 -38.14 -20.55
N LEU F 96 7.66 -39.47 -20.52
CA LEU F 96 8.63 -40.23 -19.75
C LEU F 96 9.57 -41.02 -20.66
N ARG F 97 10.79 -41.24 -20.19
CA ARG F 97 11.79 -41.92 -20.99
C ARG F 97 12.84 -42.60 -20.13
N VAL F 98 12.91 -43.92 -20.24
CA VAL F 98 13.94 -44.68 -19.54
C VAL F 98 15.00 -45.11 -20.55
N THR F 99 16.24 -44.69 -20.33
CA THR F 99 17.32 -44.99 -21.26
C THR F 99 18.46 -45.72 -20.58
N ALA F 100 19.04 -46.68 -21.30
CA ALA F 100 20.15 -47.47 -20.78
C ALA F 100 21.45 -46.67 -20.81
N ALA F 101 22.48 -47.19 -20.15
CA ALA F 101 23.77 -46.51 -20.09
C ALA F 101 24.41 -46.41 -21.47
N SER F 102 24.09 -47.34 -22.35
CA SER F 102 24.65 -47.35 -23.68
C SER F 102 23.93 -46.36 -24.59
N GLY F 103 22.92 -45.70 -24.04
CA GLY F 103 22.16 -44.73 -24.80
C GLY F 103 20.95 -45.36 -25.48
N ALA F 104 20.92 -46.69 -25.51
CA ALA F 104 19.82 -47.41 -26.12
C ALA F 104 18.55 -47.23 -25.30
N PRO F 105 17.44 -46.94 -25.98
CA PRO F 105 16.16 -46.72 -25.31
C PRO F 105 15.62 -48.00 -24.66
N ARG F 106 14.78 -47.84 -23.65
CA ARG F 106 14.22 -48.97 -22.92
C ARG F 106 12.71 -48.81 -22.82
N TYR F 107 12.27 -47.67 -22.31
CA TYR F 107 10.84 -47.37 -22.19
C TYR F 107 10.54 -45.96 -22.69
N HIS F 108 9.27 -45.73 -23.03
CA HIS F 108 8.82 -44.43 -23.53
C HIS F 108 7.31 -44.30 -23.42
N ARG F 109 6.86 -43.43 -22.52
CA ARG F 109 5.42 -43.23 -22.31
C ARG F 109 5.05 -41.75 -22.22
N VAL F 110 3.83 -41.43 -22.64
CA VAL F 110 3.28 -40.09 -22.48
C VAL F 110 2.01 -40.15 -21.64
N ILE F 111 2.13 -39.93 -20.34
CA ILE F 111 1.00 -40.09 -19.44
C ILE F 111 0.45 -38.77 -18.93
N HIS F 112 -0.76 -38.82 -18.37
CA HIS F 112 -1.34 -37.69 -17.66
C HIS F 112 -1.55 -38.12 -16.21
N ILE F 113 -1.08 -37.31 -15.27
CA ILE F 113 -1.10 -37.68 -13.86
C ILE F 113 -2.51 -38.02 -13.40
N ASN F 114 -3.49 -37.29 -13.91
CA ASN F 114 -4.89 -37.51 -13.55
C ASN F 114 -5.48 -38.79 -14.15
N GLU F 115 -4.71 -39.45 -15.00
CA GLU F 115 -5.21 -40.65 -15.68
C GLU F 115 -4.55 -41.93 -15.17
N VAL F 116 -3.82 -41.83 -14.07
CA VAL F 116 -3.20 -42.99 -13.44
C VAL F 116 -3.36 -42.93 -11.92
N VAL F 117 -4.60 -42.86 -11.46
CA VAL F 117 -4.87 -42.76 -10.03
C VAL F 117 -5.13 -44.13 -9.39
N LEU F 118 -4.50 -44.38 -8.26
CA LEU F 118 -4.71 -45.61 -7.51
C LEU F 118 -5.03 -45.28 -6.05
N LEU F 119 -6.31 -45.07 -5.76
CA LEU F 119 -6.73 -44.68 -4.42
C LEU F 119 -6.54 -45.81 -3.41
N ASP F 120 -6.64 -45.48 -2.13
CA ASP F 120 -6.59 -46.48 -1.07
C ASP F 120 -7.95 -47.15 -0.94
N ALA F 121 -8.01 -48.23 -0.17
CA ALA F 121 -9.26 -48.94 0.04
C ALA F 121 -10.18 -48.16 0.95
N PRO F 122 -11.48 -48.11 0.61
CA PRO F 122 -12.51 -47.47 1.44
C PRO F 122 -12.55 -48.05 2.85
N VAL F 123 -13.09 -47.30 3.80
CA VAL F 123 -13.11 -47.74 5.19
C VAL F 123 -14.47 -47.51 5.84
N GLY F 124 -14.61 -48.01 7.06
CA GLY F 124 -15.82 -47.79 7.85
C GLY F 124 -17.03 -48.45 7.24
N LEU F 125 -16.83 -49.64 6.69
CA LEU F 125 -17.92 -50.39 6.08
C LEU F 125 -18.84 -50.97 7.15
N VAL F 126 -20.14 -50.69 7.04
CA VAL F 126 -21.13 -51.24 7.96
C VAL F 126 -22.41 -51.66 7.23
N ALA F 127 -23.02 -52.75 7.70
CA ALA F 127 -24.25 -53.23 7.08
C ALA F 127 -25.38 -53.27 8.10
N ARG F 128 -26.59 -52.92 7.64
CA ARG F 128 -27.75 -52.87 8.50
C ARG F 128 -28.96 -53.49 7.80
N LEU F 129 -29.84 -54.11 8.58
CA LEU F 129 -31.02 -54.75 8.03
C LEU F 129 -32.11 -53.74 7.71
N ALA F 130 -32.47 -53.68 6.44
CA ALA F 130 -33.44 -52.72 5.92
C ALA F 130 -34.87 -53.09 6.33
N ASP F 131 -35.82 -52.21 6.03
CA ASP F 131 -37.19 -52.39 6.48
C ASP F 131 -37.87 -53.42 5.58
N GLU F 132 -37.90 -53.16 4.27
CA GLU F 132 -38.43 -54.14 3.34
C GLU F 132 -37.61 -55.42 3.45
N SER F 133 -38.29 -56.54 3.70
CA SER F 133 -37.62 -57.83 3.91
C SER F 133 -36.86 -58.30 2.68
N GLY F 134 -35.60 -58.65 2.87
CA GLY F 134 -34.74 -59.09 1.78
C GLY F 134 -33.80 -58.00 1.32
N HIS F 135 -33.81 -56.88 2.04
CA HIS F 135 -32.97 -55.74 1.70
C HIS F 135 -31.93 -55.45 2.77
N VAL F 136 -30.74 -55.06 2.34
CA VAL F 136 -29.66 -54.68 3.25
C VAL F 136 -29.10 -53.31 2.86
N VAL F 137 -28.93 -52.43 3.84
CA VAL F 137 -28.42 -51.09 3.59
C VAL F 137 -26.93 -50.96 3.89
N LEU F 138 -26.14 -50.68 2.85
CA LEU F 138 -24.71 -50.51 3.02
C LEU F 138 -24.30 -49.04 3.09
N ARG F 139 -23.48 -48.72 4.08
CA ARG F 139 -22.92 -47.39 4.22
C ARG F 139 -21.43 -47.48 4.50
N TRP F 140 -20.63 -46.66 3.81
CA TRP F 140 -19.19 -46.65 4.01
C TRP F 140 -18.62 -45.24 3.87
N LEU F 141 -17.35 -45.09 4.24
CA LEU F 141 -16.65 -43.81 4.14
C LEU F 141 -15.58 -43.87 3.07
N PRO F 142 -15.39 -42.76 2.33
CA PRO F 142 -14.33 -42.65 1.33
C PRO F 142 -12.96 -42.81 1.97
N PRO F 143 -11.94 -43.18 1.18
CA PRO F 143 -10.58 -43.37 1.69
C PRO F 143 -10.10 -42.15 2.47
N PRO F 144 -9.45 -42.36 3.63
CA PRO F 144 -9.02 -41.28 4.53
C PRO F 144 -8.15 -40.24 3.84
N GLU F 145 -8.52 -38.98 4.00
CA GLU F 145 -7.76 -37.85 3.44
C GLU F 145 -7.53 -38.02 1.95
N THR F 146 -8.61 -38.20 1.20
CA THR F 146 -8.54 -38.35 -0.25
C THR F 146 -9.19 -37.17 -0.94
N PRO F 147 -8.45 -36.54 -1.87
CA PRO F 147 -8.92 -35.35 -2.59
C PRO F 147 -10.16 -35.60 -3.43
N MET F 148 -11.08 -34.64 -3.42
CA MET F 148 -12.26 -34.66 -4.28
C MET F 148 -13.07 -35.93 -4.11
N THR F 149 -13.72 -36.07 -2.95
CA THR F 149 -14.49 -37.26 -2.64
C THR F 149 -15.72 -37.39 -3.52
N SER F 150 -16.18 -36.27 -4.05
CA SER F 150 -17.38 -36.27 -4.88
C SER F 150 -17.09 -36.75 -6.29
N HIS F 151 -15.83 -37.11 -6.54
CA HIS F 151 -15.44 -37.65 -7.84
C HIS F 151 -14.96 -39.09 -7.77
N ILE F 152 -15.32 -39.76 -6.68
CA ILE F 152 -14.98 -41.17 -6.51
C ILE F 152 -16.21 -42.05 -6.73
N ARG F 153 -16.14 -42.96 -7.69
CA ARG F 153 -17.23 -43.91 -7.87
C ARG F 153 -16.77 -45.24 -7.27
N TYR F 154 -17.72 -46.06 -6.85
CA TYR F 154 -17.39 -47.28 -6.14
C TYR F 154 -17.94 -48.53 -6.81
N GLU F 155 -17.57 -49.68 -6.27
CA GLU F 155 -18.10 -50.96 -6.71
C GLU F 155 -18.24 -51.86 -5.50
N VAL F 156 -19.46 -52.33 -5.25
CA VAL F 156 -19.75 -53.19 -4.11
C VAL F 156 -19.82 -54.66 -4.51
N ASP F 157 -19.13 -55.51 -3.76
CA ASP F 157 -19.14 -56.95 -4.04
C ASP F 157 -19.92 -57.72 -2.99
N VAL F 158 -20.83 -58.60 -3.45
CA VAL F 158 -21.64 -59.41 -2.55
C VAL F 158 -21.29 -60.88 -2.63
N SER F 159 -20.70 -61.41 -1.56
CA SER F 159 -20.33 -62.81 -1.49
C SER F 159 -21.18 -63.49 -0.42
N ALA F 160 -21.69 -64.68 -0.73
CA ALA F 160 -22.59 -65.35 0.20
C ALA F 160 -21.98 -66.56 0.91
N GLY F 161 -20.86 -67.06 0.39
CA GLY F 161 -20.22 -68.20 1.03
C GLY F 161 -20.83 -69.51 0.58
N GLN F 162 -20.56 -70.57 1.35
CA GLN F 162 -21.06 -71.91 1.07
C GLN F 162 -20.67 -72.36 -0.34
N GLY F 163 -19.54 -71.85 -0.81
CA GLY F 163 -19.00 -72.21 -2.10
C GLY F 163 -19.58 -71.40 -3.24
N ALA F 164 -20.52 -70.51 -2.91
CA ALA F 164 -21.18 -69.70 -3.93
C ALA F 164 -20.22 -68.64 -4.46
N GLY F 165 -19.55 -67.94 -3.55
CA GLY F 165 -18.62 -66.90 -3.91
C GLY F 165 -19.34 -65.59 -4.22
N SER F 166 -18.80 -64.83 -5.16
CA SER F 166 -19.42 -63.59 -5.58
C SER F 166 -20.70 -63.86 -6.33
N VAL F 167 -21.82 -63.33 -5.84
CA VAL F 167 -23.10 -63.57 -6.47
C VAL F 167 -23.70 -62.31 -7.10
N GLN F 168 -23.24 -61.15 -6.64
CA GLN F 168 -23.76 -59.88 -7.15
C GLN F 168 -22.68 -58.80 -7.08
N ARG F 169 -22.63 -57.94 -8.09
CA ARG F 169 -21.76 -56.78 -8.08
C ARG F 169 -22.47 -55.53 -8.60
N VAL F 170 -22.72 -54.59 -7.69
CA VAL F 170 -23.43 -53.37 -8.05
C VAL F 170 -22.47 -52.20 -8.18
N GLU F 171 -22.61 -51.45 -9.27
CA GLU F 171 -21.81 -50.26 -9.54
C GLU F 171 -22.45 -49.03 -8.91
N ILE F 172 -21.71 -48.38 -8.01
CA ILE F 172 -22.22 -47.21 -7.31
C ILE F 172 -21.81 -45.92 -8.04
N LEU F 173 -22.78 -45.04 -8.28
CA LEU F 173 -22.53 -43.80 -8.99
C LEU F 173 -21.54 -42.90 -8.29
N GLU F 174 -20.97 -41.97 -9.05
CA GLU F 174 -19.95 -41.06 -8.56
C GLU F 174 -20.44 -40.19 -7.43
N GLY F 175 -19.68 -40.15 -6.34
CA GLY F 175 -20.00 -39.28 -5.21
C GLY F 175 -20.78 -39.96 -4.11
N ARG F 176 -21.58 -40.95 -4.49
CA ARG F 176 -22.46 -41.66 -3.54
C ARG F 176 -21.72 -42.72 -2.73
N THR F 177 -22.02 -42.77 -1.44
CA THR F 177 -21.35 -43.68 -0.53
C THR F 177 -22.33 -44.65 0.12
N GLU F 178 -23.53 -44.77 -0.46
CA GLU F 178 -24.56 -45.65 0.09
C GLU F 178 -25.15 -46.58 -0.96
N CYS F 179 -25.45 -47.81 -0.54
CA CYS F 179 -26.01 -48.81 -1.45
C CYS F 179 -27.12 -49.62 -0.78
N VAL F 180 -28.25 -49.74 -1.47
CA VAL F 180 -29.37 -50.53 -0.97
C VAL F 180 -29.53 -51.80 -1.80
N LEU F 181 -29.15 -52.94 -1.21
CA LEU F 181 -29.21 -54.21 -1.91
C LEU F 181 -30.59 -54.86 -1.84
N SER F 182 -31.04 -55.41 -2.95
CA SER F 182 -32.35 -56.05 -3.02
C SER F 182 -32.23 -57.51 -3.42
N ASN F 183 -33.33 -58.26 -3.27
CA ASN F 183 -33.38 -59.67 -3.66
C ASN F 183 -32.27 -60.49 -3.01
N LEU F 184 -32.30 -60.57 -1.69
CA LEU F 184 -31.32 -61.37 -0.95
C LEU F 184 -31.99 -62.55 -0.26
N ARG F 185 -31.38 -63.72 -0.42
CA ARG F 185 -31.91 -64.97 0.14
C ARG F 185 -31.76 -65.02 1.67
N GLY F 186 -32.78 -65.55 2.33
CA GLY F 186 -32.79 -65.68 3.78
C GLY F 186 -31.92 -66.80 4.31
N ARG F 187 -31.62 -66.75 5.60
CA ARG F 187 -30.79 -67.74 6.28
C ARG F 187 -29.45 -67.92 5.57
N THR F 188 -28.90 -66.81 5.10
CA THR F 188 -27.62 -66.84 4.40
C THR F 188 -26.68 -65.79 5.01
N ARG F 189 -25.40 -66.15 5.16
CA ARG F 189 -24.41 -65.24 5.70
C ARG F 189 -23.65 -64.55 4.58
N TYR F 190 -24.08 -63.33 4.25
CA TYR F 190 -23.45 -62.56 3.19
C TYR F 190 -22.19 -61.85 3.67
N THR F 191 -21.32 -61.50 2.73
CA THR F 191 -20.12 -60.74 3.04
C THR F 191 -19.92 -59.63 2.01
N PHE F 192 -19.89 -58.38 2.48
CA PHE F 192 -19.82 -57.24 1.58
C PHE F 192 -18.44 -56.61 1.57
N ALA F 193 -18.09 -56.00 0.45
CA ALA F 193 -16.81 -55.30 0.32
C ALA F 193 -16.90 -54.22 -0.76
N VAL F 194 -16.20 -53.12 -0.54
CA VAL F 194 -16.24 -51.99 -1.47
C VAL F 194 -14.84 -51.56 -1.90
N ARG F 195 -14.68 -51.28 -3.19
CA ARG F 195 -13.44 -50.72 -3.69
C ARG F 195 -13.72 -49.42 -4.43
N ALA F 196 -12.72 -48.56 -4.52
CA ALA F 196 -12.94 -47.21 -5.04
C ALA F 196 -12.02 -46.85 -6.21
N ARG F 197 -12.44 -45.85 -6.99
CA ARG F 197 -11.63 -45.31 -8.06
C ARG F 197 -12.14 -43.93 -8.45
N MET F 198 -11.26 -43.12 -9.05
CA MET F 198 -11.64 -41.78 -9.48
C MET F 198 -12.51 -41.87 -10.73
N ALA F 199 -13.46 -40.95 -10.86
CA ALA F 199 -14.47 -41.08 -11.91
C ALA F 199 -14.12 -40.36 -13.20
N GLU F 200 -14.75 -40.80 -14.28
CA GLU F 200 -14.64 -40.15 -15.58
C GLU F 200 -15.39 -38.82 -15.54
N PRO F 201 -15.09 -37.92 -16.50
CA PRO F 201 -14.10 -38.02 -17.56
C PRO F 201 -12.81 -37.25 -17.28
N SER F 202 -12.77 -36.50 -16.18
CA SER F 202 -11.61 -35.68 -15.86
C SER F 202 -10.57 -36.48 -15.09
N PHE F 203 -10.82 -37.78 -14.91
CA PHE F 203 -9.88 -38.64 -14.20
C PHE F 203 -9.86 -40.05 -14.78
N GLY F 204 -9.04 -40.91 -14.18
CA GLY F 204 -8.90 -42.28 -14.61
C GLY F 204 -7.80 -42.98 -13.85
N GLY F 205 -7.79 -44.32 -13.89
CA GLY F 205 -6.79 -45.08 -13.17
C GLY F 205 -7.11 -46.55 -13.02
N PHE F 206 -7.00 -47.06 -11.80
CA PHE F 206 -7.22 -48.47 -11.52
C PHE F 206 -8.07 -48.68 -10.27
N TRP F 207 -8.71 -49.85 -10.16
CA TRP F 207 -9.52 -50.15 -8.99
C TRP F 207 -8.65 -50.30 -7.75
N SER F 208 -9.08 -49.71 -6.65
CA SER F 208 -8.37 -49.83 -5.38
C SER F 208 -8.57 -51.22 -4.80
N ALA F 209 -7.80 -51.54 -3.76
CA ALA F 209 -7.97 -52.82 -3.07
C ALA F 209 -9.33 -52.85 -2.41
N TRP F 210 -9.85 -54.05 -2.19
CA TRP F 210 -11.15 -54.21 -1.54
C TRP F 210 -11.05 -53.78 -0.09
N SER F 211 -12.12 -53.16 0.40
CA SER F 211 -12.18 -52.72 1.79
C SER F 211 -12.22 -53.91 2.73
N GLU F 212 -12.01 -53.66 4.01
CA GLU F 212 -12.15 -54.70 5.02
C GLU F 212 -13.59 -55.17 5.03
N PRO F 213 -13.81 -56.47 4.74
CA PRO F 213 -15.13 -57.06 4.55
C PRO F 213 -16.00 -56.99 5.79
N VAL F 214 -17.31 -57.02 5.59
CA VAL F 214 -18.28 -57.05 6.68
C VAL F 214 -19.35 -58.09 6.40
N SER F 215 -19.53 -59.01 7.33
CA SER F 215 -20.51 -60.08 7.15
C SER F 215 -21.84 -59.76 7.82
N LEU F 216 -22.90 -60.41 7.34
CA LEU F 216 -24.24 -60.21 7.89
C LEU F 216 -25.12 -61.43 7.60
N LEU F 217 -25.91 -61.84 8.59
CA LEU F 217 -26.76 -63.01 8.45
C LEU F 217 -28.23 -62.60 8.31
N THR F 218 -28.88 -63.08 7.26
CA THR F 218 -30.27 -62.75 7.00
C THR F 218 -31.22 -63.69 7.76
N PRO F 219 -32.38 -63.16 8.19
CA PRO F 219 -33.37 -63.96 8.92
C PRO F 219 -34.43 -64.59 8.02
N SER F 220 -35.47 -65.14 8.63
CA SER F 220 -36.56 -65.80 7.91
C SER F 220 -36.07 -66.90 6.98
N GLU G 8 -43.86 -83.85 -31.98
CA GLU G 8 -43.06 -84.66 -31.07
C GLU G 8 -43.75 -84.84 -29.73
N VAL G 9 -43.75 -83.77 -28.93
CA VAL G 9 -44.40 -83.77 -27.62
C VAL G 9 -45.92 -83.86 -27.77
N GLN G 10 -46.53 -84.76 -27.03
CA GLN G 10 -47.97 -84.93 -27.08
C GLN G 10 -48.58 -84.93 -25.68
N LEU G 11 -49.62 -84.12 -25.49
CA LEU G 11 -50.32 -84.06 -24.22
C LEU G 11 -51.82 -84.20 -24.43
N LEU G 12 -52.39 -85.29 -23.91
CA LEU G 12 -53.81 -85.57 -24.08
C LEU G 12 -54.58 -85.46 -22.76
N GLU G 13 -55.44 -84.46 -22.67
CA GLU G 13 -56.26 -84.27 -21.48
C GLU G 13 -57.53 -85.11 -21.53
N SER G 14 -58.01 -85.52 -20.37
CA SER G 14 -59.25 -86.28 -20.29
C SER G 14 -59.92 -86.13 -18.91
N GLY G 15 -61.12 -86.66 -18.79
CA GLY G 15 -61.84 -86.64 -17.52
C GLY G 15 -62.64 -85.40 -17.19
N GLY G 16 -62.77 -84.49 -18.16
CA GLY G 16 -63.50 -83.26 -17.92
C GLY G 16 -64.91 -83.32 -18.46
N GLY G 17 -65.85 -82.64 -17.81
CA GLY G 17 -67.22 -82.62 -18.27
C GLY G 17 -68.13 -81.68 -17.50
N LEU G 18 -69.32 -82.17 -17.16
CA LEU G 18 -70.32 -81.36 -16.47
C LEU G 18 -70.65 -81.85 -15.07
N VAL G 19 -70.53 -80.97 -14.08
CA VAL G 19 -70.90 -81.29 -12.70
C VAL G 19 -71.61 -80.13 -12.03
N GLN G 20 -72.07 -80.35 -10.81
CA GLN G 20 -72.78 -79.34 -10.04
C GLN G 20 -71.91 -78.86 -8.88
N PRO G 21 -72.17 -77.65 -8.38
CA PRO G 21 -71.43 -77.11 -7.22
C PRO G 21 -71.41 -78.07 -6.05
N GLY G 22 -70.21 -78.43 -5.59
CA GLY G 22 -70.05 -79.41 -4.53
C GLY G 22 -69.62 -80.74 -5.12
N GLY G 23 -69.64 -80.82 -6.44
CA GLY G 23 -69.30 -82.05 -7.14
C GLY G 23 -67.82 -82.37 -7.10
N SER G 24 -67.42 -83.35 -7.90
CA SER G 24 -66.02 -83.76 -7.95
C SER G 24 -65.64 -84.26 -9.34
N LEU G 25 -64.38 -84.06 -9.70
CA LEU G 25 -63.88 -84.53 -10.99
C LEU G 25 -62.40 -84.90 -10.87
N ARG G 26 -61.91 -85.68 -11.83
CA ARG G 26 -60.50 -86.08 -11.84
C ARG G 26 -59.91 -85.99 -13.24
N LEU G 27 -59.12 -84.95 -13.49
CA LEU G 27 -58.50 -84.73 -14.79
C LEU G 27 -57.25 -85.59 -14.96
N SER G 28 -56.95 -85.95 -16.20
CA SER G 28 -55.77 -86.76 -16.49
C SER G 28 -55.04 -86.27 -17.74
N CYS G 29 -53.72 -86.31 -17.70
CA CYS G 29 -52.90 -85.88 -18.83
C CYS G 29 -51.97 -87.00 -19.29
N ALA G 30 -52.23 -87.53 -20.47
CA ALA G 30 -51.41 -88.58 -21.05
C ALA G 30 -50.23 -87.99 -21.82
N ALA G 31 -49.04 -88.04 -21.22
CA ALA G 31 -47.86 -87.43 -21.83
C ALA G 31 -47.03 -88.41 -22.65
N SER G 32 -46.52 -87.93 -23.77
CA SER G 32 -45.67 -88.73 -24.64
C SER G 32 -44.82 -87.83 -25.54
N GLY G 33 -43.68 -88.34 -25.99
CA GLY G 33 -42.80 -87.60 -26.87
C GLY G 33 -41.58 -87.02 -26.18
N PHE G 34 -41.50 -87.23 -24.87
CA PHE G 34 -40.38 -86.73 -24.08
C PHE G 34 -40.24 -87.52 -22.78
N THR G 35 -39.09 -87.38 -22.12
CA THR G 35 -38.88 -88.05 -20.85
C THR G 35 -39.69 -87.37 -19.75
N PHE G 36 -40.79 -88.03 -19.37
CA PHE G 36 -41.77 -87.44 -18.45
C PHE G 36 -41.19 -87.15 -17.08
N SER G 37 -40.30 -88.01 -16.60
CA SER G 37 -39.81 -87.93 -15.23
C SER G 37 -38.72 -86.88 -15.06
N SER G 38 -38.32 -86.25 -16.17
CA SER G 38 -37.25 -85.27 -16.13
C SER G 38 -37.78 -83.84 -16.07
N TYR G 39 -39.06 -83.67 -16.37
CA TYR G 39 -39.66 -82.35 -16.41
C TYR G 39 -40.79 -82.20 -15.41
N ALA G 40 -41.08 -80.96 -15.04
CA ALA G 40 -42.20 -80.65 -14.16
C ALA G 40 -43.45 -80.38 -14.99
N MET G 41 -44.62 -80.46 -14.36
CA MET G 41 -45.88 -80.25 -15.07
C MET G 41 -46.76 -79.23 -14.37
N SER G 42 -47.64 -78.60 -15.13
CA SER G 42 -48.53 -77.58 -14.60
C SER G 42 -49.95 -77.69 -15.15
N TRP G 43 -50.91 -77.12 -14.42
CA TRP G 43 -52.28 -77.00 -14.91
C TRP G 43 -52.64 -75.54 -15.09
N VAL G 44 -53.04 -75.17 -16.31
CA VAL G 44 -53.44 -73.80 -16.59
C VAL G 44 -54.84 -73.78 -17.18
N ARG G 45 -55.75 -73.06 -16.53
CA ARG G 45 -57.14 -73.03 -16.97
C ARG G 45 -57.50 -71.72 -17.66
N GLN G 46 -58.47 -71.79 -18.56
CA GLN G 46 -58.90 -70.64 -19.34
C GLN G 46 -60.40 -70.42 -19.21
N ALA G 47 -60.77 -69.41 -18.42
CA ALA G 47 -62.17 -69.05 -18.27
C ALA G 47 -62.59 -68.23 -19.49
N PRO G 48 -63.89 -68.29 -19.83
CA PRO G 48 -64.36 -67.60 -21.04
C PRO G 48 -64.16 -66.08 -21.04
N GLY G 49 -64.63 -65.40 -20.01
CA GLY G 49 -64.47 -63.96 -19.94
C GLY G 49 -63.15 -63.51 -19.33
N LYS G 50 -62.34 -64.46 -18.91
CA LYS G 50 -61.05 -64.14 -18.31
C LYS G 50 -59.88 -64.65 -19.15
N GLY G 51 -58.66 -64.39 -18.66
CA GLY G 51 -57.45 -64.83 -19.31
C GLY G 51 -57.01 -66.17 -18.76
N LEU G 52 -55.72 -66.46 -18.90
CA LEU G 52 -55.17 -67.71 -18.39
C LEU G 52 -54.83 -67.59 -16.91
N GLU G 53 -54.96 -68.69 -16.18
CA GLU G 53 -54.62 -68.71 -14.77
C GLU G 53 -53.82 -69.97 -14.41
N TRP G 54 -52.75 -69.78 -13.67
CA TRP G 54 -51.89 -70.88 -13.23
C TRP G 54 -52.53 -71.60 -12.05
N VAL G 55 -53.20 -72.71 -12.31
CA VAL G 55 -53.94 -73.43 -11.28
C VAL G 55 -53.02 -74.15 -10.29
N SER G 56 -52.28 -75.12 -10.79
CA SER G 56 -51.37 -75.91 -9.94
C SER G 56 -50.21 -76.46 -10.75
N ALA G 57 -49.14 -76.84 -10.03
CA ALA G 57 -47.96 -77.39 -10.68
C ALA G 57 -47.21 -78.34 -9.76
N ILE G 58 -46.55 -79.32 -10.37
CA ILE G 58 -45.83 -80.34 -9.62
C ILE G 58 -44.46 -80.58 -10.22
N SER G 59 -43.46 -80.81 -9.37
CA SER G 59 -42.09 -80.99 -9.84
C SER G 59 -41.91 -82.35 -10.52
N GLY G 60 -40.70 -82.61 -10.99
CA GLY G 60 -40.40 -83.84 -11.71
C GLY G 60 -40.59 -85.10 -10.90
N SER G 61 -40.06 -85.10 -9.68
CA SER G 61 -40.16 -86.27 -8.82
C SER G 61 -41.49 -86.28 -8.07
N GLY G 62 -42.16 -85.14 -8.07
CA GLY G 62 -43.44 -85.02 -7.39
C GLY G 62 -43.29 -84.63 -5.94
N GLY G 63 -42.07 -84.32 -5.53
CA GLY G 63 -41.79 -83.94 -4.15
C GLY G 63 -42.32 -82.57 -3.80
N SER G 64 -42.27 -81.66 -4.77
CA SER G 64 -42.72 -80.29 -4.56
C SER G 64 -43.97 -79.99 -5.38
N THR G 65 -44.94 -79.34 -4.72
CA THR G 65 -46.21 -79.01 -5.37
C THR G 65 -46.61 -77.57 -5.11
N TYR G 66 -47.27 -76.96 -6.09
CA TYR G 66 -47.82 -75.61 -5.92
C TYR G 66 -49.31 -75.59 -6.25
N TYR G 67 -50.06 -74.81 -5.48
CA TYR G 67 -51.47 -74.60 -5.73
C TYR G 67 -51.79 -73.11 -5.71
N ALA G 68 -52.71 -72.68 -6.56
CA ALA G 68 -53.19 -71.31 -6.52
C ALA G 68 -53.95 -71.09 -5.22
N ASP G 69 -54.06 -69.84 -4.79
CA ASP G 69 -54.70 -69.54 -3.51
C ASP G 69 -56.19 -69.86 -3.52
N SER G 70 -56.78 -69.94 -4.71
CA SER G 70 -58.21 -70.13 -4.84
C SER G 70 -58.61 -71.60 -4.92
N VAL G 71 -57.63 -72.49 -4.99
CA VAL G 71 -57.92 -73.92 -5.08
C VAL G 71 -57.19 -74.70 -4.00
N LYS G 72 -56.52 -73.99 -3.10
CA LYS G 72 -55.78 -74.62 -2.02
C LYS G 72 -56.71 -75.41 -1.11
N GLY G 73 -56.41 -76.68 -0.91
CA GLY G 73 -57.19 -77.53 -0.04
C GLY G 73 -58.33 -78.22 -0.76
N ARG G 74 -58.70 -77.69 -1.92
CA ARG G 74 -59.79 -78.25 -2.70
C ARG G 74 -59.28 -79.08 -3.86
N PHE G 75 -58.14 -78.68 -4.43
CA PHE G 75 -57.53 -79.41 -5.53
C PHE G 75 -56.31 -80.19 -5.06
N THR G 76 -55.96 -81.25 -5.78
CA THR G 76 -54.79 -82.04 -5.45
C THR G 76 -54.10 -82.55 -6.71
N ILE G 77 -52.88 -82.09 -6.93
CA ILE G 77 -52.12 -82.46 -8.13
C ILE G 77 -51.19 -83.63 -7.83
N SER G 78 -51.00 -84.50 -8.83
CA SER G 78 -50.16 -85.68 -8.67
C SER G 78 -49.70 -86.21 -10.03
N ARG G 79 -48.77 -87.16 -10.01
CA ARG G 79 -48.26 -87.72 -11.25
C ARG G 79 -47.78 -89.16 -11.07
N ASP G 80 -47.86 -89.93 -12.14
CA ASP G 80 -47.37 -91.30 -12.13
C ASP G 80 -46.27 -91.43 -13.18
N ASN G 81 -45.02 -91.44 -12.72
CA ASN G 81 -43.87 -91.48 -13.61
C ASN G 81 -43.78 -92.77 -14.41
N SER G 82 -44.39 -93.82 -13.88
CA SER G 82 -44.37 -95.13 -14.53
C SER G 82 -45.33 -95.19 -15.71
N LYS G 83 -46.36 -94.36 -15.68
CA LYS G 83 -47.38 -94.39 -16.72
C LYS G 83 -47.37 -93.14 -17.60
N ASN G 84 -46.47 -92.20 -17.30
CA ASN G 84 -46.39 -90.93 -18.00
C ASN G 84 -47.72 -90.19 -18.00
N THR G 85 -48.26 -89.99 -16.80
CA THR G 85 -49.58 -89.37 -16.67
C THR G 85 -49.63 -88.35 -15.54
N LEU G 86 -50.23 -87.20 -15.82
CA LEU G 86 -50.41 -86.14 -14.82
C LEU G 86 -51.87 -86.08 -14.37
N TYR G 87 -52.08 -86.04 -13.05
CA TYR G 87 -53.44 -86.02 -12.52
C TYR G 87 -53.78 -84.71 -11.82
N LEU G 88 -55.07 -84.40 -11.74
CA LEU G 88 -55.56 -83.25 -10.99
C LEU G 88 -56.89 -83.57 -10.33
N GLN G 89 -56.86 -83.83 -9.03
CA GLN G 89 -58.06 -84.17 -8.29
C GLN G 89 -58.83 -82.92 -7.87
N MET G 90 -60.00 -82.74 -8.48
CA MET G 90 -60.83 -81.56 -8.21
C MET G 90 -62.03 -81.91 -7.33
N ASN G 91 -62.02 -81.42 -6.09
CA ASN G 91 -63.13 -81.63 -5.17
C ASN G 91 -63.76 -80.31 -4.74
N SER G 92 -65.01 -80.38 -4.28
CA SER G 92 -65.75 -79.21 -3.82
C SER G 92 -65.76 -78.10 -4.86
N LEU G 93 -66.08 -78.45 -6.10
CA LEU G 93 -66.05 -77.49 -7.20
C LEU G 93 -67.02 -76.33 -7.01
N ARG G 94 -66.62 -75.16 -7.51
CA ARG G 94 -67.45 -73.96 -7.44
C ARG G 94 -67.78 -73.50 -8.85
N ALA G 95 -68.63 -72.49 -8.97
CA ALA G 95 -69.06 -72.00 -10.26
C ALA G 95 -67.93 -71.36 -11.05
N GLU G 96 -66.99 -70.71 -10.35
CA GLU G 96 -65.92 -69.97 -11.01
C GLU G 96 -64.81 -70.90 -11.51
N ASP G 97 -64.91 -72.18 -11.19
CA ASP G 97 -63.93 -73.15 -11.65
C ASP G 97 -64.26 -73.60 -13.08
N THR G 98 -65.33 -73.05 -13.63
CA THR G 98 -65.74 -73.38 -14.98
C THR G 98 -64.74 -72.81 -15.99
N ALA G 99 -63.92 -73.69 -16.55
CA ALA G 99 -62.91 -73.27 -17.52
C ALA G 99 -62.33 -74.45 -18.30
N VAL G 100 -61.55 -74.13 -19.33
CA VAL G 100 -60.84 -75.15 -20.10
C VAL G 100 -59.48 -75.39 -19.49
N TYR G 101 -59.28 -76.58 -18.95
CA TYR G 101 -58.03 -76.91 -18.25
C TYR G 101 -56.96 -77.46 -19.19
N TYR G 102 -55.86 -76.74 -19.30
CA TYR G 102 -54.76 -77.15 -20.18
C TYR G 102 -53.65 -77.84 -19.42
N CYS G 103 -53.15 -78.93 -19.99
CA CYS G 103 -51.99 -79.62 -19.47
C CYS G 103 -50.72 -79.00 -20.05
N VAL G 104 -49.90 -78.40 -19.20
CA VAL G 104 -48.73 -77.66 -19.68
C VAL G 104 -47.41 -78.23 -19.16
N LYS G 105 -46.53 -78.59 -20.10
CA LYS G 105 -45.19 -79.09 -19.78
C LYS G 105 -44.21 -77.95 -19.52
N ASP G 106 -43.51 -78.02 -18.40
CA ASP G 106 -42.54 -76.99 -18.04
C ASP G 106 -41.19 -77.22 -18.72
N ARG G 107 -40.35 -76.20 -18.71
CA ARG G 107 -39.03 -76.29 -19.34
C ARG G 107 -38.05 -77.08 -18.48
N VAL G 108 -38.17 -76.95 -17.17
CA VAL G 108 -37.23 -77.59 -16.27
C VAL G 108 -37.88 -78.56 -15.30
N ALA G 109 -37.08 -79.11 -14.39
CA ALA G 109 -37.52 -80.14 -13.47
C ALA G 109 -38.31 -79.56 -12.30
N VAL G 110 -38.34 -78.24 -12.19
CA VAL G 110 -39.11 -77.59 -11.14
C VAL G 110 -39.77 -76.32 -11.65
N ALA G 111 -41.10 -76.28 -11.58
CA ALA G 111 -41.86 -75.12 -12.05
C ALA G 111 -41.70 -73.94 -11.10
N GLY G 112 -41.46 -72.76 -11.68
CA GLY G 112 -41.27 -71.57 -10.87
C GLY G 112 -40.74 -70.42 -11.70
N LYS G 113 -40.09 -69.46 -11.02
CA LYS G 113 -39.58 -68.28 -11.69
C LYS G 113 -38.49 -68.65 -12.70
N GLY G 114 -37.66 -69.62 -12.34
CA GLY G 114 -36.53 -70.01 -13.16
C GLY G 114 -36.89 -70.75 -14.44
N SER G 115 -38.19 -70.92 -14.69
CA SER G 115 -38.63 -71.62 -15.88
C SER G 115 -38.66 -70.69 -17.08
N TYR G 116 -38.81 -69.40 -16.83
CA TYR G 116 -38.81 -68.35 -17.86
C TYR G 116 -40.01 -68.41 -18.81
N TYR G 117 -40.43 -69.62 -19.18
CA TYR G 117 -41.57 -69.79 -20.08
C TYR G 117 -42.17 -71.20 -20.03
N PHE G 118 -43.39 -71.33 -20.52
CA PHE G 118 -44.04 -72.62 -20.67
C PHE G 118 -43.69 -73.25 -22.01
N ASP G 119 -43.22 -74.49 -21.99
CA ASP G 119 -42.73 -75.13 -23.21
C ASP G 119 -43.84 -75.67 -24.10
N SER G 120 -44.58 -76.67 -23.62
CA SER G 120 -45.61 -77.31 -24.43
C SER G 120 -46.98 -77.34 -23.78
N TRP G 121 -48.01 -77.09 -24.59
CA TRP G 121 -49.39 -77.11 -24.11
C TRP G 121 -50.14 -78.29 -24.72
N GLY G 122 -51.31 -78.60 -24.16
CA GLY G 122 -52.14 -79.67 -24.68
C GLY G 122 -53.41 -79.16 -25.32
N ARG G 123 -54.21 -80.07 -25.88
CA ARG G 123 -55.47 -79.69 -26.53
C ARG G 123 -56.46 -79.11 -25.53
N GLY G 124 -56.44 -79.63 -24.30
CA GLY G 124 -57.28 -79.12 -23.23
C GLY G 124 -58.64 -79.78 -23.15
N THR G 125 -59.06 -80.09 -21.93
CA THR G 125 -60.38 -80.67 -21.70
C THR G 125 -61.27 -79.65 -21.00
N THR G 126 -62.57 -79.69 -21.28
CA THR G 126 -63.47 -78.67 -20.75
C THR G 126 -64.19 -79.13 -19.49
N VAL G 127 -64.17 -78.29 -18.46
CA VAL G 127 -64.89 -78.56 -17.22
C VAL G 127 -65.97 -77.50 -16.97
N THR G 128 -67.23 -77.92 -16.99
CA THR G 128 -68.35 -77.00 -16.77
C THR G 128 -69.01 -77.25 -15.42
N VAL G 129 -69.10 -76.20 -14.61
CA VAL G 129 -69.74 -76.29 -13.30
C VAL G 129 -70.86 -75.27 -13.17
N SER G 130 -72.10 -75.75 -13.14
CA SER G 130 -73.25 -74.86 -13.02
C SER G 130 -74.42 -75.56 -12.33
N SER G 131 -75.46 -74.79 -12.03
CA SER G 131 -76.65 -75.32 -11.37
C SER G 131 -77.70 -75.73 -12.39
N GLN H 1 -59.94 -60.79 -12.60
CA GLN H 1 -59.37 -60.02 -13.71
C GLN H 1 -57.96 -60.55 -14.00
N SER H 2 -57.21 -59.85 -14.85
CA SER H 2 -55.83 -60.21 -15.13
C SER H 2 -54.89 -59.14 -14.59
N VAL H 3 -53.69 -59.55 -14.23
CA VAL H 3 -52.69 -58.60 -13.74
C VAL H 3 -52.13 -57.80 -14.90
N LEU H 4 -51.86 -58.49 -16.00
CA LEU H 4 -51.38 -57.84 -17.22
C LEU H 4 -52.54 -57.35 -18.08
N THR H 5 -52.37 -56.20 -18.71
CA THR H 5 -53.44 -55.58 -19.49
C THR H 5 -53.17 -55.61 -20.99
N GLN H 6 -54.05 -56.26 -21.74
CA GLN H 6 -53.98 -56.27 -23.19
C GLN H 6 -55.21 -55.64 -23.81
N PRO H 7 -55.06 -55.07 -25.02
CA PRO H 7 -56.23 -54.65 -25.79
C PRO H 7 -57.02 -55.86 -26.26
N PRO H 8 -58.35 -55.85 -26.05
CA PRO H 8 -59.20 -57.00 -26.38
C PRO H 8 -59.16 -57.40 -27.86
N SER H 9 -59.31 -56.43 -28.75
CA SER H 9 -59.33 -56.71 -30.18
C SER H 9 -58.54 -55.67 -30.98
N VAL H 10 -57.85 -56.15 -32.00
CA VAL H 10 -57.11 -55.26 -32.91
C VAL H 10 -57.30 -55.71 -34.36
N SER H 11 -57.74 -54.79 -35.21
CA SER H 11 -57.95 -55.09 -36.61
C SER H 11 -57.01 -54.26 -37.49
N GLU H 12 -56.46 -54.89 -38.52
CA GLU H 12 -55.52 -54.23 -39.42
C GLU H 12 -55.49 -54.90 -40.78
N ALA H 13 -55.22 -54.12 -41.82
CA ALA H 13 -55.17 -54.64 -43.18
C ALA H 13 -53.96 -55.54 -43.39
N PRO H 14 -54.08 -56.52 -44.31
CA PRO H 14 -52.97 -57.44 -44.61
C PRO H 14 -51.73 -56.70 -45.10
N GLY H 15 -50.56 -57.20 -44.71
CA GLY H 15 -49.30 -56.62 -45.14
C GLY H 15 -48.83 -55.49 -44.25
N GLN H 16 -49.72 -55.02 -43.39
CA GLN H 16 -49.39 -53.91 -42.48
C GLN H 16 -48.65 -54.41 -41.25
N ARG H 17 -48.53 -53.55 -40.25
CA ARG H 17 -47.84 -53.90 -39.01
C ARG H 17 -48.78 -53.74 -37.83
N VAL H 18 -48.76 -54.70 -36.92
CA VAL H 18 -49.65 -54.69 -35.76
C VAL H 18 -48.88 -54.60 -34.45
N THR H 19 -49.31 -53.72 -33.57
CA THR H 19 -48.68 -53.55 -32.27
C THR H 19 -49.62 -53.94 -31.14
N ILE H 20 -49.22 -54.95 -30.37
CA ILE H 20 -50.02 -55.42 -29.24
C ILE H 20 -49.35 -55.06 -27.93
N ALA H 21 -50.00 -54.19 -27.16
CA ALA H 21 -49.43 -53.75 -25.89
C ALA H 21 -49.73 -54.73 -24.76
N CYS H 22 -48.87 -54.73 -23.75
CA CYS H 22 -49.04 -55.57 -22.57
C CYS H 22 -48.46 -54.84 -21.36
N SER H 23 -49.28 -54.00 -20.74
CA SER H 23 -48.82 -53.16 -19.64
C SER H 23 -48.93 -53.87 -18.30
N GLY H 24 -47.90 -53.74 -17.48
CA GLY H 24 -47.88 -54.37 -16.17
C GLY H 24 -47.35 -53.44 -15.09
N SER H 25 -46.48 -53.97 -14.24
CA SER H 25 -45.90 -53.19 -13.16
C SER H 25 -44.40 -53.49 -13.03
N SER H 26 -43.80 -52.98 -11.96
CA SER H 26 -42.37 -53.17 -11.73
C SER H 26 -42.07 -54.56 -11.17
N SER H 27 -43.13 -55.28 -10.82
CA SER H 27 -42.96 -56.60 -10.21
C SER H 27 -43.17 -57.70 -11.24
N ASN H 28 -43.95 -57.42 -12.27
CA ASN H 28 -44.21 -58.40 -13.31
C ASN H 28 -43.37 -58.15 -14.55
N ILE H 29 -43.86 -57.30 -15.45
CA ILE H 29 -43.16 -57.06 -16.71
C ILE H 29 -41.87 -56.29 -16.44
N GLY H 30 -41.88 -55.50 -15.37
CA GLY H 30 -40.76 -54.66 -15.01
C GLY H 30 -39.41 -55.31 -14.87
N ASN H 31 -39.34 -56.41 -14.11
CA ASN H 31 -38.05 -57.03 -13.80
C ASN H 31 -38.01 -58.53 -14.06
N ASN H 32 -38.87 -59.02 -14.94
CA ASN H 32 -38.91 -60.44 -15.27
C ASN H 32 -39.07 -60.73 -16.75
N ALA H 33 -38.70 -61.95 -17.14
CA ALA H 33 -38.73 -62.35 -18.55
C ALA H 33 -40.15 -62.46 -19.07
N VAL H 34 -40.41 -61.74 -20.16
CA VAL H 34 -41.73 -61.76 -20.78
C VAL H 34 -41.80 -62.84 -21.85
N SER H 35 -42.93 -63.56 -21.89
CA SER H 35 -43.14 -64.58 -22.90
C SER H 35 -44.49 -64.37 -23.59
N TRP H 36 -44.53 -64.65 -24.90
CA TRP H 36 -45.75 -64.50 -25.67
C TRP H 36 -46.25 -65.85 -26.20
N TYR H 37 -47.56 -66.01 -26.26
CA TYR H 37 -48.15 -67.27 -26.71
C TYR H 37 -49.28 -67.05 -27.72
N GLN H 38 -49.26 -67.83 -28.80
CA GLN H 38 -50.29 -67.77 -29.83
C GLN H 38 -51.26 -68.93 -29.71
N GLN H 39 -52.56 -68.63 -29.73
CA GLN H 39 -53.58 -69.67 -29.66
C GLN H 39 -54.54 -69.61 -30.84
N LEU H 40 -54.31 -70.46 -31.83
CA LEU H 40 -55.22 -70.58 -32.96
C LEU H 40 -56.57 -71.12 -32.47
N PRO H 41 -57.67 -70.63 -33.06
CA PRO H 41 -59.03 -71.01 -32.63
C PRO H 41 -59.25 -72.51 -32.65
N GLY H 42 -59.53 -73.08 -31.47
CA GLY H 42 -59.80 -74.50 -31.36
C GLY H 42 -58.54 -75.34 -31.37
N LYS H 43 -57.41 -74.71 -31.11
CA LYS H 43 -56.14 -75.43 -31.08
C LYS H 43 -55.37 -75.12 -29.80
N ALA H 44 -54.25 -75.80 -29.60
CA ALA H 44 -53.43 -75.63 -28.41
C ALA H 44 -52.55 -74.39 -28.51
N PRO H 45 -52.41 -73.64 -27.39
CA PRO H 45 -51.53 -72.48 -27.33
C PRO H 45 -50.08 -72.85 -27.65
N THR H 46 -49.46 -72.07 -28.54
CA THR H 46 -48.09 -72.33 -28.93
C THR H 46 -47.15 -71.24 -28.42
N LEU H 47 -45.91 -71.63 -28.13
CA LEU H 47 -44.88 -70.69 -27.72
C LEU H 47 -44.49 -69.79 -28.90
N LEU H 48 -44.71 -68.49 -28.76
CA LEU H 48 -44.49 -67.55 -29.84
C LEU H 48 -43.20 -66.74 -29.69
N ILE H 49 -43.03 -66.15 -28.50
CA ILE H 49 -41.85 -65.35 -28.20
C ILE H 49 -41.41 -65.53 -26.76
N TYR H 50 -40.13 -65.80 -26.53
CA TYR H 50 -39.61 -65.84 -25.16
C TYR H 50 -38.36 -64.99 -24.99
N TYR H 51 -37.97 -64.78 -23.74
CA TYR H 51 -36.83 -63.96 -23.37
C TYR H 51 -36.96 -62.55 -23.95
N ASP H 52 -38.09 -61.92 -23.70
CA ASP H 52 -38.36 -60.54 -24.13
C ASP H 52 -38.30 -60.33 -25.64
N ASN H 53 -37.16 -60.62 -26.24
CA ASN H 53 -36.93 -60.28 -27.64
C ASN H 53 -36.52 -61.45 -28.51
N LEU H 54 -36.14 -62.56 -27.88
CA LEU H 54 -35.64 -63.71 -28.61
C LEU H 54 -36.75 -64.44 -29.36
N LEU H 55 -36.36 -65.23 -30.37
CA LEU H 55 -37.30 -65.98 -31.19
C LEU H 55 -37.07 -67.48 -31.06
N PRO H 56 -38.14 -68.23 -30.72
CA PRO H 56 -38.07 -69.69 -30.59
C PRO H 56 -37.77 -70.39 -31.91
N SER H 57 -37.14 -71.55 -31.85
CA SER H 57 -36.81 -72.29 -33.07
C SER H 57 -38.07 -72.87 -33.70
N GLY H 58 -38.42 -72.37 -34.88
CA GLY H 58 -39.58 -72.85 -35.59
C GLY H 58 -40.65 -71.79 -35.82
N VAL H 59 -40.47 -70.64 -35.18
CA VAL H 59 -41.43 -69.55 -35.31
C VAL H 59 -41.10 -68.67 -36.50
N SER H 60 -42.15 -68.21 -37.20
CA SER H 60 -42.00 -67.37 -38.38
C SER H 60 -41.20 -66.10 -38.12
N ASP H 61 -40.52 -65.62 -39.15
CA ASP H 61 -39.66 -64.44 -39.03
C ASP H 61 -40.47 -63.15 -38.86
N ARG H 62 -41.76 -63.19 -39.21
CA ARG H 62 -42.59 -62.00 -39.16
C ARG H 62 -42.93 -61.56 -37.74
N PHE H 63 -42.71 -62.45 -36.78
CA PHE H 63 -42.98 -62.14 -35.38
C PHE H 63 -41.74 -61.63 -34.66
N SER H 64 -41.92 -60.62 -33.84
CA SER H 64 -40.82 -60.05 -33.07
C SER H 64 -41.34 -59.42 -31.78
N GLY H 65 -40.56 -59.51 -30.72
CA GLY H 65 -40.97 -58.99 -29.43
C GLY H 65 -40.02 -57.95 -28.87
N SER H 66 -40.58 -56.98 -28.15
CA SER H 66 -39.79 -55.93 -27.54
C SER H 66 -40.28 -55.64 -26.13
N LYS H 67 -39.52 -54.84 -25.39
CA LYS H 67 -39.86 -54.52 -24.01
C LYS H 67 -39.18 -53.22 -23.57
N SER H 68 -39.98 -52.31 -23.03
CA SER H 68 -39.47 -51.01 -22.58
C SER H 68 -40.05 -50.63 -21.22
N GLY H 69 -39.22 -50.74 -20.18
CA GLY H 69 -39.62 -50.39 -18.84
C GLY H 69 -40.59 -51.39 -18.23
N THR H 70 -41.81 -50.95 -17.97
CA THR H 70 -42.83 -51.82 -17.42
C THR H 70 -43.94 -52.07 -18.42
N SER H 71 -43.55 -52.34 -19.67
CA SER H 71 -44.50 -52.60 -20.73
C SER H 71 -43.81 -53.30 -21.91
N ALA H 72 -44.41 -54.40 -22.37
CA ALA H 72 -43.86 -55.15 -23.49
C ALA H 72 -44.80 -55.07 -24.70
N SER H 73 -44.25 -55.26 -25.89
CA SER H 73 -45.04 -55.19 -27.11
C SER H 73 -44.68 -56.32 -28.08
N LEU H 74 -45.69 -56.84 -28.77
CA LEU H 74 -45.49 -57.85 -29.80
C LEU H 74 -45.76 -57.29 -31.18
N ALA H 75 -44.84 -57.54 -32.11
CA ALA H 75 -44.97 -56.98 -33.46
C ALA H 75 -45.22 -58.05 -34.50
N ILE H 76 -46.26 -57.84 -35.31
CA ILE H 76 -46.60 -58.76 -36.39
C ILE H 76 -46.55 -58.05 -37.74
N SER H 77 -45.41 -58.10 -38.41
CA SER H 77 -45.27 -57.48 -39.71
C SER H 77 -45.72 -58.42 -40.82
N GLY H 78 -46.20 -57.85 -41.92
CA GLY H 78 -46.70 -58.63 -43.05
C GLY H 78 -47.84 -59.54 -42.64
N LEU H 79 -48.87 -58.93 -42.05
CA LEU H 79 -50.00 -59.68 -41.50
C LEU H 79 -50.75 -60.48 -42.56
N GLN H 80 -50.95 -61.77 -42.30
CA GLN H 80 -51.72 -62.62 -43.20
C GLN H 80 -52.90 -63.22 -42.44
N SER H 81 -53.80 -63.88 -43.16
CA SER H 81 -55.00 -64.46 -42.56
C SER H 81 -54.66 -65.64 -41.66
N GLU H 82 -53.50 -66.26 -41.88
CA GLU H 82 -53.08 -67.39 -41.07
C GLU H 82 -52.76 -66.96 -39.65
N ASP H 83 -52.46 -65.67 -39.48
CA ASP H 83 -52.09 -65.12 -38.18
C ASP H 83 -53.29 -64.75 -37.33
N GLU H 84 -54.50 -64.88 -37.90
CA GLU H 84 -55.71 -64.54 -37.19
C GLU H 84 -55.96 -65.49 -36.03
N ALA H 85 -55.61 -65.05 -34.82
CA ALA H 85 -55.75 -65.88 -33.62
C ALA H 85 -55.78 -65.02 -32.36
N ASP H 86 -55.49 -65.65 -31.22
CA ASP H 86 -55.44 -64.98 -29.94
C ASP H 86 -54.03 -64.97 -29.37
N TYR H 87 -53.58 -63.82 -28.90
CA TYR H 87 -52.21 -63.67 -28.43
C TYR H 87 -52.16 -63.25 -26.96
N TYR H 88 -51.49 -64.06 -26.15
CA TYR H 88 -51.39 -63.79 -24.71
C TYR H 88 -49.97 -63.43 -24.31
N CYS H 89 -49.83 -62.49 -23.37
CA CYS H 89 -48.53 -62.17 -22.82
C CYS H 89 -48.45 -62.70 -21.39
N ALA H 90 -47.27 -63.19 -21.01
CA ALA H 90 -47.09 -63.79 -19.70
C ALA H 90 -45.72 -63.47 -19.11
N ALA H 91 -45.67 -63.36 -17.80
CA ALA H 91 -44.42 -63.10 -17.08
C ALA H 91 -44.57 -63.49 -15.63
N TRP H 92 -43.45 -63.78 -14.97
CA TRP H 92 -43.48 -64.13 -13.56
C TRP H 92 -43.63 -62.87 -12.73
N ASP H 93 -44.34 -62.98 -11.61
CA ASP H 93 -44.49 -61.87 -10.69
C ASP H 93 -43.78 -62.22 -9.38
N ASP H 94 -43.17 -61.23 -8.74
CA ASP H 94 -42.40 -61.47 -7.53
C ASP H 94 -43.22 -61.13 -6.29
N SER H 95 -44.13 -60.18 -6.44
CA SER H 95 -45.05 -59.81 -5.37
C SER H 95 -46.05 -60.91 -5.02
N LEU H 96 -46.76 -61.40 -6.03
CA LEU H 96 -47.68 -62.53 -5.86
C LEU H 96 -47.00 -63.90 -5.88
N ASN H 97 -45.75 -63.93 -6.34
CA ASN H 97 -44.99 -65.18 -6.46
C ASN H 97 -45.68 -66.27 -7.29
N ASP H 98 -46.13 -65.90 -8.49
CA ASP H 98 -46.73 -66.86 -9.41
C ASP H 98 -46.71 -66.30 -10.83
N TRP H 99 -47.12 -67.12 -11.80
CA TRP H 99 -47.23 -66.66 -13.18
C TRP H 99 -48.48 -65.82 -13.37
N VAL H 100 -48.38 -64.74 -14.13
CA VAL H 100 -49.55 -63.94 -14.49
C VAL H 100 -49.70 -63.83 -16.00
N PHE H 101 -50.95 -63.69 -16.46
CA PHE H 101 -51.22 -63.61 -17.89
C PHE H 101 -52.00 -62.35 -18.23
N GLY H 102 -52.13 -62.08 -19.52
CA GLY H 102 -52.93 -60.96 -20.00
C GLY H 102 -54.32 -61.37 -20.40
N GLY H 103 -55.19 -60.39 -20.62
CA GLY H 103 -56.55 -60.65 -21.02
C GLY H 103 -56.65 -61.30 -22.38
N GLY H 104 -55.66 -61.05 -23.22
CA GLY H 104 -55.66 -61.61 -24.57
C GLY H 104 -56.02 -60.60 -25.64
N THR H 105 -55.52 -60.83 -26.85
CA THR H 105 -55.80 -59.94 -27.97
C THR H 105 -56.21 -60.72 -29.22
N LYS H 106 -57.41 -60.47 -29.71
CA LYS H 106 -57.91 -61.15 -30.90
C LYS H 106 -57.60 -60.36 -32.17
N VAL H 107 -56.61 -60.79 -32.92
CA VAL H 107 -56.22 -60.13 -34.16
C VAL H 107 -57.07 -60.59 -35.34
N THR H 108 -57.82 -59.65 -35.94
CA THR H 108 -58.67 -59.96 -37.08
C THR H 108 -58.13 -59.29 -38.36
N VAL H 109 -58.07 -60.05 -39.44
CA VAL H 109 -57.55 -59.53 -40.71
C VAL H 109 -58.68 -59.25 -41.70
N LYS I 8 -18.24 -73.97 -29.11
CA LYS I 8 -17.55 -74.50 -27.94
C LYS I 8 -17.22 -73.37 -26.96
N PHE I 9 -17.01 -73.75 -25.70
CA PHE I 9 -16.77 -72.78 -24.63
C PHE I 9 -15.31 -72.61 -24.28
N GLU I 10 -14.42 -73.06 -25.17
CA GLU I 10 -12.99 -73.02 -24.90
C GLU I 10 -12.47 -71.62 -24.61
N SER I 11 -13.00 -70.64 -25.35
CA SER I 11 -12.60 -69.24 -25.16
C SER I 11 -12.99 -68.76 -23.77
N LYS I 12 -14.24 -69.01 -23.41
CA LYS I 12 -14.79 -68.60 -22.13
C LYS I 12 -14.15 -69.35 -20.98
N ALA I 13 -13.79 -70.60 -21.22
CA ALA I 13 -13.18 -71.44 -20.20
C ALA I 13 -11.82 -70.90 -19.78
N ALA I 14 -11.00 -70.56 -20.76
CA ALA I 14 -9.66 -70.05 -20.50
C ALA I 14 -9.72 -68.69 -19.80
N LEU I 15 -10.71 -67.90 -20.15
CA LEU I 15 -10.92 -66.59 -19.52
C LEU I 15 -11.22 -66.74 -18.03
N LEU I 16 -12.02 -67.74 -17.70
CA LEU I 16 -12.42 -68.00 -16.32
C LEU I 16 -11.34 -68.74 -15.54
N ALA I 17 -10.49 -69.47 -16.24
CA ALA I 17 -9.47 -70.31 -15.61
C ALA I 17 -8.37 -69.49 -14.96
N ALA I 18 -8.39 -68.19 -15.19
CA ALA I 18 -7.43 -67.27 -14.59
C ALA I 18 -7.80 -66.97 -13.13
N ARG I 19 -9.10 -66.86 -12.87
CA ARG I 19 -9.60 -66.50 -11.56
C ARG I 19 -9.47 -67.64 -10.53
N GLY I 20 -9.05 -68.81 -10.98
CA GLY I 20 -8.96 -69.94 -10.08
C GLY I 20 -7.86 -70.94 -10.32
N PRO I 21 -6.92 -71.05 -9.35
CA PRO I 21 -5.81 -72.01 -9.43
C PRO I 21 -6.33 -73.44 -9.47
N GLU I 22 -7.00 -73.86 -8.40
CA GLU I 22 -7.54 -75.21 -8.30
C GLU I 22 -8.93 -75.18 -7.69
N GLU I 23 -9.86 -74.55 -8.39
CA GLU I 23 -11.24 -74.47 -7.90
C GLU I 23 -12.25 -74.82 -9.00
N LEU I 24 -13.45 -75.20 -8.58
CA LEU I 24 -14.51 -75.57 -9.49
C LEU I 24 -15.20 -74.36 -10.10
N LEU I 25 -14.99 -74.14 -11.39
CA LEU I 25 -15.52 -72.98 -12.07
C LEU I 25 -16.76 -73.29 -12.90
N CYS I 26 -17.85 -72.59 -12.63
CA CYS I 26 -19.11 -72.80 -13.35
C CYS I 26 -19.62 -71.53 -14.01
N PHE I 27 -20.24 -71.67 -15.17
CA PHE I 27 -20.83 -70.53 -15.86
C PHE I 27 -21.92 -70.94 -16.85
N THR I 28 -22.87 -70.03 -17.07
CA THR I 28 -23.90 -70.22 -18.08
C THR I 28 -23.79 -69.15 -19.15
N GLU I 29 -24.19 -69.49 -20.36
CA GLU I 29 -24.09 -68.55 -21.47
C GLU I 29 -25.43 -67.93 -21.84
N ARG I 30 -26.46 -68.75 -22.00
CA ARG I 30 -27.78 -68.24 -22.39
C ARG I 30 -28.90 -68.72 -21.46
N LEU I 31 -28.54 -68.98 -20.20
CA LEU I 31 -29.49 -69.33 -19.14
C LEU I 31 -30.22 -70.67 -19.33
N GLU I 32 -29.95 -71.34 -20.44
CA GLU I 32 -30.56 -72.64 -20.71
C GLU I 32 -29.48 -73.71 -20.81
N ASP I 33 -28.39 -73.49 -20.10
CA ASP I 33 -27.23 -74.36 -20.12
C ASP I 33 -26.34 -74.09 -18.92
N LEU I 34 -25.49 -75.04 -18.56
CA LEU I 34 -24.55 -74.83 -17.48
C LEU I 34 -23.33 -75.72 -17.66
N VAL I 35 -22.15 -75.11 -17.55
CA VAL I 35 -20.90 -75.84 -17.68
C VAL I 35 -20.02 -75.64 -16.46
N CYS I 36 -19.69 -76.72 -15.78
CA CYS I 36 -18.77 -76.67 -14.66
C CYS I 36 -17.48 -77.41 -14.99
N PHE I 37 -16.35 -76.79 -14.74
CA PHE I 37 -15.07 -77.39 -15.09
C PHE I 37 -13.99 -77.10 -14.07
N TRP I 38 -12.91 -77.87 -14.14
CA TRP I 38 -11.72 -77.65 -13.33
C TRP I 38 -10.52 -78.30 -13.99
N GLU I 39 -9.32 -77.90 -13.58
CA GLU I 39 -8.11 -78.42 -14.20
C GLU I 39 -7.17 -79.04 -13.17
N GLU I 40 -6.57 -80.17 -13.53
CA GLU I 40 -5.62 -80.85 -12.67
C GLU I 40 -4.41 -81.33 -13.46
N ALA I 41 -3.36 -81.78 -12.75
CA ALA I 41 -2.16 -82.26 -13.41
C ALA I 41 -1.85 -83.70 -13.02
N PRO I 48 -3.76 -87.77 -14.02
CA PRO I 48 -4.59 -88.97 -14.25
C PRO I 48 -5.44 -89.32 -13.05
N GLY I 49 -6.76 -89.16 -13.19
CA GLY I 49 -7.67 -89.45 -12.10
C GLY I 49 -9.07 -89.73 -12.61
N GLN I 50 -9.90 -90.32 -11.76
CA GLN I 50 -11.27 -90.62 -12.14
C GLN I 50 -12.20 -89.88 -11.19
N TYR I 51 -13.22 -89.22 -11.73
CA TYR I 51 -14.14 -88.45 -10.89
C TYR I 51 -15.61 -88.65 -11.27
N SER I 52 -16.49 -88.38 -10.31
CA SER I 52 -17.92 -88.47 -10.54
C SER I 52 -18.61 -87.16 -10.15
N PHE I 53 -19.52 -86.69 -11.01
CA PHE I 53 -20.18 -85.41 -10.80
C PHE I 53 -21.64 -85.58 -10.36
N SER I 54 -21.93 -85.18 -9.13
CA SER I 54 -23.30 -85.30 -8.60
C SER I 54 -23.89 -83.94 -8.28
N TYR I 55 -25.19 -83.78 -8.52
CA TYR I 55 -25.86 -82.52 -8.23
C TYR I 55 -27.27 -82.70 -7.69
N GLN I 56 -27.79 -81.65 -7.04
CA GLN I 56 -29.15 -81.68 -6.49
C GLN I 56 -29.86 -80.36 -6.74
N LEU I 57 -30.81 -80.37 -7.66
CA LEU I 57 -31.57 -79.17 -8.00
C LEU I 57 -32.69 -78.92 -6.99
N GLU I 58 -32.53 -77.89 -6.18
CA GLU I 58 -33.51 -77.52 -5.16
C GLU I 58 -33.76 -78.67 -4.18
N ASP I 59 -34.94 -79.27 -4.26
CA ASP I 59 -35.31 -80.35 -3.35
C ASP I 59 -35.47 -81.66 -4.09
N GLU I 60 -35.25 -81.64 -5.41
CA GLU I 60 -35.29 -82.83 -6.24
C GLU I 60 -34.22 -83.84 -5.81
N PRO I 61 -34.41 -85.12 -6.14
CA PRO I 61 -33.41 -86.13 -5.80
C PRO I 61 -32.09 -85.92 -6.54
N TRP I 62 -30.99 -86.35 -5.93
CA TRP I 62 -29.66 -86.21 -6.53
C TRP I 62 -29.55 -86.93 -7.86
N LYS I 63 -28.82 -86.33 -8.79
CA LYS I 63 -28.55 -86.95 -10.07
C LYS I 63 -27.06 -86.91 -10.39
N LEU I 64 -26.65 -87.60 -11.46
CA LEU I 64 -25.27 -87.62 -11.87
C LEU I 64 -25.10 -87.00 -13.26
N CYS I 65 -23.97 -86.34 -13.46
CA CYS I 65 -23.68 -85.69 -14.74
C CYS I 65 -22.55 -86.41 -15.45
N ARG I 66 -22.72 -86.66 -16.74
CA ARG I 66 -21.69 -87.33 -17.53
C ARG I 66 -20.45 -86.45 -17.65
N LEU I 67 -19.35 -86.92 -17.08
CA LEU I 67 -18.12 -86.14 -16.98
C LEU I 67 -17.21 -86.35 -18.19
N HIS I 68 -16.97 -85.28 -18.93
CA HIS I 68 -16.05 -85.31 -20.07
C HIS I 68 -14.64 -84.98 -19.63
N GLN I 69 -13.67 -85.23 -20.51
CA GLN I 69 -12.27 -85.00 -20.19
C GLN I 69 -11.43 -84.68 -21.43
N ALA I 70 -10.52 -83.73 -21.28
CA ALA I 70 -9.63 -83.31 -22.36
C ALA I 70 -8.37 -82.63 -21.82
N PRO I 71 -7.24 -82.80 -22.53
CA PRO I 71 -5.94 -82.21 -22.14
C PRO I 71 -5.84 -80.73 -22.48
N THR I 72 -5.07 -79.99 -21.70
CA THR I 72 -4.83 -78.58 -21.97
C THR I 72 -3.34 -78.32 -22.17
N ALA I 73 -3.01 -77.27 -22.90
CA ALA I 73 -1.62 -76.91 -23.19
C ALA I 73 -0.77 -76.52 -21.97
N ARG I 74 -1.22 -76.89 -20.78
CA ARG I 74 -0.54 -76.51 -19.54
C ARG I 74 0.82 -77.19 -19.26
N GLY I 75 0.98 -78.51 -19.43
CA GLY I 75 -0.02 -79.44 -19.93
C GLY I 75 -0.79 -80.15 -18.84
N ALA I 76 -2.10 -79.93 -18.82
CA ALA I 76 -2.95 -80.46 -17.77
C ALA I 76 -4.24 -81.05 -18.33
N VAL I 77 -4.97 -81.78 -17.49
CA VAL I 77 -6.24 -82.36 -17.89
C VAL I 77 -7.40 -81.50 -17.40
N ARG I 78 -8.45 -81.40 -18.22
CA ARG I 78 -9.61 -80.59 -17.89
C ARG I 78 -10.87 -81.46 -17.85
N PHE I 79 -11.51 -81.51 -16.69
CA PHE I 79 -12.77 -82.22 -16.56
C PHE I 79 -13.93 -81.24 -16.56
N TRP I 80 -14.94 -81.47 -17.38
CA TRP I 80 -16.12 -80.61 -17.35
C TRP I 80 -17.42 -81.40 -17.46
N CYS I 81 -18.44 -80.91 -16.77
CA CYS I 81 -19.77 -81.50 -16.84
C CYS I 81 -20.73 -80.56 -17.54
N SER I 82 -21.29 -81.02 -18.64
CA SER I 82 -22.33 -80.26 -19.31
C SER I 82 -23.69 -80.69 -18.75
N LEU I 83 -24.21 -79.88 -17.83
CA LEU I 83 -25.45 -80.19 -17.13
C LEU I 83 -26.62 -80.34 -18.11
N PRO I 84 -27.46 -81.35 -17.89
CA PRO I 84 -28.65 -81.60 -18.71
C PRO I 84 -29.57 -80.40 -18.76
N THR I 85 -30.09 -80.09 -19.95
CA THR I 85 -30.93 -78.92 -20.14
C THR I 85 -32.15 -78.94 -19.21
N ALA I 86 -32.65 -80.13 -18.92
CA ALA I 86 -33.87 -80.29 -18.13
C ALA I 86 -33.69 -79.83 -16.69
N ASP I 87 -32.45 -79.69 -16.23
CA ASP I 87 -32.20 -79.28 -14.85
C ASP I 87 -31.61 -77.88 -14.76
N THR I 88 -31.65 -77.14 -15.86
CA THR I 88 -31.11 -75.79 -15.89
C THR I 88 -32.12 -74.77 -15.39
N SER I 89 -32.53 -74.93 -14.13
CA SER I 89 -33.50 -74.02 -13.53
C SER I 89 -32.78 -72.91 -12.76
N SER I 90 -33.17 -71.68 -13.02
CA SER I 90 -32.55 -70.54 -12.35
C SER I 90 -33.31 -70.19 -11.07
N PHE I 91 -32.73 -69.29 -10.28
CA PHE I 91 -33.34 -68.78 -9.06
C PHE I 91 -33.60 -69.87 -8.01
N VAL I 92 -32.95 -71.02 -8.17
CA VAL I 92 -33.06 -72.10 -7.21
C VAL I 92 -31.67 -72.64 -6.88
N PRO I 93 -31.46 -73.05 -5.62
CA PRO I 93 -30.14 -73.53 -5.21
C PRO I 93 -29.78 -74.83 -5.90
N LEU I 94 -28.65 -74.84 -6.61
CA LEU I 94 -28.16 -76.05 -7.26
C LEU I 94 -26.88 -76.53 -6.59
N GLU I 95 -27.00 -77.53 -5.73
CA GLU I 95 -25.85 -78.03 -4.99
C GLU I 95 -25.01 -78.94 -5.88
N LEU I 96 -23.71 -78.64 -5.96
CA LEU I 96 -22.80 -79.43 -6.78
C LEU I 96 -21.81 -80.17 -5.91
N ARG I 97 -21.35 -81.32 -6.40
CA ARG I 97 -20.44 -82.15 -5.63
C ARG I 97 -19.58 -83.01 -6.56
N VAL I 98 -18.26 -82.80 -6.51
CA VAL I 98 -17.33 -83.61 -7.27
C VAL I 98 -16.59 -84.58 -6.35
N THR I 99 -16.73 -85.87 -6.64
CA THR I 99 -16.14 -86.91 -5.80
C THR I 99 -15.20 -87.80 -6.60
N ALA I 100 -14.10 -88.20 -5.98
CA ALA I 100 -13.13 -89.07 -6.63
C ALA I 100 -13.62 -90.51 -6.65
N ALA I 101 -12.95 -91.35 -7.44
CA ALA I 101 -13.33 -92.74 -7.55
C ALA I 101 -13.14 -93.45 -6.21
N SER I 102 -12.21 -92.95 -5.41
CA SER I 102 -11.93 -93.55 -4.11
C SER I 102 -12.97 -93.15 -3.08
N GLY I 103 -13.93 -92.33 -3.50
CA GLY I 103 -14.99 -91.89 -2.60
C GLY I 103 -14.63 -90.60 -1.88
N ALA I 104 -13.36 -90.24 -1.94
CA ALA I 104 -12.88 -89.03 -1.31
C ALA I 104 -13.41 -87.81 -2.04
N PRO I 105 -13.88 -86.81 -1.26
CA PRO I 105 -14.45 -85.57 -1.82
C PRO I 105 -13.39 -84.73 -2.52
N ARG I 106 -13.83 -83.88 -3.44
CA ARG I 106 -12.91 -83.03 -4.20
C ARG I 106 -13.40 -81.58 -4.19
N TYR I 107 -14.64 -81.38 -4.62
CA TYR I 107 -15.25 -80.05 -4.63
C TYR I 107 -16.67 -80.07 -4.06
N HIS I 108 -17.15 -78.90 -3.66
CA HIS I 108 -18.49 -78.76 -3.10
C HIS I 108 -18.96 -77.31 -3.16
N ARG I 109 -19.94 -77.04 -4.02
CA ARG I 109 -20.46 -75.68 -4.20
C ARG I 109 -21.98 -75.65 -4.21
N VAL I 110 -22.56 -74.55 -3.74
CA VAL I 110 -24.00 -74.33 -3.87
C VAL I 110 -24.24 -73.04 -4.66
N ILE I 111 -24.42 -73.18 -5.96
CA ILE I 111 -24.51 -72.02 -6.84
C ILE I 111 -25.92 -71.78 -7.36
N HIS I 112 -26.15 -70.59 -7.90
CA HIS I 112 -27.38 -70.28 -8.61
C HIS I 112 -27.05 -69.97 -10.06
N ILE I 113 -27.75 -70.62 -10.98
CA ILE I 113 -27.45 -70.50 -12.41
C ILE I 113 -27.51 -69.05 -12.89
N ASN I 114 -28.46 -68.29 -12.35
CA ASN I 114 -28.62 -66.90 -12.75
C ASN I 114 -27.52 -66.00 -12.19
N GLU I 115 -26.67 -66.55 -11.33
CA GLU I 115 -25.62 -65.79 -10.68
C GLU I 115 -24.24 -66.13 -11.21
N VAL I 116 -24.19 -66.89 -12.30
CA VAL I 116 -22.92 -67.23 -12.93
C VAL I 116 -23.04 -67.12 -14.45
N VAL I 117 -23.43 -65.94 -14.91
CA VAL I 117 -23.63 -65.72 -16.34
C VAL I 117 -22.38 -65.14 -16.99
N LEU I 118 -22.00 -65.72 -18.12
CA LEU I 118 -20.85 -65.24 -18.87
C LEU I 118 -21.23 -64.97 -20.33
N LEU I 119 -21.70 -63.75 -20.59
CA LEU I 119 -22.20 -63.39 -21.91
C LEU I 119 -21.10 -63.36 -22.96
N ASP I 120 -21.53 -63.31 -24.23
CA ASP I 120 -20.59 -63.17 -25.34
C ASP I 120 -20.16 -61.72 -25.47
N ALA I 121 -19.15 -61.46 -26.28
CA ALA I 121 -18.69 -60.10 -26.49
C ALA I 121 -19.66 -59.32 -27.36
N PRO I 122 -19.95 -58.08 -26.97
CA PRO I 122 -20.81 -57.17 -27.75
C PRO I 122 -20.27 -56.97 -29.17
N VAL I 123 -21.16 -56.57 -30.08
CA VAL I 123 -20.76 -56.42 -31.48
C VAL I 123 -21.28 -55.12 -32.07
N GLY I 124 -20.88 -54.84 -33.32
CA GLY I 124 -21.38 -53.70 -34.05
C GLY I 124 -20.95 -52.36 -33.47
N LEU I 125 -19.70 -52.29 -33.00
CA LEU I 125 -19.18 -51.07 -32.43
C LEU I 125 -18.91 -50.03 -33.51
N VAL I 126 -19.47 -48.83 -33.34
CA VAL I 126 -19.23 -47.74 -34.27
C VAL I 126 -19.03 -46.42 -33.53
N ALA I 127 -18.14 -45.58 -34.03
CA ALA I 127 -17.85 -44.30 -33.40
C ALA I 127 -18.09 -43.14 -34.36
N ARG I 128 -18.63 -42.04 -33.83
CA ARG I 128 -18.92 -40.86 -34.63
C ARG I 128 -18.60 -39.58 -33.86
N LEU I 129 -18.15 -38.55 -34.59
CA LEU I 129 -17.78 -37.28 -33.98
C LEU I 129 -19.01 -36.43 -33.70
N ALA I 130 -19.27 -36.17 -32.42
CA ALA I 130 -20.47 -35.45 -32.00
C ALA I 130 -20.40 -33.97 -32.33
N ASP I 131 -21.54 -33.29 -32.23
CA ASP I 131 -21.62 -31.86 -32.52
C ASP I 131 -20.65 -31.05 -31.66
N GLU I 132 -20.80 -31.15 -30.34
CA GLU I 132 -19.87 -30.49 -29.41
C GLU I 132 -18.46 -31.01 -29.62
N SER I 133 -17.52 -30.09 -29.86
CA SER I 133 -16.13 -30.47 -30.12
C SER I 133 -15.50 -31.16 -28.90
N GLY I 134 -14.91 -32.33 -29.14
CA GLY I 134 -14.29 -33.08 -28.07
C GLY I 134 -15.18 -34.22 -27.59
N HIS I 135 -16.30 -34.41 -28.27
CA HIS I 135 -17.25 -35.44 -27.89
C HIS I 135 -17.38 -36.53 -28.96
N VAL I 136 -17.52 -37.78 -28.51
CA VAL I 136 -17.71 -38.90 -29.42
C VAL I 136 -18.91 -39.75 -29.00
N VAL I 137 -19.77 -40.06 -29.96
CA VAL I 137 -20.96 -40.86 -29.70
C VAL I 137 -20.72 -42.32 -30.07
N LEU I 138 -20.77 -43.19 -29.07
CA LEU I 138 -20.60 -44.63 -29.27
C LEU I 138 -21.93 -45.35 -29.30
N ARG I 139 -22.11 -46.20 -30.30
CA ARG I 139 -23.30 -47.04 -30.37
C ARG I 139 -22.90 -48.48 -30.70
N TRP I 140 -23.47 -49.43 -29.98
CA TRP I 140 -23.18 -50.84 -30.21
C TRP I 140 -24.42 -51.70 -29.99
N LEU I 141 -24.33 -52.96 -30.42
CA LEU I 141 -25.42 -53.91 -30.26
C LEU I 141 -25.06 -54.99 -29.25
N PRO I 142 -26.04 -55.44 -28.45
CA PRO I 142 -25.84 -56.55 -27.52
C PRO I 142 -25.48 -57.83 -28.27
N PRO I 143 -24.83 -58.78 -27.59
CA PRO I 143 -24.41 -60.04 -28.21
C PRO I 143 -25.56 -60.74 -28.95
N PRO I 144 -25.28 -61.26 -30.14
CA PRO I 144 -26.29 -61.88 -31.02
C PRO I 144 -27.09 -62.98 -30.35
N GLU I 145 -28.41 -62.87 -30.41
CA GLU I 145 -29.32 -63.87 -29.86
C GLU I 145 -29.01 -64.16 -28.39
N THR I 146 -28.99 -63.10 -27.58
CA THR I 146 -28.73 -63.24 -26.15
C THR I 146 -29.95 -62.84 -25.33
N PRO I 147 -30.37 -63.73 -24.42
CA PRO I 147 -31.54 -63.56 -23.55
C PRO I 147 -31.46 -62.33 -22.65
N MET I 148 -32.60 -61.68 -22.46
CA MET I 148 -32.74 -60.56 -21.53
C MET I 148 -31.79 -59.41 -21.87
N THR I 149 -32.02 -58.75 -23.00
CA THR I 149 -31.14 -57.66 -23.42
C THR I 149 -31.28 -56.43 -22.54
N SER I 150 -32.46 -56.27 -21.93
CA SER I 150 -32.73 -55.09 -21.11
C SER I 150 -32.13 -55.21 -19.72
N HIS I 151 -31.47 -56.33 -19.44
CA HIS I 151 -30.84 -56.54 -18.15
C HIS I 151 -29.32 -56.68 -18.28
N ILE I 152 -28.80 -56.22 -19.41
CA ILE I 152 -27.36 -56.27 -19.65
C ILE I 152 -26.74 -54.88 -19.48
N ARG I 153 -25.82 -54.78 -18.54
CA ARG I 153 -25.08 -53.54 -18.35
C ARG I 153 -23.69 -53.67 -18.96
N TYR I 154 -23.11 -52.54 -19.35
CA TYR I 154 -21.85 -52.55 -20.08
C TYR I 154 -20.76 -51.71 -19.42
N GLU I 155 -19.56 -51.80 -19.98
CA GLU I 155 -18.42 -50.98 -19.55
C GLU I 155 -17.58 -50.64 -20.76
N VAL I 156 -17.42 -49.35 -21.04
CA VAL I 156 -16.64 -48.90 -22.19
C VAL I 156 -15.24 -48.49 -21.78
N ASP I 157 -14.24 -48.97 -22.51
CA ASP I 157 -12.84 -48.63 -22.23
C ASP I 157 -12.25 -47.74 -23.32
N VAL I 158 -11.63 -46.64 -22.91
CA VAL I 158 -11.01 -45.70 -23.84
C VAL I 158 -9.50 -45.70 -23.67
N SER I 159 -8.79 -46.23 -24.66
CA SER I 159 -7.33 -46.28 -24.61
C SER I 159 -6.68 -45.43 -25.69
N ALA I 160 -5.62 -44.72 -25.32
CA ALA I 160 -4.91 -43.86 -26.25
C ALA I 160 -3.56 -44.47 -26.61
N GLY I 161 -2.80 -43.79 -27.44
CA GLY I 161 -1.50 -44.27 -27.86
C GLY I 161 -0.34 -43.59 -27.15
N GLN I 162 0.85 -43.74 -27.73
CA GLN I 162 2.08 -43.14 -27.20
C GLN I 162 2.37 -43.55 -25.75
N GLY I 163 1.95 -44.75 -25.36
CA GLY I 163 2.25 -45.26 -24.05
C GLY I 163 1.26 -44.88 -22.97
N ALA I 164 0.23 -44.13 -23.36
CA ALA I 164 -0.77 -43.67 -22.41
C ALA I 164 -1.62 -44.83 -21.89
N GLY I 165 -2.12 -45.65 -22.81
CA GLY I 165 -2.94 -46.80 -22.46
C GLY I 165 -4.38 -46.42 -22.17
N SER I 166 -4.99 -47.12 -21.23
CA SER I 166 -6.37 -46.83 -20.83
C SER I 166 -6.46 -45.52 -20.06
N VAL I 167 -7.28 -44.60 -20.57
CA VAL I 167 -7.41 -43.28 -19.95
C VAL I 167 -8.77 -43.07 -19.32
N GLN I 168 -9.76 -43.85 -19.75
CA GLN I 168 -11.12 -43.72 -19.26
C GLN I 168 -11.85 -45.05 -19.27
N ARG I 169 -12.66 -45.28 -18.24
CA ARG I 169 -13.58 -46.41 -18.23
C ARG I 169 -14.93 -45.96 -17.68
N VAL I 170 -15.92 -45.89 -18.56
CA VAL I 170 -17.24 -45.43 -18.17
C VAL I 170 -18.20 -46.60 -18.03
N GLU I 171 -18.92 -46.63 -16.90
CA GLU I 171 -19.90 -47.66 -16.65
C GLU I 171 -21.26 -47.29 -17.24
N ILE I 172 -21.76 -48.11 -18.16
CA ILE I 172 -23.05 -47.86 -18.80
C ILE I 172 -24.17 -48.63 -18.11
N LEU I 173 -25.25 -47.91 -17.78
CA LEU I 173 -26.39 -48.52 -17.09
C LEU I 173 -27.07 -49.60 -17.93
N GLU I 174 -27.80 -50.48 -17.25
CA GLU I 174 -28.44 -51.61 -17.89
C GLU I 174 -29.48 -51.18 -18.92
N GLY I 175 -29.44 -51.81 -20.08
CA GLY I 175 -30.41 -51.56 -21.13
C GLY I 175 -29.94 -50.57 -22.18
N ARG I 176 -29.10 -49.63 -21.76
CA ARG I 176 -28.62 -48.60 -22.68
C ARG I 176 -27.49 -49.15 -23.55
N THR I 177 -27.54 -48.87 -24.85
CA THR I 177 -26.56 -49.40 -25.78
C THR I 177 -25.81 -48.28 -26.50
N GLU I 178 -25.93 -47.06 -25.98
CA GLU I 178 -25.25 -45.91 -26.58
C GLU I 178 -24.52 -45.11 -25.51
N CYS I 179 -23.36 -44.57 -25.87
CA CYS I 179 -22.52 -43.83 -24.93
C CYS I 179 -21.93 -42.58 -25.56
N VAL I 180 -22.01 -41.46 -24.85
CA VAL I 180 -21.44 -40.20 -25.32
C VAL I 180 -20.19 -39.84 -24.51
N LEU I 181 -19.04 -39.98 -25.16
CA LEU I 181 -17.77 -39.74 -24.48
C LEU I 181 -17.42 -38.26 -24.48
N SER I 182 -16.91 -37.78 -23.35
CA SER I 182 -16.54 -36.38 -23.21
C SER I 182 -15.07 -36.22 -22.84
N ASN I 183 -14.58 -34.99 -22.93
CA ASN I 183 -13.20 -34.66 -22.55
C ASN I 183 -12.16 -35.51 -23.28
N LEU I 184 -12.11 -35.39 -24.59
CA LEU I 184 -11.11 -36.08 -25.40
C LEU I 184 -10.15 -35.10 -26.06
N ARG I 185 -8.86 -35.38 -25.95
CA ARG I 185 -7.84 -34.50 -26.51
C ARG I 185 -7.84 -34.59 -28.03
N GLY I 186 -7.65 -33.45 -28.68
CA GLY I 186 -7.62 -33.40 -30.14
C GLY I 186 -6.31 -33.93 -30.68
N ARG I 187 -6.31 -34.25 -31.97
CA ARG I 187 -5.12 -34.79 -32.65
C ARG I 187 -4.59 -36.04 -31.95
N THR I 188 -5.52 -36.87 -31.45
CA THR I 188 -5.16 -38.11 -30.77
C THR I 188 -5.97 -39.27 -31.35
N ARG I 189 -5.33 -40.41 -31.53
CA ARG I 189 -6.00 -41.59 -32.08
C ARG I 189 -6.46 -42.51 -30.95
N TYR I 190 -7.73 -42.37 -30.58
CA TYR I 190 -8.32 -43.19 -29.51
C TYR I 190 -8.79 -44.55 -30.02
N THR I 191 -8.93 -45.50 -29.10
CA THR I 191 -9.42 -46.83 -29.43
C THR I 191 -10.44 -47.29 -28.40
N PHE I 192 -11.65 -47.60 -28.87
CA PHE I 192 -12.75 -47.96 -27.97
C PHE I 192 -13.08 -49.44 -27.98
N ALA I 193 -13.61 -49.92 -26.86
CA ALA I 193 -14.03 -51.32 -26.72
C ALA I 193 -15.09 -51.44 -25.63
N VAL I 194 -16.04 -52.35 -25.82
CA VAL I 194 -17.13 -52.53 -24.86
C VAL I 194 -17.24 -53.98 -24.41
N ARG I 195 -17.48 -54.19 -23.12
CA ARG I 195 -17.76 -55.54 -22.62
C ARG I 195 -19.08 -55.54 -21.84
N ALA I 196 -19.69 -56.71 -21.74
CA ALA I 196 -21.03 -56.82 -21.16
C ALA I 196 -21.10 -57.84 -20.02
N ARG I 197 -22.10 -57.66 -19.16
CA ARG I 197 -22.39 -58.61 -18.08
C ARG I 197 -23.81 -58.35 -17.60
N MET I 198 -24.42 -59.36 -16.97
CA MET I 198 -25.77 -59.22 -16.45
C MET I 198 -25.81 -58.32 -15.22
N ALA I 199 -26.90 -57.58 -15.09
CA ALA I 199 -27.01 -56.54 -14.07
C ALA I 199 -27.65 -57.03 -12.77
N GLU I 200 -27.41 -56.29 -11.69
CA GLU I 200 -28.05 -56.55 -10.42
C GLU I 200 -29.53 -56.19 -10.48
N PRO I 201 -30.35 -56.74 -9.57
CA PRO I 201 -30.01 -57.70 -8.51
C PRO I 201 -30.45 -59.14 -8.81
N SER I 202 -31.20 -59.32 -9.89
CA SER I 202 -31.75 -60.64 -10.22
C SER I 202 -30.79 -61.50 -11.04
N PHE I 203 -29.59 -61.00 -11.30
CA PHE I 203 -28.60 -61.75 -12.04
C PHE I 203 -27.19 -61.48 -11.55
N GLY I 204 -26.20 -62.10 -12.18
CA GLY I 204 -24.82 -61.96 -11.79
C GLY I 204 -23.92 -62.89 -12.57
N GLY I 205 -22.62 -62.63 -12.52
CA GLY I 205 -21.68 -63.47 -13.24
C GLY I 205 -20.29 -62.88 -13.39
N PHE I 206 -19.80 -62.88 -14.62
CA PHE I 206 -18.44 -62.41 -14.90
C PHE I 206 -18.42 -61.51 -16.14
N TRP I 207 -17.41 -60.66 -16.25
CA TRP I 207 -17.26 -59.79 -17.40
C TRP I 207 -16.96 -60.59 -18.66
N SER I 208 -17.65 -60.24 -19.75
CA SER I 208 -17.40 -60.90 -21.03
C SER I 208 -16.09 -60.42 -21.61
N ALA I 209 -15.64 -61.10 -22.66
CA ALA I 209 -14.45 -60.65 -23.38
C ALA I 209 -14.76 -59.32 -24.03
N TRP I 210 -13.72 -58.53 -24.27
CA TRP I 210 -13.88 -57.23 -24.91
C TRP I 210 -14.32 -57.36 -26.35
N SER I 211 -15.17 -56.43 -26.78
CA SER I 211 -15.65 -56.41 -28.15
C SER I 211 -14.53 -56.10 -29.14
N GLU I 212 -14.83 -56.30 -30.42
CA GLU I 212 -13.89 -55.93 -31.46
C GLU I 212 -13.67 -54.43 -31.42
N PRO I 213 -12.42 -54.00 -31.17
CA PRO I 213 -12.08 -52.59 -30.95
C PRO I 213 -12.36 -51.71 -32.16
N VAL I 214 -12.57 -50.42 -31.92
CA VAL I 214 -12.78 -49.45 -32.98
C VAL I 214 -11.96 -48.19 -32.72
N SER I 215 -11.13 -47.82 -33.68
CA SER I 215 -10.27 -46.63 -33.55
C SER I 215 -10.91 -45.41 -34.19
N LEU I 216 -10.48 -44.23 -33.74
CA LEU I 216 -10.99 -42.97 -34.26
C LEU I 216 -9.96 -41.85 -34.05
N LEU I 217 -9.82 -40.98 -35.05
CA LEU I 217 -8.84 -39.90 -34.98
C LEU I 217 -9.51 -38.55 -34.73
N THR I 218 -9.05 -37.86 -33.70
CA THR I 218 -9.62 -36.57 -33.31
C THR I 218 -9.02 -35.40 -34.08
N PRO I 219 -9.84 -34.38 -34.37
CA PRO I 219 -9.38 -33.18 -35.09
C PRO I 219 -8.92 -32.08 -34.14
N SER I 220 -8.71 -30.88 -34.68
CA SER I 220 -8.24 -29.73 -33.90
C SER I 220 -6.96 -30.03 -33.13
N GLU J 8 28.54 93.32 15.47
CA GLU J 8 29.52 93.22 16.54
C GLU J 8 30.92 92.99 15.98
N VAL J 9 31.16 91.79 15.45
CA VAL J 9 32.45 91.43 14.89
C VAL J 9 32.76 92.25 13.65
N GLN J 10 33.95 92.84 13.62
CA GLN J 10 34.37 93.67 12.51
C GLN J 10 35.74 93.27 11.98
N LEU J 11 35.84 93.10 10.66
CA LEU J 11 37.09 92.74 10.01
C LEU J 11 37.38 93.70 8.86
N LEU J 12 38.47 94.45 8.97
CA LEU J 12 38.81 95.45 7.97
C LEU J 12 40.06 95.07 7.18
N GLU J 13 39.88 94.78 5.90
CA GLU J 13 41.00 94.46 5.03
C GLU J 13 41.64 95.74 4.50
N SER J 14 42.92 95.67 4.19
CA SER J 14 43.64 96.79 3.63
C SER J 14 44.80 96.27 2.81
N GLY J 15 45.44 97.16 2.05
CA GLY J 15 46.56 96.77 1.22
C GLY J 15 46.02 96.21 -0.07
N GLY J 16 46.91 95.97 -1.03
CA GLY J 16 46.47 95.44 -2.30
C GLY J 16 45.91 96.51 -3.21
N GLY J 17 46.11 96.35 -4.51
CA GLY J 17 45.67 97.30 -5.50
C GLY J 17 45.98 96.76 -6.87
N LEU J 18 46.61 97.56 -7.70
CA LEU J 18 46.95 97.13 -9.06
C LEU J 18 48.45 97.00 -9.20
N VAL J 19 48.90 95.82 -9.62
CA VAL J 19 50.31 95.56 -9.84
C VAL J 19 50.50 94.76 -11.11
N GLN J 20 51.75 94.48 -11.45
CA GLN J 20 52.07 93.71 -12.64
C GLN J 20 52.61 92.34 -12.24
N PRO J 21 52.53 91.37 -13.16
CA PRO J 21 53.07 90.03 -12.91
C PRO J 21 54.50 90.06 -12.37
N GLY J 22 54.71 89.45 -11.23
CA GLY J 22 56.01 89.45 -10.58
C GLY J 22 56.05 90.41 -9.42
N GLY J 23 54.99 91.18 -9.25
CA GLY J 23 54.94 92.18 -8.20
C GLY J 23 54.79 91.59 -6.82
N SER J 24 54.54 92.44 -5.84
CA SER J 24 54.37 92.00 -4.46
C SER J 24 53.41 92.91 -3.71
N LEU J 25 52.71 92.33 -2.74
CA LEU J 25 51.76 93.06 -1.91
C LEU J 25 51.74 92.49 -0.50
N ARG J 26 51.20 93.26 0.44
CA ARG J 26 51.05 92.78 1.80
C ARG J 26 49.69 93.17 2.35
N LEU J 27 48.78 92.21 2.41
CA LEU J 27 47.44 92.44 2.89
C LEU J 27 47.39 92.48 4.41
N SER J 28 46.43 93.24 4.95
CA SER J 28 46.27 93.33 6.40
C SER J 28 44.80 93.31 6.81
N CYS J 29 44.51 92.64 7.90
CA CYS J 29 43.15 92.55 8.42
C CYS J 29 43.08 93.11 9.84
N ALA J 30 42.39 94.23 10.01
CA ALA J 30 42.23 94.83 11.33
C ALA J 30 41.01 94.23 12.02
N ALA J 31 41.25 93.33 12.97
CA ALA J 31 40.15 92.62 13.63
C ALA J 31 39.74 93.29 14.94
N SER J 32 38.45 93.31 15.20
CA SER J 32 37.90 93.87 16.42
C SER J 32 36.51 93.32 16.70
N GLY J 33 36.12 93.33 17.98
CA GLY J 33 34.81 92.87 18.38
C GLY J 33 34.83 91.49 18.99
N PHE J 34 36.01 90.87 19.03
CA PHE J 34 36.16 89.54 19.60
C PHE J 34 37.60 89.30 20.02
N THR J 35 37.81 88.27 20.83
CA THR J 35 39.15 87.91 21.25
C THR J 35 39.92 87.27 20.10
N PHE J 36 40.80 88.04 19.49
CA PHE J 36 41.49 87.66 18.27
C PHE J 36 42.36 86.43 18.44
N SER J 37 43.01 86.32 19.59
CA SER J 37 44.00 85.26 19.81
C SER J 37 43.37 83.93 20.16
N SER J 38 42.04 83.90 20.27
CA SER J 38 41.33 82.68 20.63
C SER J 38 40.80 81.97 19.39
N TYR J 39 40.76 82.67 18.27
CA TYR J 39 40.22 82.12 17.04
C TYR J 39 41.25 82.06 15.93
N ALA J 40 41.02 81.17 14.96
CA ALA J 40 41.89 81.08 13.80
C ALA J 40 41.35 81.98 12.71
N MET J 41 42.19 82.31 11.73
CA MET J 41 41.79 83.20 10.65
C MET J 41 42.12 82.57 9.30
N SER J 42 41.39 82.99 8.26
CA SER J 42 41.58 82.44 6.92
C SER J 42 41.53 83.55 5.86
N TRP J 43 42.12 83.27 4.71
CA TRP J 43 42.01 84.14 3.55
C TRP J 43 41.24 83.42 2.46
N VAL J 44 40.14 84.03 2.01
CA VAL J 44 39.33 83.46 0.95
C VAL J 44 39.19 84.47 -0.17
N ARG J 45 39.58 84.08 -1.38
CA ARG J 45 39.53 85.01 -2.51
C ARG J 45 38.39 84.69 -3.47
N GLN J 46 37.89 85.73 -4.14
CA GLN J 46 36.75 85.58 -5.04
C GLN J 46 37.02 86.14 -6.43
N ALA J 47 37.44 85.28 -7.35
CA ALA J 47 37.61 85.67 -8.75
C ALA J 47 36.33 85.44 -9.54
N PRO J 48 36.10 86.24 -10.59
CA PRO J 48 34.91 86.04 -11.41
C PRO J 48 35.01 84.71 -12.16
N GLY J 49 34.01 83.85 -12.02
CA GLY J 49 34.01 82.59 -12.72
C GLY J 49 34.82 81.49 -12.04
N LYS J 50 35.45 81.83 -10.92
CA LYS J 50 36.23 80.85 -10.16
C LYS J 50 35.58 80.63 -8.81
N GLY J 51 34.64 81.51 -8.46
CA GLY J 51 33.94 81.40 -7.18
C GLY J 51 34.90 81.61 -6.04
N LEU J 52 34.55 81.11 -4.86
CA LEU J 52 35.39 81.26 -3.69
C LEU J 52 36.48 80.20 -3.63
N GLU J 53 37.65 80.59 -3.12
CA GLU J 53 38.76 79.66 -2.93
C GLU J 53 39.45 79.88 -1.59
N TRP J 54 39.72 78.78 -0.89
CA TRP J 54 40.41 78.84 0.39
C TRP J 54 41.91 79.02 0.16
N VAL J 55 42.38 80.26 0.25
CA VAL J 55 43.78 80.58 -0.04
C VAL J 55 44.73 80.09 1.04
N SER J 56 44.56 80.62 2.24
CA SER J 56 45.42 80.25 3.35
C SER J 56 44.71 80.40 4.70
N ALA J 57 45.24 79.75 5.73
CA ALA J 57 44.67 79.87 7.07
C ALA J 57 45.73 79.62 8.14
N ILE J 58 45.58 80.29 9.27
CA ILE J 58 46.54 80.21 10.36
C ILE J 58 45.81 80.01 11.68
N SER J 59 46.39 79.21 12.57
CA SER J 59 45.73 78.88 13.83
C SER J 59 45.75 80.06 14.80
N GLY J 60 45.16 79.86 15.98
CA GLY J 60 45.05 80.91 16.97
C GLY J 60 46.40 81.37 17.48
N SER J 61 47.27 80.41 17.81
CA SER J 61 48.58 80.72 18.32
C SER J 61 49.56 81.00 17.19
N GLY J 62 49.17 80.65 15.98
CA GLY J 62 50.00 80.87 14.81
C GLY J 62 50.96 79.72 14.57
N GLY J 63 50.82 78.66 15.37
CA GLY J 63 51.69 77.50 15.26
C GLY J 63 51.43 76.68 14.02
N SER J 64 50.16 76.60 13.63
CA SER J 64 49.77 75.79 12.47
C SER J 64 49.29 76.66 11.32
N THR J 65 49.77 76.36 10.12
CA THR J 65 49.42 77.13 8.93
C THR J 65 49.04 76.23 7.75
N TYR J 66 48.11 76.70 6.93
CA TYR J 66 47.74 75.99 5.71
C TYR J 66 47.82 76.89 4.50
N TYR J 67 48.30 76.33 3.38
CA TYR J 67 48.36 77.05 2.12
C TYR J 67 47.76 76.21 0.99
N ALA J 68 47.08 76.87 0.06
CA ALA J 68 46.58 76.19 -1.12
C ALA J 68 47.76 75.75 -1.97
N ASP J 69 47.56 74.75 -2.81
CA ASP J 69 48.65 74.21 -3.61
C ASP J 69 49.12 75.22 -4.65
N SER J 70 48.27 76.21 -4.95
CA SER J 70 48.57 77.18 -5.99
C SER J 70 49.28 78.41 -5.46
N VAL J 71 49.47 78.49 -4.14
CA VAL J 71 50.14 79.64 -3.55
C VAL J 71 51.30 79.26 -2.64
N LYS J 72 51.64 77.97 -2.60
CA LYS J 72 52.75 77.50 -1.78
C LYS J 72 54.07 78.10 -2.23
N GLY J 73 54.79 78.72 -1.29
CA GLY J 73 56.08 79.30 -1.57
C GLY J 73 56.03 80.74 -2.05
N ARG J 74 54.86 81.16 -2.53
CA ARG J 74 54.70 82.52 -3.01
C ARG J 74 53.98 83.38 -1.98
N PHE J 75 53.05 82.76 -1.24
CA PHE J 75 52.33 83.47 -0.19
C PHE J 75 52.83 83.07 1.18
N THR J 76 52.63 83.96 2.15
CA THR J 76 53.02 83.69 3.53
C THR J 76 52.05 84.35 4.50
N ILE J 77 51.33 83.54 5.27
CA ILE J 77 50.33 84.04 6.20
C ILE J 77 50.90 84.19 7.60
N SER J 78 50.44 85.20 8.32
CA SER J 78 50.94 85.48 9.66
C SER J 78 49.96 86.32 10.48
N ARG J 79 50.21 86.45 11.77
CA ARG J 79 49.33 87.23 12.63
C ARG J 79 50.05 87.84 13.83
N ASP J 80 49.55 88.99 14.28
CA ASP J 80 50.08 89.65 15.46
C ASP J 80 48.96 89.76 16.51
N ASN J 81 48.98 88.86 17.49
CA ASN J 81 47.92 88.81 18.49
C ASN J 81 47.88 90.06 19.37
N SER J 82 49.01 90.74 19.49
CA SER J 82 49.09 91.94 20.30
C SER J 82 48.44 93.13 19.62
N LYS J 83 48.38 93.07 18.29
CA LYS J 83 47.84 94.18 17.51
C LYS J 83 46.51 93.83 16.84
N ASN J 84 46.05 92.60 17.06
CA ASN J 84 44.79 92.12 16.48
C ASN J 84 44.78 92.26 14.96
N THR J 85 45.81 91.73 14.31
CA THR J 85 45.95 91.92 12.87
C THR J 85 46.41 90.64 12.16
N LEU J 86 45.78 90.35 11.03
CA LEU J 86 46.15 89.21 10.20
C LEU J 86 46.86 89.70 8.94
N TYR J 87 47.98 89.08 8.59
CA TYR J 87 48.75 89.50 7.43
C TYR J 87 48.77 88.43 6.34
N LEU J 88 49.00 88.85 5.11
CA LEU J 88 49.18 87.93 3.99
C LEU J 88 50.24 88.49 3.04
N GLN J 89 51.44 87.93 3.13
CA GLN J 89 52.54 88.40 2.30
C GLN J 89 52.47 87.75 0.93
N MET J 90 52.19 88.55 -0.10
CA MET J 90 52.04 88.04 -1.45
C MET J 90 53.23 88.39 -2.35
N ASN J 91 54.01 87.38 -2.73
CA ASN J 91 55.14 87.56 -3.64
C ASN J 91 54.99 86.77 -4.93
N SER J 92 55.72 87.19 -5.96
CA SER J 92 55.70 86.53 -7.26
C SER J 92 54.29 86.40 -7.81
N LEU J 93 53.51 87.47 -7.75
CA LEU J 93 52.11 87.41 -8.17
C LEU J 93 51.95 87.04 -9.63
N ARG J 94 50.90 86.30 -9.93
CA ARG J 94 50.59 85.94 -11.31
C ARG J 94 49.23 86.50 -11.70
N ALA J 95 48.87 86.35 -12.97
CA ALA J 95 47.62 86.93 -13.47
C ALA J 95 46.40 86.27 -12.84
N GLU J 96 46.51 84.98 -12.52
CA GLU J 96 45.37 84.24 -12.00
C GLU J 96 45.14 84.51 -10.50
N ASP J 97 46.02 85.26 -9.87
CA ASP J 97 45.84 85.62 -8.46
C ASP J 97 44.90 86.81 -8.32
N THR J 98 44.43 87.33 -9.44
CA THR J 98 43.53 88.48 -9.46
C THR J 98 42.17 88.12 -8.91
N ALA J 99 41.90 88.60 -7.69
CA ALA J 99 40.61 88.32 -7.04
C ALA J 99 40.39 89.24 -5.85
N VAL J 100 39.19 89.17 -5.29
CA VAL J 100 38.89 89.92 -4.06
C VAL J 100 39.22 89.06 -2.85
N TYR J 101 40.22 89.48 -2.08
CA TYR J 101 40.66 88.70 -0.93
C TYR J 101 39.91 89.08 0.35
N TYR J 102 39.18 88.11 0.89
CA TYR J 102 38.36 88.33 2.08
C TYR J 102 39.05 87.82 3.35
N CYS J 103 38.95 88.61 4.40
CA CYS J 103 39.42 88.20 5.72
C CYS J 103 38.29 87.44 6.42
N VAL J 104 38.51 86.16 6.68
CA VAL J 104 37.45 85.33 7.26
C VAL J 104 37.81 84.74 8.61
N LYS J 105 37.00 85.06 9.62
CA LYS J 105 37.19 84.55 10.97
C LYS J 105 36.59 83.17 11.15
N ASP J 106 37.38 82.25 11.68
CA ASP J 106 36.92 80.88 11.88
C ASP J 106 36.12 80.75 13.17
N ARG J 107 35.39 79.63 13.30
CA ARG J 107 34.56 79.38 14.47
C ARG J 107 35.39 78.94 15.67
N VAL J 108 36.45 78.18 15.41
CA VAL J 108 37.27 77.62 16.47
C VAL J 108 38.73 78.06 16.39
N ALA J 109 39.56 77.50 17.27
CA ALA J 109 40.96 77.91 17.39
C ALA J 109 41.84 77.31 16.29
N VAL J 110 41.29 76.39 15.52
CA VAL J 110 42.04 75.80 14.43
C VAL J 110 41.14 75.57 13.22
N ALA J 111 41.49 76.20 12.10
CA ALA J 111 40.69 76.08 10.88
C ALA J 111 40.86 74.71 10.24
N GLY J 112 39.74 74.11 9.85
CA GLY J 112 39.76 72.80 9.24
C GLY J 112 38.38 72.20 9.13
N LYS J 113 38.33 70.87 9.05
CA LYS J 113 37.06 70.16 8.90
C LYS J 113 36.16 70.38 10.10
N GLY J 114 36.76 70.40 11.29
CA GLY J 114 36.00 70.53 12.52
C GLY J 114 35.41 71.91 12.76
N SER J 115 35.60 72.82 11.81
CA SER J 115 35.07 74.17 11.94
C SER J 115 33.62 74.24 11.50
N TYR J 116 33.26 73.32 10.60
CA TYR J 116 31.91 73.18 10.04
C TYR J 116 31.47 74.34 9.14
N TYR J 117 31.88 75.57 9.48
CA TYR J 117 31.53 76.73 8.67
C TYR J 117 32.43 77.94 8.96
N PHE J 118 32.42 78.90 8.03
CA PHE J 118 33.12 80.16 8.24
C PHE J 118 32.22 81.14 8.97
N ASP J 119 32.74 81.72 10.05
CA ASP J 119 31.91 82.55 10.91
C ASP J 119 31.66 83.97 10.39
N SER J 120 32.71 84.78 10.31
CA SER J 120 32.55 86.17 9.88
C SER J 120 33.44 86.53 8.71
N TRP J 121 32.90 87.29 7.78
CA TRP J 121 33.65 87.74 6.62
C TRP J 121 33.90 89.24 6.71
N GLY J 122 34.82 89.74 5.90
CA GLY J 122 35.10 91.17 5.87
C GLY J 122 34.64 91.77 4.57
N ARG J 123 34.76 93.08 4.44
CA ARG J 123 34.34 93.78 3.23
C ARG J 123 35.18 93.32 2.05
N GLY J 124 36.45 93.03 2.30
CA GLY J 124 37.33 92.49 1.28
C GLY J 124 38.08 93.54 0.50
N THR J 125 39.36 93.28 0.24
CA THR J 125 40.18 94.16 -0.57
C THR J 125 40.49 93.49 -1.91
N THR J 126 40.62 94.29 -2.95
CA THR J 126 40.80 93.77 -4.30
C THR J 126 42.27 93.76 -4.72
N VAL J 127 42.72 92.64 -5.29
CA VAL J 127 44.08 92.54 -5.81
C VAL J 127 44.04 92.37 -7.32
N THR J 128 44.53 93.37 -8.04
CA THR J 128 44.52 93.35 -9.49
C THR J 128 45.92 93.15 -10.07
N VAL J 129 46.06 92.16 -10.94
CA VAL J 129 47.33 91.89 -11.60
C VAL J 129 47.16 91.93 -13.11
N SER J 130 47.71 92.97 -13.74
CA SER J 130 47.62 93.12 -15.18
C SER J 130 48.79 93.94 -15.74
N SER J 131 48.88 94.01 -17.06
CA SER J 131 49.94 94.78 -17.71
C SER J 131 49.47 96.19 -18.04
N GLN K 1 37.06 75.24 -12.86
CA GLN K 1 35.69 75.16 -12.36
C GLN K 1 35.65 74.99 -10.85
N SER K 2 34.48 74.67 -10.32
CA SER K 2 34.32 74.43 -8.89
C SER K 2 33.99 72.96 -8.65
N VAL K 3 34.35 72.47 -7.46
CA VAL K 3 34.07 71.09 -7.11
C VAL K 3 32.58 70.93 -6.89
N LEU K 4 31.97 71.90 -6.21
CA LEU K 4 30.54 71.90 -6.02
C LEU K 4 29.87 72.63 -7.18
N THR K 5 28.72 72.12 -7.62
CA THR K 5 28.04 72.67 -8.79
C THR K 5 26.74 73.38 -8.46
N GLN K 6 26.67 74.66 -8.79
CA GLN K 6 25.45 75.43 -8.64
C GLN K 6 24.99 75.94 -10.00
N PRO K 7 23.68 76.16 -10.16
CA PRO K 7 23.22 76.86 -11.36
C PRO K 7 23.69 78.31 -11.33
N PRO K 8 24.28 78.78 -12.43
CA PRO K 8 24.83 80.14 -12.51
C PRO K 8 23.79 81.22 -12.22
N SER K 9 22.61 81.11 -12.83
CA SER K 9 21.58 82.14 -12.65
C SER K 9 20.20 81.56 -12.42
N VAL K 10 19.44 82.22 -11.55
CA VAL K 10 18.06 81.82 -11.27
C VAL K 10 17.15 83.05 -11.18
N SER K 11 16.10 83.07 -11.99
CA SER K 11 15.15 84.19 -11.98
C SER K 11 13.75 83.73 -11.57
N GLU K 12 13.09 84.53 -10.74
CA GLU K 12 11.74 84.19 -10.27
C GLU K 12 10.96 85.43 -9.86
N ALA K 13 9.65 85.38 -10.01
CA ALA K 13 8.76 86.48 -9.66
C ALA K 13 8.68 86.67 -8.14
N PRO K 14 8.42 87.90 -7.69
CA PRO K 14 8.31 88.19 -6.25
C PRO K 14 7.23 87.36 -5.55
N GLY K 15 7.49 86.97 -4.31
CA GLY K 15 6.51 86.24 -3.53
C GLY K 15 6.52 84.75 -3.77
N GLN K 16 7.23 84.32 -4.82
CA GLN K 16 7.27 82.91 -5.17
C GLN K 16 8.31 82.14 -4.35
N ARG K 17 8.64 80.94 -4.79
CA ARG K 17 9.63 80.10 -4.10
C ARG K 17 10.78 79.74 -5.02
N VAL K 18 12.00 79.85 -4.51
CA VAL K 18 13.20 79.55 -5.29
C VAL K 18 14.02 78.42 -4.66
N THR K 19 14.42 77.47 -5.51
CA THR K 19 15.24 76.36 -5.06
C THR K 19 16.61 76.36 -5.74
N ILE K 20 17.66 76.46 -4.94
CA ILE K 20 19.03 76.47 -5.48
C ILE K 20 19.75 75.17 -5.13
N ALA K 21 20.07 74.39 -6.16
CA ALA K 21 20.72 73.10 -6.00
C ALA K 21 22.23 73.27 -5.85
N CYS K 22 22.87 72.31 -5.19
CA CYS K 22 24.32 72.30 -5.00
C CYS K 22 24.81 70.85 -4.98
N SER K 23 25.12 70.31 -6.16
CA SER K 23 25.51 68.90 -6.27
C SER K 23 27.01 68.69 -6.09
N GLY K 24 27.35 67.64 -5.35
CA GLY K 24 28.74 67.30 -5.11
C GLY K 24 29.01 65.82 -5.23
N SER K 25 29.80 65.29 -4.30
CA SER K 25 30.14 63.87 -4.31
C SER K 25 30.10 63.28 -2.90
N SER K 26 30.60 62.06 -2.78
CA SER K 26 30.61 61.36 -1.50
C SER K 26 31.73 61.87 -0.61
N SER K 27 32.58 62.71 -1.18
CA SER K 27 33.73 63.24 -0.47
C SER K 27 33.42 64.63 0.06
N ASN K 28 32.49 65.32 -0.59
CA ASN K 28 32.13 66.66 -0.15
C ASN K 28 30.87 66.65 0.67
N ILE K 29 29.75 66.81 -0.01
CA ILE K 29 28.45 66.93 0.62
C ILE K 29 27.99 65.62 1.22
N GLY K 30 28.49 64.51 0.67
CA GLY K 30 28.09 63.19 1.11
C GLY K 30 28.22 62.96 2.60
N ASN K 31 29.37 63.30 3.17
CA ASN K 31 29.63 63.03 4.58
C ASN K 31 30.17 64.23 5.35
N ASN K 32 29.89 65.44 4.87
CA ASN K 32 30.34 66.64 5.55
C ASN K 32 29.27 67.72 5.65
N ALA K 33 29.44 68.62 6.62
CA ALA K 33 28.48 69.67 6.90
C ALA K 33 28.46 70.73 5.80
N VAL K 34 27.27 70.98 5.24
CA VAL K 34 27.10 71.99 4.21
C VAL K 34 26.75 73.34 4.83
N SER K 35 27.34 74.40 4.30
CA SER K 35 27.04 75.75 4.75
C SER K 35 26.70 76.65 3.57
N TRP K 36 25.75 77.57 3.77
CA TRP K 36 25.35 78.50 2.73
C TRP K 36 25.67 79.94 3.10
N TYR K 37 26.08 80.73 2.10
CA TYR K 37 26.46 82.12 2.34
C TYR K 37 25.79 83.06 1.35
N GLN K 38 25.27 84.16 1.87
CA GLN K 38 24.65 85.18 1.03
C GLN K 38 25.56 86.36 0.84
N GLN K 39 25.72 86.80 -0.40
CA GLN K 39 26.55 87.97 -0.68
C GLN K 39 25.76 89.04 -1.44
N LEU K 40 25.24 90.01 -0.71
CA LEU K 40 24.56 91.15 -1.31
C LEU K 40 25.56 91.94 -2.14
N PRO K 41 25.12 92.50 -3.28
CA PRO K 41 26.01 93.21 -4.19
C PRO K 41 26.81 94.32 -3.52
N GLY K 42 28.13 94.19 -3.55
CA GLY K 42 29.01 95.18 -2.98
C GLY K 42 29.13 95.12 -1.46
N LYS K 43 28.75 93.99 -0.89
CA LYS K 43 28.85 93.82 0.55
C LYS K 43 29.54 92.51 0.92
N ALA K 44 29.76 92.32 2.22
CA ALA K 44 30.46 91.13 2.72
C ALA K 44 29.54 89.92 2.80
N PRO K 45 30.06 88.75 2.41
CA PRO K 45 29.32 87.49 2.53
C PRO K 45 28.87 87.23 3.95
N THR K 46 27.60 86.89 4.13
CA THR K 46 27.06 86.60 5.45
C THR K 46 26.70 85.12 5.54
N LEU K 47 26.79 84.57 6.75
CA LEU K 47 26.39 83.20 7.01
C LEU K 47 24.87 83.04 6.89
N LEU K 48 24.43 82.21 5.96
CA LEU K 48 23.00 82.09 5.66
C LEU K 48 22.38 80.82 6.23
N ILE K 49 23.05 79.68 6.01
CA ILE K 49 22.60 78.38 6.51
C ILE K 49 23.80 77.54 6.94
N TYR K 50 23.76 76.96 8.14
CA TYR K 50 24.82 76.03 8.53
C TYR K 50 24.27 74.72 9.06
N TYR K 51 25.14 73.72 9.18
CA TYR K 51 24.74 72.39 9.62
C TYR K 51 23.60 71.85 8.77
N ASP K 52 23.80 71.86 7.46
CA ASP K 52 22.84 71.35 6.50
C ASP K 52 21.47 72.03 6.54
N ASN K 53 20.84 72.04 7.72
CA ASN K 53 19.45 72.49 7.83
C ASN K 53 19.21 73.58 8.87
N LEU K 54 20.18 73.81 9.74
CA LEU K 54 19.99 74.77 10.82
C LEU K 54 20.00 76.20 10.31
N LEU K 55 19.40 77.08 11.10
CA LEU K 55 19.31 78.49 10.71
C LEU K 55 20.01 79.37 11.75
N PRO K 56 20.96 80.20 11.29
CA PRO K 56 21.69 81.11 12.18
C PRO K 56 20.79 82.15 12.80
N SER K 57 21.15 82.64 13.98
CA SER K 57 20.34 83.63 14.67
C SER K 57 20.42 84.97 13.96
N GLY K 58 19.28 85.40 13.42
CA GLY K 58 19.21 86.68 12.73
C GLY K 58 18.83 86.52 11.28
N VAL K 59 18.82 85.29 10.80
CA VAL K 59 18.47 85.01 9.41
C VAL K 59 16.97 84.85 9.28
N SER K 60 16.40 85.38 8.19
CA SER K 60 14.96 85.33 7.96
C SER K 60 14.42 83.90 7.95
N ASP K 61 13.15 83.78 8.33
CA ASP K 61 12.49 82.50 8.41
C ASP K 61 12.26 81.94 7.02
N ARG K 62 12.33 82.83 6.03
CA ARG K 62 12.07 82.45 4.64
C ARG K 62 13.18 81.59 4.07
N PHE K 63 14.32 81.58 4.74
CA PHE K 63 15.45 80.76 4.30
C PHE K 63 15.48 79.41 5.01
N SER K 64 15.74 78.37 4.25
CA SER K 64 15.82 77.02 4.81
C SER K 64 16.71 76.13 3.96
N GLY K 65 17.42 75.22 4.61
CA GLY K 65 18.35 74.35 3.92
C GLY K 65 18.04 72.90 4.15
N SER K 66 18.29 72.08 3.13
CA SER K 66 18.05 70.64 3.20
C SER K 66 19.20 69.89 2.55
N LYS K 67 19.21 68.57 2.69
CA LYS K 67 20.29 67.75 2.15
C LYS K 67 19.86 66.31 1.90
N SER K 68 20.10 65.82 0.69
CA SER K 68 19.78 64.45 0.35
C SER K 68 20.90 63.81 -0.46
N GLY K 69 21.67 62.95 0.20
CA GLY K 69 22.75 62.23 -0.46
C GLY K 69 23.94 63.11 -0.78
N THR K 70 24.20 63.30 -2.07
CA THR K 70 25.32 64.14 -2.51
C THR K 70 24.80 65.39 -3.20
N SER K 71 23.82 66.05 -2.58
CA SER K 71 23.26 67.28 -3.13
C SER K 71 22.52 68.05 -2.04
N ALA K 72 22.82 69.33 -1.91
CA ALA K 72 22.16 70.17 -0.91
C ALA K 72 21.33 71.24 -1.60
N SER K 73 20.31 71.74 -0.90
CA SER K 73 19.42 72.72 -1.51
C SER K 73 19.10 73.87 -0.57
N LEU K 74 19.02 75.06 -1.15
CA LEU K 74 18.63 76.24 -0.41
C LEU K 74 17.26 76.70 -0.89
N ALA K 75 16.35 76.96 0.04
CA ALA K 75 15.00 77.33 -0.31
C ALA K 75 14.70 78.77 0.11
N ILE K 76 14.18 79.56 -0.83
CA ILE K 76 13.80 80.94 -0.55
C ILE K 76 12.32 81.13 -0.81
N SER K 77 11.51 80.97 0.23
CA SER K 77 10.07 81.16 0.10
C SER K 77 9.69 82.62 0.32
N GLY K 78 8.59 83.04 -0.29
CA GLY K 78 8.15 84.42 -0.18
C GLY K 78 9.23 85.36 -0.66
N LEU K 79 9.67 85.16 -1.89
CA LEU K 79 10.79 85.89 -2.46
C LEU K 79 10.55 87.39 -2.52
N GLN K 80 11.51 88.16 -2.04
CA GLN K 80 11.42 89.62 -2.08
C GLN K 80 12.58 90.19 -2.89
N SER K 81 12.50 91.47 -3.22
CA SER K 81 13.54 92.11 -4.01
C SER K 81 14.83 92.28 -3.22
N GLU K 82 14.72 92.33 -1.90
CA GLU K 82 15.88 92.49 -1.05
C GLU K 82 16.76 91.24 -1.04
N ASP K 83 16.18 90.11 -1.45
CA ASP K 83 16.90 88.84 -1.45
C ASP K 83 17.76 88.68 -2.70
N GLU K 84 17.67 89.65 -3.59
CA GLU K 84 18.42 89.62 -4.83
C GLU K 84 19.91 89.73 -4.55
N ALA K 85 20.61 88.60 -4.60
CA ALA K 85 22.03 88.57 -4.29
C ALA K 85 22.71 87.35 -4.89
N ASP K 86 23.89 87.02 -4.37
CA ASP K 86 24.61 85.83 -4.82
C ASP K 86 24.73 84.84 -3.68
N TYR K 87 24.44 83.56 -3.94
CA TYR K 87 24.41 82.55 -2.89
C TYR K 87 25.41 81.43 -3.17
N TYR K 88 26.30 81.20 -2.20
CA TYR K 88 27.33 80.18 -2.32
C TYR K 88 27.12 79.03 -1.35
N CYS K 89 27.40 77.80 -1.81
CA CYS K 89 27.36 76.64 -0.94
C CYS K 89 28.79 76.17 -0.67
N ALA K 90 29.04 75.69 0.54
CA ALA K 90 30.38 75.27 0.92
C ALA K 90 30.37 74.02 1.79
N ALA K 91 31.39 73.20 1.64
CA ALA K 91 31.53 71.98 2.44
C ALA K 91 32.97 71.51 2.42
N TRP K 92 33.35 70.75 3.43
CA TRP K 92 34.70 70.21 3.51
C TRP K 92 34.82 69.01 2.59
N ASP K 93 36.00 68.81 2.02
CA ASP K 93 36.27 67.65 1.19
C ASP K 93 37.26 66.73 1.89
N ASP K 94 37.09 65.42 1.73
CA ASP K 94 37.97 64.46 2.39
C ASP K 94 39.00 63.86 1.44
N SER K 95 38.65 63.75 0.16
CA SER K 95 39.59 63.29 -0.86
C SER K 95 40.69 64.32 -0.98
N LEU K 96 40.28 65.56 -1.26
CA LEU K 96 41.14 66.71 -1.17
C LEU K 96 41.13 67.06 0.31
N ASN K 97 42.10 67.83 0.79
CA ASN K 97 42.09 68.14 2.21
C ASN K 97 41.90 69.62 2.47
N ASP K 98 40.84 70.16 1.89
CA ASP K 98 40.51 71.57 2.08
C ASP K 98 39.05 71.86 1.83
N TRP K 99 38.67 73.11 2.04
CA TRP K 99 37.32 73.57 1.77
C TRP K 99 37.08 73.72 0.28
N VAL K 100 35.88 73.33 -0.16
CA VAL K 100 35.48 73.55 -1.53
C VAL K 100 34.20 74.37 -1.54
N PHE K 101 34.01 75.16 -2.59
CA PHE K 101 32.85 76.02 -2.71
C PHE K 101 32.12 75.76 -4.02
N GLY K 102 30.94 76.34 -4.16
CA GLY K 102 30.20 76.25 -5.40
C GLY K 102 30.49 77.45 -6.26
N GLY K 103 30.09 77.41 -7.52
CA GLY K 103 30.32 78.53 -8.41
C GLY K 103 29.55 79.76 -7.98
N GLY K 104 28.44 79.54 -7.28
CA GLY K 104 27.61 80.64 -6.82
C GLY K 104 26.37 80.74 -7.69
N THR K 105 25.29 81.27 -7.11
CA THR K 105 24.04 81.41 -7.84
C THR K 105 23.47 82.82 -7.67
N LYS K 106 23.31 83.54 -8.77
CA LYS K 106 22.79 84.89 -8.72
C LYS K 106 21.29 84.89 -8.89
N VAL K 107 20.58 85.10 -7.79
CA VAL K 107 19.12 85.13 -7.81
C VAL K 107 18.62 86.49 -8.26
N THR K 108 17.88 86.51 -9.36
CA THR K 108 17.34 87.74 -9.91
C THR K 108 15.83 87.79 -9.70
N VAL K 109 15.33 88.91 -9.20
CA VAL K 109 13.90 89.05 -8.95
C VAL K 109 13.24 89.97 -9.97
N LEU K 110 12.22 89.45 -10.65
CA LEU K 110 11.48 90.20 -11.66
C LEU K 110 10.51 91.18 -11.00
N ALA K 111 9.67 91.81 -11.80
CA ALA K 111 8.69 92.76 -11.28
C ALA K 111 7.26 92.32 -11.62
N PHE L 9 21.62 70.55 32.48
CA PHE L 9 21.99 69.40 31.67
C PHE L 9 22.19 68.16 32.55
N GLU L 10 21.72 68.24 33.78
CA GLU L 10 21.89 67.16 34.76
C GLU L 10 21.28 65.85 34.27
N SER L 11 20.18 65.94 33.54
CA SER L 11 19.48 64.76 33.03
C SER L 11 20.38 63.93 32.13
N LYS L 12 21.06 64.59 31.18
CA LYS L 12 21.96 63.88 30.29
C LYS L 12 23.18 63.36 31.04
N ALA L 13 23.61 64.12 32.04
CA ALA L 13 24.76 63.73 32.84
C ALA L 13 24.46 62.46 33.62
N ALA L 14 23.31 62.44 34.29
CA ALA L 14 22.90 61.31 35.09
C ALA L 14 22.66 60.09 34.22
N LEU L 15 22.14 60.32 33.02
CA LEU L 15 21.93 59.25 32.06
C LEU L 15 23.27 58.63 31.67
N LEU L 16 24.27 59.48 31.52
CA LEU L 16 25.60 59.02 31.15
C LEU L 16 26.34 58.49 32.38
N ALA L 17 25.98 58.99 33.56
CA ALA L 17 26.63 58.59 34.80
C ALA L 17 26.20 57.20 35.24
N ALA L 18 25.20 56.66 34.57
CA ALA L 18 24.75 55.30 34.85
C ALA L 18 25.66 54.31 34.15
N ARG L 19 26.06 54.64 32.93
CA ARG L 19 26.93 53.77 32.14
C ARG L 19 28.37 53.80 32.62
N GLY L 20 28.66 54.69 33.56
CA GLY L 20 30.02 54.83 34.08
C GLY L 20 30.02 55.25 35.54
N PRO L 21 30.50 54.35 36.41
CA PRO L 21 30.58 54.60 37.85
C PRO L 21 31.52 55.73 38.24
N GLU L 22 32.82 55.57 37.97
CA GLU L 22 33.81 56.56 38.37
C GLU L 22 34.84 56.82 37.26
N GLU L 23 34.38 57.36 36.15
CA GLU L 23 35.26 57.65 35.01
C GLU L 23 35.00 59.07 34.51
N LEU L 24 35.95 59.61 33.76
CA LEU L 24 35.79 60.96 33.20
C LEU L 24 34.87 60.91 31.99
N LEU L 25 33.66 61.45 32.14
CA LEU L 25 32.66 61.38 31.09
C LEU L 25 32.54 62.68 30.31
N CYS L 26 32.69 62.60 28.99
CA CYS L 26 32.57 63.77 28.14
C CYS L 26 31.50 63.56 27.08
N PHE L 27 30.79 64.63 26.75
CA PHE L 27 29.76 64.56 25.72
C PHE L 27 29.46 65.93 25.13
N THR L 28 29.05 65.96 23.86
CA THR L 28 28.61 67.19 23.21
C THR L 28 27.15 67.07 22.81
N GLU L 29 26.44 68.20 22.80
CA GLU L 29 25.02 68.17 22.48
C GLU L 29 24.75 68.66 21.06
N ARG L 30 25.31 69.81 20.71
CA ARG L 30 25.07 70.39 19.39
C ARG L 30 26.38 70.72 18.68
N LEU L 31 27.43 69.99 19.05
CA LEU L 31 28.75 70.08 18.40
C LEU L 31 29.47 71.42 18.57
N GLU L 32 28.85 72.35 19.28
CA GLU L 32 29.47 73.63 19.55
C GLU L 32 29.64 73.83 21.05
N ASP L 33 29.83 72.71 21.74
CA ASP L 33 29.98 72.70 23.19
C ASP L 33 30.60 71.38 23.63
N LEU L 34 31.16 71.35 24.82
CA LEU L 34 31.69 70.11 25.36
C LEU L 34 31.69 70.15 26.88
N VAL L 35 31.17 69.09 27.49
CA VAL L 35 31.12 69.00 28.94
C VAL L 35 31.78 67.73 29.42
N CYS L 36 32.82 67.88 30.23
CA CYS L 36 33.47 66.73 30.83
C CYS L 36 33.26 66.75 32.34
N PHE L 37 32.83 65.63 32.91
CA PHE L 37 32.55 65.58 34.33
C PHE L 37 32.91 64.25 34.96
N TRP L 38 32.96 64.25 36.29
CA TRP L 38 33.17 63.04 37.07
C TRP L 38 32.61 63.24 38.47
N GLU L 39 32.41 62.14 39.19
CA GLU L 39 31.80 62.21 40.51
C GLU L 39 32.70 61.59 41.58
N GLU L 40 32.74 62.21 42.74
CA GLU L 40 33.53 61.70 43.87
C GLU L 40 32.77 61.75 45.18
N ALA L 41 33.31 61.12 46.21
CA ALA L 41 32.66 61.07 47.52
C ALA L 41 33.53 61.68 48.61
N PRO L 48 36.28 65.50 50.22
CA PRO L 48 36.33 66.47 49.13
C PRO L 48 37.74 66.60 48.53
N GLY L 49 37.87 67.37 47.46
CA GLY L 49 39.16 67.56 46.81
C GLY L 49 39.19 68.81 45.97
N GLN L 50 40.40 69.23 45.59
CA GLN L 50 40.56 70.40 44.73
C GLN L 50 41.23 69.92 43.45
N TYR L 51 40.73 70.33 42.29
CA TYR L 51 41.29 69.82 41.03
C TYR L 51 41.48 70.90 39.96
N SER L 52 42.36 70.62 39.00
CA SER L 52 42.60 71.52 37.88
C SER L 52 42.44 70.79 36.56
N PHE L 53 41.72 71.43 35.63
CA PHE L 53 41.41 70.81 34.34
C PHE L 53 42.22 71.44 33.22
N SER L 54 43.13 70.66 32.63
CA SER L 54 43.96 71.17 31.54
C SER L 54 43.69 70.41 30.25
N TYR L 55 43.74 71.13 29.12
CA TYR L 55 43.50 70.50 27.82
C TYR L 55 44.40 71.05 26.73
N GLN L 56 44.53 70.30 25.65
CA GLN L 56 45.33 70.71 24.50
C GLN L 56 44.63 70.33 23.20
N LEU L 57 44.12 71.34 22.50
CA LEU L 57 43.44 71.12 21.23
C LEU L 57 44.45 70.98 20.09
N GLU L 58 44.55 69.76 19.56
CA GLU L 58 45.47 69.44 18.47
C GLU L 58 46.92 69.78 18.83
N ASP L 59 47.46 70.82 18.19
CA ASP L 59 48.85 71.22 18.42
C ASP L 59 48.96 72.58 19.11
N GLU L 60 47.82 73.20 19.40
CA GLU L 60 47.77 74.46 20.11
C GLU L 60 48.34 74.33 21.53
N PRO L 61 48.74 75.46 22.14
CA PRO L 61 49.26 75.40 23.51
C PRO L 61 48.22 74.94 24.52
N TRP L 62 48.69 74.32 25.60
CA TRP L 62 47.80 73.85 26.66
C TRP L 62 47.04 75.01 27.30
N LYS L 63 45.79 74.76 27.66
CA LYS L 63 44.98 75.75 28.35
C LYS L 63 44.33 75.15 29.59
N LEU L 64 43.69 75.99 30.40
CA LEU L 64 43.00 75.52 31.60
C LEU L 64 41.51 75.80 31.53
N CYS L 65 40.71 74.92 32.10
CA CYS L 65 39.26 75.06 32.09
C CYS L 65 38.73 75.36 33.49
N ARG L 66 37.85 76.35 33.61
CA ARG L 66 37.28 76.70 34.90
C ARG L 66 36.42 75.56 35.42
N LEU L 67 36.82 74.98 36.53
CA LEU L 67 36.18 73.78 37.06
C LEU L 67 35.05 74.13 38.03
N HIS L 68 33.83 73.76 37.67
CA HIS L 68 32.68 73.95 38.55
C HIS L 68 32.43 72.72 39.41
N GLN L 69 31.63 72.86 40.47
CA GLN L 69 31.33 71.76 41.36
C GLN L 69 29.99 71.93 42.07
N ALA L 70 29.27 70.83 42.22
CA ALA L 70 27.96 70.81 42.86
C ALA L 70 27.69 69.41 43.41
N PRO L 71 26.94 69.33 44.52
CA PRO L 71 26.65 68.02 45.14
C PRO L 71 25.54 67.27 44.42
N THR L 72 25.63 65.94 44.40
CA THR L 72 24.59 65.09 43.85
C THR L 72 24.12 64.06 44.87
N ALA L 73 22.87 63.62 44.75
CA ALA L 73 22.31 62.63 45.66
C ALA L 73 23.06 61.31 45.59
N ALA L 76 29.55 62.05 46.18
CA ALA L 76 28.40 62.92 46.35
C ALA L 76 28.60 64.26 45.62
N VAL L 77 29.85 64.66 45.44
CA VAL L 77 30.17 65.90 44.73
C VAL L 77 30.56 65.63 43.28
N ARG L 78 30.12 66.51 42.38
CA ARG L 78 30.39 66.36 40.95
C ARG L 78 31.16 67.56 40.39
N PHE L 79 32.33 67.30 39.82
CA PHE L 79 33.12 68.34 39.17
C PHE L 79 32.95 68.25 37.65
N TRP L 80 32.68 69.39 37.02
CA TRP L 80 32.55 69.39 35.57
C TRP L 80 33.24 70.59 34.93
N CYS L 81 33.81 70.37 33.74
CA CYS L 81 34.42 71.43 32.97
C CYS L 81 33.61 71.69 31.71
N SER L 82 33.10 72.91 31.58
CA SER L 82 32.46 73.32 30.34
C SER L 82 33.49 73.99 29.44
N LEU L 83 33.99 73.23 28.46
CA LEU L 83 35.05 73.70 27.56
C LEU L 83 34.63 74.97 26.83
N PRO L 84 35.55 75.95 26.72
CA PRO L 84 35.28 77.19 25.99
C PRO L 84 34.86 76.93 24.55
N THR L 85 33.85 77.66 24.09
CA THR L 85 33.29 77.44 22.76
C THR L 85 34.33 77.55 21.66
N ALA L 86 35.30 78.43 21.87
CA ALA L 86 36.32 78.69 20.86
C ALA L 86 37.24 77.50 20.59
N ASP L 87 37.26 76.54 21.51
CA ASP L 87 38.13 75.38 21.36
C ASP L 87 37.36 74.09 21.06
N THR L 88 36.08 74.24 20.71
CA THR L 88 35.23 73.08 20.42
C THR L 88 35.38 72.61 18.98
N SER L 89 36.60 72.21 18.62
CA SER L 89 36.87 71.77 17.27
C SER L 89 36.74 70.26 17.14
N SER L 90 36.02 69.81 16.12
CA SER L 90 35.84 68.38 15.91
C SER L 90 36.90 67.84 14.97
N PHE L 91 36.94 66.52 14.85
CA PHE L 91 37.85 65.82 13.94
C PHE L 91 39.32 66.06 14.24
N VAL L 92 39.59 66.57 15.45
CA VAL L 92 40.97 66.78 15.90
C VAL L 92 41.12 66.22 17.31
N PRO L 93 42.30 65.68 17.63
CA PRO L 93 42.54 65.11 18.96
C PRO L 93 42.53 66.17 20.05
N LEU L 94 41.69 65.99 21.06
CA LEU L 94 41.62 66.89 22.21
C LEU L 94 42.10 66.18 23.47
N GLU L 95 43.34 66.44 23.86
CA GLU L 95 43.91 65.78 25.02
C GLU L 95 43.40 66.42 26.31
N LEU L 96 42.87 65.60 27.21
CA LEU L 96 42.33 66.07 28.47
C LEU L 96 43.16 65.58 29.65
N ARG L 97 43.16 66.37 30.73
CA ARG L 97 43.96 66.03 31.90
C ARG L 97 43.38 66.61 33.18
N VAL L 98 42.99 65.75 34.10
CA VAL L 98 42.52 66.19 35.41
C VAL L 98 43.60 65.92 36.44
N THR L 99 44.08 66.98 37.08
CA THR L 99 45.16 66.86 38.06
C THR L 99 44.73 67.44 39.41
N ALA L 100 45.15 66.78 40.48
CA ALA L 100 44.81 67.24 41.83
C ALA L 100 45.67 68.42 42.23
N ALA L 101 45.27 69.09 43.30
CA ALA L 101 46.01 70.26 43.80
C ALA L 101 47.39 69.87 44.28
N SER L 102 47.54 68.62 44.72
CA SER L 102 48.82 68.12 45.23
C SER L 102 49.76 67.77 44.08
N GLY L 103 49.29 67.96 42.85
CA GLY L 103 50.09 67.66 41.68
C GLY L 103 49.90 66.24 41.20
N ALA L 104 49.28 65.41 42.03
CA ALA L 104 49.03 64.03 41.66
C ALA L 104 47.98 63.92 40.56
N PRO L 105 48.28 63.12 39.53
CA PRO L 105 47.37 62.93 38.40
C PRO L 105 46.10 62.18 38.78
N ARG L 106 45.03 62.37 38.02
CA ARG L 106 43.77 61.69 38.27
C ARG L 106 43.17 61.07 37.01
N TYR L 107 42.99 61.87 35.97
CA TYR L 107 42.43 61.39 34.72
C TYR L 107 43.24 61.86 33.52
N HIS L 108 43.09 61.15 32.40
CA HIS L 108 43.81 61.46 31.17
C HIS L 108 43.12 60.80 29.97
N ARG L 109 42.53 61.62 29.10
CA ARG L 109 41.84 61.11 27.92
C ARG L 109 42.19 61.89 26.66
N VAL L 110 42.18 61.21 25.53
CA VAL L 110 42.33 61.88 24.24
C VAL L 110 41.09 61.58 23.40
N ILE L 111 40.13 62.49 23.43
CA ILE L 111 38.85 62.28 22.78
C ILE L 111 38.68 63.14 21.54
N HIS L 112 37.69 62.78 20.72
CA HIS L 112 37.27 63.64 19.62
C HIS L 112 35.83 64.05 19.85
N ILE L 113 35.57 65.35 19.79
CA ILE L 113 34.26 65.89 20.12
C ILE L 113 33.15 65.28 19.29
N ASN L 114 33.46 65.03 18.01
CA ASN L 114 32.47 64.44 17.10
C ASN L 114 32.20 62.98 17.39
N GLU L 115 32.93 62.40 18.34
CA GLU L 115 32.78 60.99 18.67
C GLU L 115 32.15 60.79 20.04
N VAL L 116 31.64 61.87 20.63
CA VAL L 116 30.97 61.78 21.92
C VAL L 116 29.71 62.64 21.93
N VAL L 117 28.81 62.38 20.99
CA VAL L 117 27.59 63.17 20.86
C VAL L 117 26.43 62.53 21.62
N LEU L 118 25.69 63.35 22.36
CA LEU L 118 24.52 62.90 23.08
C LEU L 118 23.31 63.76 22.74
N LEU L 119 22.60 63.39 21.68
CA LEU L 119 21.47 64.18 21.20
C LEU L 119 20.30 64.18 22.16
N ASP L 120 19.34 65.07 21.91
CA ASP L 120 18.11 65.09 22.69
C ASP L 120 17.18 64.01 22.17
N ALA L 121 16.11 63.75 22.91
CA ALA L 121 15.15 62.73 22.51
C ALA L 121 14.31 63.22 21.34
N PRO L 122 14.07 62.34 20.36
CA PRO L 122 13.19 62.65 19.22
C PRO L 122 11.80 63.07 19.69
N VAL L 123 11.07 63.79 18.85
CA VAL L 123 9.76 64.30 19.23
C VAL L 123 8.73 64.08 18.13
N GLY L 124 7.48 64.40 18.42
CA GLY L 124 6.42 64.34 17.44
C GLY L 124 6.10 62.93 16.96
N LEU L 125 6.12 61.99 17.89
CA LEU L 125 5.81 60.59 17.56
C LEU L 125 4.32 60.41 17.30
N VAL L 126 3.98 59.83 16.15
CA VAL L 126 2.59 59.50 15.83
C VAL L 126 2.50 58.13 15.17
N ALA L 127 1.44 57.40 15.51
CA ALA L 127 1.24 56.06 14.97
C ALA L 127 -0.08 55.98 14.21
N ARG L 128 -0.06 55.27 13.09
CA ARG L 128 -1.25 55.14 12.24
C ARG L 128 -1.43 53.71 11.75
N LEU L 129 -2.68 53.31 11.55
CA LEU L 129 -2.98 51.98 11.07
C LEU L 129 -2.73 51.96 9.56
N ALA L 130 -1.82 51.10 9.13
CA ALA L 130 -1.41 51.06 7.73
C ALA L 130 -2.48 50.41 6.85
N ASP L 131 -2.09 50.05 5.64
CA ASP L 131 -3.03 49.47 4.69
C ASP L 131 -3.08 47.96 4.87
N GLU L 132 -1.93 47.30 4.70
CA GLU L 132 -1.84 45.87 4.95
C GLU L 132 -2.18 45.60 6.41
N SER L 133 -3.15 44.72 6.66
CA SER L 133 -3.59 44.42 8.01
C SER L 133 -2.46 43.80 8.83
N GLY L 134 -2.21 44.36 10.00
CA GLY L 134 -1.13 43.90 10.86
C GLY L 134 0.08 44.82 10.78
N HIS L 135 -0.07 45.91 10.04
CA HIS L 135 1.02 46.87 9.86
C HIS L 135 0.67 48.22 10.48
N VAL L 136 1.67 48.85 11.09
CA VAL L 136 1.52 50.19 11.66
C VAL L 136 2.63 51.10 11.16
N VAL L 137 2.27 52.31 10.73
CA VAL L 137 3.23 53.28 10.22
C VAL L 137 3.63 54.32 11.26
N LEU L 138 4.91 54.34 11.61
CA LEU L 138 5.45 55.28 12.58
C LEU L 138 6.11 56.47 11.90
N ARG L 139 5.79 57.67 12.40
CA ARG L 139 6.42 58.90 11.92
C ARG L 139 6.83 59.74 13.12
N TRP L 140 8.04 60.28 13.07
CA TRP L 140 8.53 61.13 14.15
C TRP L 140 9.41 62.23 13.59
N LEU L 141 9.74 63.20 14.45
CA LEU L 141 10.61 64.31 14.05
C LEU L 141 11.95 64.21 14.76
N PRO L 142 13.03 64.59 14.06
CA PRO L 142 14.36 64.63 14.66
C PRO L 142 14.37 65.62 15.81
N PRO L 143 15.32 65.48 16.76
CA PRO L 143 15.40 66.38 17.91
C PRO L 143 15.42 67.84 17.44
N PRO L 144 14.65 68.71 18.12
CA PRO L 144 14.49 70.11 17.72
C PRO L 144 15.82 70.84 17.59
N GLU L 145 16.04 71.48 16.44
CA GLU L 145 17.24 72.26 16.18
C GLU L 145 18.51 71.47 16.42
N THR L 146 18.61 70.33 15.75
CA THR L 146 19.78 69.46 15.86
C THR L 146 20.50 69.45 14.51
N PRO L 147 21.81 69.72 14.53
CA PRO L 147 22.62 69.81 13.32
C PRO L 147 22.65 68.51 12.51
N MET L 148 22.56 68.65 11.19
CA MET L 148 22.73 67.52 10.27
C MET L 148 21.80 66.37 10.60
N THR L 149 20.51 66.59 10.36
CA THR L 149 19.50 65.61 10.66
C THR L 149 19.63 64.35 9.80
N SER L 150 20.25 64.50 8.64
CA SER L 150 20.40 63.40 7.71
C SER L 150 21.55 62.48 8.13
N HIS L 151 22.19 62.81 9.24
CA HIS L 151 23.27 61.97 9.76
C HIS L 151 22.87 61.40 11.11
N ILE L 152 21.57 61.41 11.37
CA ILE L 152 21.02 60.86 12.59
C ILE L 152 20.34 59.54 12.31
N ARG L 153 20.81 58.47 12.96
CA ARG L 153 20.15 57.19 12.84
C ARG L 153 19.31 56.94 14.10
N TYR L 154 18.25 56.16 13.96
CA TYR L 154 17.31 55.97 15.06
C TYR L 154 17.13 54.50 15.44
N GLU L 155 16.40 54.28 16.52
CA GLU L 155 16.04 52.93 16.95
C GLU L 155 14.63 52.96 17.56
N VAL L 156 13.74 52.17 16.97
CA VAL L 156 12.35 52.11 17.42
C VAL L 156 12.07 50.91 18.32
N ASP L 157 11.42 51.16 19.45
CA ASP L 157 11.07 50.11 20.39
C ASP L 157 9.57 49.84 20.39
N VAL L 158 9.19 48.58 20.26
CA VAL L 158 7.79 48.18 20.24
C VAL L 158 7.48 47.35 21.48
N SER L 159 6.70 47.91 22.39
CA SER L 159 6.37 47.20 23.62
C SER L 159 4.89 46.84 23.72
N ALA L 160 4.63 45.62 24.18
CA ALA L 160 3.26 45.12 24.32
C ALA L 160 2.91 45.01 25.80
N GLY L 161 1.62 45.11 26.11
CA GLY L 161 1.16 45.01 27.48
C GLY L 161 1.08 43.57 27.98
N GLN L 162 0.36 43.39 29.08
CA GLN L 162 0.14 42.08 29.69
C GLN L 162 1.44 41.35 30.07
N GLY L 163 2.48 42.11 30.40
CA GLY L 163 3.72 41.52 30.86
C GLY L 163 4.71 41.11 29.78
N ALA L 164 4.35 41.35 28.52
CA ALA L 164 5.20 40.96 27.40
C ALA L 164 6.46 41.82 27.34
N GLY L 165 6.28 43.13 27.47
CA GLY L 165 7.40 44.07 27.42
C GLY L 165 7.86 44.37 26.00
N SER L 166 9.16 44.57 25.83
CA SER L 166 9.73 44.84 24.52
C SER L 166 9.67 43.59 23.65
N VAL L 167 8.98 43.70 22.52
CA VAL L 167 8.81 42.55 21.64
C VAL L 167 9.56 42.73 20.33
N GLN L 168 9.87 43.98 20.00
CA GLN L 168 10.58 44.30 18.77
C GLN L 168 11.46 45.53 18.93
N ARG L 169 12.63 45.49 18.29
CA ARG L 169 13.49 46.65 18.16
C ARG L 169 14.00 46.74 16.73
N VAL L 170 13.55 47.77 16.03
CA VAL L 170 13.93 47.98 14.64
C VAL L 170 15.00 49.08 14.55
N GLU L 171 16.09 48.79 13.84
CA GLU L 171 17.13 49.77 13.63
C GLU L 171 16.84 50.59 12.39
N ILE L 172 16.68 51.90 12.55
CA ILE L 172 16.39 52.79 11.43
C ILE L 172 17.67 53.40 10.86
N LEU L 173 17.83 53.29 9.55
CA LEU L 173 19.01 53.82 8.87
C LEU L 173 19.06 55.33 9.00
N GLU L 174 20.25 55.91 8.84
CA GLU L 174 20.44 57.34 9.03
C GLU L 174 19.62 58.19 8.06
N GLY L 175 18.95 59.20 8.60
CA GLY L 175 18.20 60.14 7.78
C GLY L 175 16.72 59.86 7.67
N ARG L 176 16.34 58.60 7.75
CA ARG L 176 14.94 58.21 7.62
C ARG L 176 14.18 58.42 8.92
N THR L 177 12.97 58.98 8.81
CA THR L 177 12.19 59.31 10.00
C THR L 177 10.85 58.58 10.07
N GLU L 178 10.69 57.57 9.23
CA GLU L 178 9.45 56.77 9.23
C GLU L 178 9.77 55.29 9.25
N CYS L 179 8.92 54.53 9.93
CA CYS L 179 9.11 53.09 10.08
C CYS L 179 7.80 52.34 9.90
N VAL L 180 7.83 51.29 9.09
CA VAL L 180 6.64 50.46 8.87
C VAL L 180 6.77 49.13 9.60
N LEU L 181 6.04 48.98 10.68
CA LEU L 181 6.11 47.79 11.53
C LEU L 181 5.23 46.67 10.99
N SER L 182 5.76 45.45 11.06
CA SER L 182 5.05 44.27 10.57
C SER L 182 4.84 43.25 11.68
N ASN L 183 3.99 42.27 11.40
CA ASN L 183 3.70 41.18 12.32
C ASN L 183 3.25 41.64 13.70
N LEU L 184 2.14 42.34 13.75
CA LEU L 184 1.56 42.77 15.02
C LEU L 184 0.23 42.08 15.29
N ARG L 185 0.08 41.54 16.51
CA ARG L 185 -1.15 40.82 16.86
C ARG L 185 -2.31 41.79 17.02
N GLY L 186 -3.48 41.37 16.56
CA GLY L 186 -4.67 42.19 16.66
C GLY L 186 -5.21 42.20 18.07
N ARG L 187 -6.09 43.16 18.37
CA ARG L 187 -6.68 43.31 19.70
C ARG L 187 -5.59 43.41 20.76
N THR L 188 -4.51 44.09 20.41
CA THR L 188 -3.38 44.27 21.33
C THR L 188 -3.00 45.75 21.37
N ARG L 189 -2.69 46.23 22.57
CA ARG L 189 -2.28 47.63 22.73
C ARG L 189 -0.77 47.78 22.76
N TYR L 190 -0.20 48.12 21.61
CA TYR L 190 1.24 48.32 21.50
C TYR L 190 1.65 49.71 21.96
N THR L 191 2.92 49.85 22.33
CA THR L 191 3.46 51.15 22.74
C THR L 191 4.81 51.37 22.07
N PHE L 192 4.91 52.45 21.30
CA PHE L 192 6.10 52.71 20.50
C PHE L 192 6.95 53.83 21.09
N ALA L 193 8.25 53.78 20.85
CA ALA L 193 9.17 54.81 21.32
C ALA L 193 10.42 54.84 20.45
N VAL L 194 10.98 56.03 20.25
CA VAL L 194 12.15 56.18 19.39
C VAL L 194 13.29 56.91 20.11
N ARG L 195 14.52 56.44 19.93
CA ARG L 195 15.69 57.16 20.41
C ARG L 195 16.68 57.40 19.29
N ALA L 196 17.51 58.44 19.43
CA ALA L 196 18.38 58.88 18.34
C ALA L 196 19.85 58.94 18.72
N ARG L 197 20.71 58.88 17.69
CA ARG L 197 22.15 59.05 17.86
C ARG L 197 22.80 59.39 16.51
N MET L 198 23.96 60.03 16.57
CA MET L 198 24.70 60.40 15.36
C MET L 198 25.29 59.15 14.71
N ALA L 199 25.36 59.13 13.39
CA ALA L 199 25.73 57.91 12.68
C ALA L 199 27.22 57.77 12.37
N GLU L 200 27.64 56.54 12.13
CA GLU L 200 28.99 56.24 11.69
C GLU L 200 29.17 56.71 10.25
N PRO L 201 30.43 56.88 9.79
CA PRO L 201 31.70 56.72 10.51
C PRO L 201 32.32 58.05 10.94
N SER L 202 31.70 59.15 10.51
CA SER L 202 32.22 60.48 10.81
C SER L 202 31.70 61.00 12.15
N PHE L 203 30.95 60.16 12.86
CA PHE L 203 30.42 60.54 14.17
C PHE L 203 30.36 59.35 15.14
N GLY L 204 29.89 59.63 16.35
CA GLY L 204 29.79 58.62 17.39
C GLY L 204 29.37 59.24 18.71
N GLY L 205 28.90 58.42 19.64
CA GLY L 205 28.47 58.93 20.93
C GLY L 205 27.64 57.95 21.72
N PHE L 206 26.49 58.41 22.21
CA PHE L 206 25.62 57.58 23.03
C PHE L 206 24.15 57.72 22.63
N TRP L 207 23.35 56.70 22.96
CA TRP L 207 21.93 56.73 22.65
C TRP L 207 21.22 57.80 23.48
N SER L 208 20.34 58.55 22.83
CA SER L 208 19.56 59.57 23.51
C SER L 208 18.49 58.92 24.36
N ALA L 209 17.85 59.73 25.21
CA ALA L 209 16.75 59.24 26.01
C ALA L 209 15.60 58.86 25.07
N TRP L 210 14.73 57.98 25.54
CA TRP L 210 13.60 57.54 24.75
C TRP L 210 12.60 58.69 24.57
N SER L 211 11.99 58.76 23.40
CA SER L 211 10.99 59.79 23.14
C SER L 211 9.75 59.54 23.99
N GLU L 212 8.89 60.54 24.08
CA GLU L 212 7.62 60.36 24.76
C GLU L 212 6.84 59.32 23.98
N PRO L 213 6.52 58.20 24.62
CA PRO L 213 5.92 57.03 23.96
C PRO L 213 4.53 57.34 23.40
N VAL L 214 4.13 56.57 22.39
CA VAL L 214 2.80 56.70 21.80
C VAL L 214 2.20 55.31 21.62
N SER L 215 1.03 55.08 22.21
CA SER L 215 0.37 53.78 22.14
C SER L 215 -0.67 53.70 21.03
N LEU L 216 -0.97 52.48 20.63
CA LEU L 216 -1.96 52.24 19.58
C LEU L 216 -2.57 50.85 19.72
N LEU L 217 -3.88 50.76 19.54
CA LEU L 217 -4.60 49.50 19.68
C LEU L 217 -5.01 48.95 18.33
N THR L 218 -4.63 47.71 18.05
CA THR L 218 -4.93 47.06 16.79
C THR L 218 -6.32 46.42 16.84
N PRO L 219 -7.02 46.39 15.70
CA PRO L 219 -8.35 45.76 15.73
C PRO L 219 -8.26 44.27 15.41
N SER L 220 -9.41 43.62 15.22
CA SER L 220 -9.43 42.19 14.96
C SER L 220 -9.09 41.88 13.51
N ASP L 221 -8.66 40.64 13.25
CA ASP L 221 -8.32 40.22 11.91
C ASP L 221 -9.54 39.63 11.20
N LEU L 222 -9.79 40.10 9.98
CA LEU L 222 -10.92 39.64 9.20
C LEU L 222 -10.51 38.57 8.19
#